data_2DLO
#
_entry.id   2DLO
#
loop_
_entity.id
_entity.type
_entity.pdbx_description
1 polymer 'Thyroid receptor-interacting protein 6'
2 non-polymer 'ZINC ION'
#
_entity_poly.entity_id   1
_entity_poly.type   'polypeptide(L)'
_entity_poly.pdbx_seq_one_letter_code
;GSSGSSGEGCYVATLEKCATCSQPILDRILRAMGKAYHPGCFTCVVCHRGLDGIPFTVDATSQIHCIEDFHRKFASGPSS
G
;
_entity_poly.pdbx_strand_id   A
#
loop_
_chem_comp.id
_chem_comp.type
_chem_comp.name
_chem_comp.formula
ZN non-polymer 'ZINC ION' 'Zn 2'
#
# COMPACT_ATOMS: atom_id res chain seq x y z
N GLY A 1 7.59 17.60 -23.40
CA GLY A 1 7.36 16.38 -22.66
C GLY A 1 5.96 15.84 -22.84
N SER A 2 5.85 14.64 -23.39
CA SER A 2 4.55 14.02 -23.64
C SER A 2 4.25 12.97 -22.57
N SER A 3 2.98 12.88 -22.18
CA SER A 3 2.56 11.93 -21.16
C SER A 3 1.23 11.28 -21.54
N GLY A 4 1.25 9.96 -21.73
CA GLY A 4 0.04 9.25 -22.10
C GLY A 4 0.24 7.74 -22.06
N SER A 5 -0.66 7.06 -21.33
CA SER A 5 -0.58 5.61 -21.21
C SER A 5 -1.89 5.05 -20.67
N SER A 6 -2.61 4.32 -21.52
CA SER A 6 -3.88 3.72 -21.13
C SER A 6 -3.66 2.48 -20.27
N GLY A 7 -4.73 2.03 -19.61
CA GLY A 7 -4.63 0.85 -18.77
C GLY A 7 -5.58 -0.24 -19.20
N GLU A 8 -5.08 -1.20 -19.96
CA GLU A 8 -5.90 -2.31 -20.44
C GLU A 8 -6.30 -3.21 -19.29
N GLY A 9 -7.34 -2.81 -18.57
CA GLY A 9 -7.81 -3.59 -17.44
C GLY A 9 -9.27 -3.31 -17.10
N CYS A 10 -10.18 -3.96 -17.82
CA CYS A 10 -11.61 -3.77 -17.60
C CYS A 10 -12.26 -5.06 -17.12
N TYR A 11 -12.01 -6.15 -17.83
CA TYR A 11 -12.56 -7.45 -17.48
C TYR A 11 -12.01 -7.94 -16.15
N VAL A 12 -12.74 -8.84 -15.50
CA VAL A 12 -12.31 -9.40 -14.22
C VAL A 12 -12.68 -10.87 -14.11
N ALA A 13 -11.72 -11.68 -13.69
CA ALA A 13 -11.94 -13.12 -13.53
C ALA A 13 -11.59 -13.57 -12.12
N THR A 14 -12.62 -13.70 -11.28
CA THR A 14 -12.43 -14.13 -9.90
C THR A 14 -11.08 -13.66 -9.35
N LEU A 15 -10.77 -12.39 -9.59
CA LEU A 15 -9.50 -11.82 -9.12
C LEU A 15 -9.72 -10.42 -8.57
N GLU A 16 -8.95 -10.07 -7.54
CA GLU A 16 -9.05 -8.76 -6.91
C GLU A 16 -8.12 -7.76 -7.60
N LYS A 17 -8.48 -6.48 -7.53
CA LYS A 17 -7.67 -5.43 -8.14
C LYS A 17 -6.91 -4.65 -7.08
N CYS A 18 -5.59 -4.53 -7.27
CA CYS A 18 -4.75 -3.80 -6.33
C CYS A 18 -5.28 -2.39 -6.10
N ALA A 19 -5.49 -2.05 -4.83
CA ALA A 19 -5.99 -0.73 -4.46
C ALA A 19 -4.85 0.28 -4.37
N THR A 20 -3.74 -0.03 -5.02
CA THR A 20 -2.58 0.86 -5.02
C THR A 20 -2.25 1.35 -6.43
N CYS A 21 -2.04 0.41 -7.34
CA CYS A 21 -1.72 0.75 -8.73
C CYS A 21 -2.93 0.55 -9.63
N SER A 22 -3.99 -0.03 -9.07
CA SER A 22 -5.21 -0.28 -9.82
C SER A 22 -4.97 -1.32 -10.92
N GLN A 23 -4.41 -2.45 -10.53
CA GLN A 23 -4.12 -3.53 -11.48
C GLN A 23 -4.66 -4.86 -10.97
N PRO A 24 -5.09 -5.73 -11.89
CA PRO A 24 -5.64 -7.04 -11.56
C PRO A 24 -4.57 -7.99 -11.03
N ILE A 25 -4.73 -8.42 -9.79
CA ILE A 25 -3.78 -9.34 -9.17
C ILE A 25 -3.89 -10.74 -9.77
N LEU A 26 -2.75 -11.29 -10.16
CA LEU A 26 -2.72 -12.64 -10.75
C LEU A 26 -1.69 -13.51 -10.04
N ASP A 27 -0.53 -12.93 -9.75
CA ASP A 27 0.54 -13.65 -9.08
C ASP A 27 0.14 -14.03 -7.66
N ARG A 28 0.05 -13.04 -6.79
CA ARG A 28 -0.33 -13.27 -5.40
C ARG A 28 -1.20 -12.14 -4.88
N ILE A 29 -2.18 -12.49 -4.05
CA ILE A 29 -3.09 -11.50 -3.48
C ILE A 29 -2.84 -11.31 -1.99
N LEU A 30 -2.47 -10.10 -1.60
CA LEU A 30 -2.19 -9.79 -0.21
C LEU A 30 -3.36 -9.03 0.42
N ARG A 31 -4.05 -9.68 1.36
CA ARG A 31 -5.18 -9.06 2.03
C ARG A 31 -4.72 -8.10 3.12
N ALA A 32 -5.14 -6.85 3.02
CA ALA A 32 -4.77 -5.83 3.99
C ALA A 32 -5.83 -4.74 4.08
N MET A 33 -6.21 -4.38 5.30
CA MET A 33 -7.21 -3.35 5.51
C MET A 33 -8.55 -3.75 4.90
N GLY A 34 -8.77 -5.05 4.78
CA GLY A 34 -10.01 -5.55 4.21
C GLY A 34 -9.96 -5.64 2.70
N LYS A 35 -9.21 -4.73 2.07
CA LYS A 35 -9.08 -4.72 0.62
C LYS A 35 -7.94 -5.63 0.17
N ALA A 36 -7.75 -5.75 -1.13
CA ALA A 36 -6.70 -6.58 -1.69
C ALA A 36 -5.63 -5.74 -2.37
N TYR A 37 -4.37 -6.00 -2.03
CA TYR A 37 -3.25 -5.27 -2.60
C TYR A 37 -2.10 -6.21 -2.97
N HIS A 38 -1.19 -5.72 -3.80
CA HIS A 38 -0.04 -6.51 -4.23
C HIS A 38 0.94 -6.71 -3.09
N PRO A 39 1.67 -7.83 -3.11
CA PRO A 39 2.66 -8.16 -2.08
C PRO A 39 3.88 -7.27 -2.17
N GLY A 40 3.86 -6.29 -3.07
CA GLY A 40 4.97 -5.38 -3.23
C GLY A 40 4.55 -3.93 -3.20
N CYS A 41 3.29 -3.67 -3.57
CA CYS A 41 2.76 -2.31 -3.57
C CYS A 41 2.57 -1.79 -2.16
N PHE A 42 2.03 -2.65 -1.30
CA PHE A 42 1.78 -2.27 0.10
C PHE A 42 3.07 -1.77 0.76
N THR A 43 3.13 -0.46 1.00
CA THR A 43 4.30 0.15 1.62
C THR A 43 3.92 1.42 2.36
N CYS A 44 4.80 1.86 3.26
CA CYS A 44 4.56 3.06 4.03
C CYS A 44 4.53 4.30 3.14
N VAL A 45 4.02 5.40 3.67
CA VAL A 45 3.93 6.64 2.91
C VAL A 45 5.06 7.58 3.28
N VAL A 46 5.60 7.42 4.48
CA VAL A 46 6.70 8.26 4.95
C VAL A 46 8.05 7.65 4.58
N CYS A 47 8.39 6.54 5.26
CA CYS A 47 9.65 5.86 5.01
C CYS A 47 9.59 5.04 3.73
N HIS A 48 8.37 4.66 3.34
CA HIS A 48 8.17 3.86 2.13
C HIS A 48 8.83 2.50 2.26
N ARG A 49 8.48 1.78 3.32
CA ARG A 49 9.04 0.45 3.56
C ARG A 49 7.98 -0.63 3.37
N GLY A 50 8.42 -1.81 2.95
CA GLY A 50 7.50 -2.91 2.73
C GLY A 50 6.87 -3.41 4.02
N LEU A 51 5.56 -3.27 4.13
CA LEU A 51 4.84 -3.71 5.32
C LEU A 51 4.18 -5.07 5.09
N ASP A 52 4.78 -5.88 4.23
CA ASP A 52 4.27 -7.21 3.92
C ASP A 52 4.72 -8.22 4.96
N GLY A 53 4.06 -8.21 6.12
CA GLY A 53 4.42 -9.14 7.18
C GLY A 53 4.75 -8.44 8.48
N ILE A 54 4.27 -7.21 8.63
CA ILE A 54 4.51 -6.42 9.83
C ILE A 54 3.30 -5.58 10.19
N PRO A 55 3.18 -5.24 11.49
CA PRO A 55 2.08 -4.43 12.00
C PRO A 55 2.16 -2.98 11.52
N PHE A 56 0.99 -2.35 11.37
CA PHE A 56 0.92 -0.96 10.91
C PHE A 56 -0.39 -0.31 11.34
N THR A 57 -0.52 0.98 11.07
CA THR A 57 -1.72 1.72 11.43
C THR A 57 -2.02 2.80 10.39
N VAL A 58 -3.31 3.01 10.12
CA VAL A 58 -3.74 4.01 9.16
C VAL A 58 -4.44 5.17 9.85
N ASP A 59 -4.89 6.14 9.06
CA ASP A 59 -5.59 7.30 9.59
C ASP A 59 -6.66 7.79 8.62
N ALA A 60 -7.33 8.89 8.99
CA ALA A 60 -8.37 9.45 8.14
C ALA A 60 -7.85 9.73 6.74
N THR A 61 -6.59 10.17 6.64
CA THR A 61 -5.98 10.47 5.36
C THR A 61 -5.77 9.21 4.54
N SER A 62 -5.91 8.06 5.19
CA SER A 62 -5.73 6.77 4.53
C SER A 62 -4.28 6.59 4.08
N GLN A 63 -3.35 7.07 4.90
CA GLN A 63 -1.93 6.96 4.59
C GLN A 63 -1.24 5.98 5.53
N ILE A 64 -1.33 4.69 5.20
CA ILE A 64 -0.71 3.65 6.01
C ILE A 64 0.65 4.09 6.53
N HIS A 65 0.74 4.29 7.84
CA HIS A 65 1.99 4.72 8.47
C HIS A 65 2.52 3.64 9.41
N CYS A 66 3.70 3.12 9.09
CA CYS A 66 4.33 2.08 9.90
C CYS A 66 4.35 2.49 11.37
N ILE A 67 4.04 1.53 12.25
CA ILE A 67 4.04 1.79 13.69
C ILE A 67 5.12 2.81 14.07
N GLU A 68 6.36 2.49 13.73
CA GLU A 68 7.48 3.38 14.04
C GLU A 68 7.14 4.83 13.68
N ASP A 69 7.02 5.09 12.38
CA ASP A 69 6.69 6.42 11.90
C ASP A 69 5.48 6.99 12.61
N PHE A 70 4.38 6.22 12.60
CA PHE A 70 3.14 6.65 13.25
C PHE A 70 3.42 7.08 14.69
N HIS A 71 4.34 6.40 15.34
CA HIS A 71 4.69 6.71 16.73
C HIS A 71 5.61 7.92 16.79
N ARG A 72 6.26 8.24 15.67
CA ARG A 72 7.17 9.38 15.61
C ARG A 72 6.46 10.61 15.05
N LYS A 73 5.34 10.37 14.35
CA LYS A 73 4.57 11.46 13.77
C LYS A 73 3.40 11.84 14.66
N PHE A 74 2.56 10.86 14.98
CA PHE A 74 1.39 11.10 15.83
C PHE A 74 1.81 11.23 17.29
N ALA A 75 2.77 10.41 17.71
CA ALA A 75 3.26 10.44 19.08
C ALA A 75 4.50 11.31 19.20
N SER A 76 4.38 12.56 18.78
CA SER A 76 5.49 13.50 18.85
C SER A 76 5.25 14.57 19.92
N GLY A 77 4.59 14.17 21.00
CA GLY A 77 4.31 15.09 22.08
C GLY A 77 2.83 15.41 22.20
N PRO A 78 2.52 16.49 22.94
CA PRO A 78 1.13 16.91 23.15
C PRO A 78 0.51 17.48 21.88
N SER A 79 -0.52 16.80 21.37
CA SER A 79 -1.20 17.23 20.16
C SER A 79 -2.72 17.13 20.33
N SER A 80 -3.44 17.88 19.50
CA SER A 80 -4.90 17.87 19.56
C SER A 80 -5.50 18.42 18.26
N GLY A 81 -6.58 17.79 17.81
CA GLY A 81 -7.23 18.22 16.59
C GLY A 81 -8.21 17.19 16.06
ZN ZN B . -0.24 -2.97 -7.17
ZN ZN C . 7.12 4.58 7.73
N GLY A 1 23.38 -18.73 -18.63
CA GLY A 1 23.33 -17.35 -18.21
C GLY A 1 22.18 -17.06 -17.27
N SER A 2 20.99 -16.85 -17.83
CA SER A 2 19.81 -16.56 -17.03
C SER A 2 18.54 -16.83 -17.82
N SER A 3 17.52 -17.35 -17.14
CA SER A 3 16.25 -17.67 -17.78
C SER A 3 15.19 -16.62 -17.43
N GLY A 4 14.47 -16.16 -18.45
CA GLY A 4 13.44 -15.15 -18.24
C GLY A 4 12.36 -15.20 -19.29
N SER A 5 11.30 -15.95 -19.00
CA SER A 5 10.18 -16.08 -19.94
C SER A 5 9.00 -15.20 -19.52
N SER A 6 8.64 -14.25 -20.37
CA SER A 6 7.53 -13.35 -20.08
C SER A 6 6.36 -13.61 -21.02
N GLY A 7 5.22 -13.98 -20.44
CA GLY A 7 4.04 -14.26 -21.23
C GLY A 7 2.93 -13.25 -21.01
N GLU A 8 1.76 -13.52 -21.56
CA GLU A 8 0.62 -12.62 -21.41
C GLU A 8 -0.12 -12.90 -20.12
N GLY A 9 -0.60 -11.84 -19.47
CA GLY A 9 -1.33 -11.99 -18.22
C GLY A 9 -2.43 -10.95 -18.07
N CYS A 10 -3.15 -10.70 -19.16
CA CYS A 10 -4.24 -9.73 -19.14
C CYS A 10 -5.57 -10.39 -19.55
N TYR A 11 -6.53 -10.38 -18.64
CA TYR A 11 -7.83 -10.99 -18.91
C TYR A 11 -8.80 -10.72 -17.76
N VAL A 12 -10.07 -11.03 -17.98
CA VAL A 12 -11.09 -10.83 -16.96
C VAL A 12 -11.50 -12.16 -16.33
N ALA A 13 -11.55 -12.18 -15.00
CA ALA A 13 -11.93 -13.38 -14.27
C ALA A 13 -12.02 -13.11 -12.78
N THR A 14 -12.33 -14.15 -12.01
CA THR A 14 -12.45 -14.03 -10.56
C THR A 14 -11.10 -13.75 -9.92
N LEU A 15 -10.72 -12.48 -9.90
CA LEU A 15 -9.44 -12.08 -9.31
C LEU A 15 -9.52 -10.66 -8.75
N GLU A 16 -8.89 -10.44 -7.60
CA GLU A 16 -8.89 -9.13 -6.97
C GLU A 16 -7.90 -8.19 -7.65
N LYS A 17 -8.30 -6.94 -7.83
CA LYS A 17 -7.46 -5.94 -8.47
C LYS A 17 -6.77 -5.05 -7.43
N CYS A 18 -5.44 -5.00 -7.49
CA CYS A 18 -4.67 -4.19 -6.56
C CYS A 18 -5.27 -2.79 -6.43
N ALA A 19 -5.40 -2.32 -5.19
CA ALA A 19 -5.95 -1.00 -4.92
C ALA A 19 -4.86 0.04 -4.80
N THR A 20 -3.71 -0.23 -5.41
CA THR A 20 -2.58 0.68 -5.36
C THR A 20 -2.13 1.08 -6.77
N CYS A 21 -2.04 0.09 -7.65
CA CYS A 21 -1.64 0.34 -9.04
C CYS A 21 -2.77 0.02 -10.00
N SER A 22 -3.87 -0.50 -9.47
CA SER A 22 -5.03 -0.85 -10.29
C SER A 22 -4.68 -1.94 -11.30
N GLN A 23 -4.12 -3.03 -10.80
CA GLN A 23 -3.74 -4.15 -11.67
C GLN A 23 -4.26 -5.47 -11.11
N PRO A 24 -4.60 -6.40 -12.01
CA PRO A 24 -5.12 -7.72 -11.63
C PRO A 24 -4.06 -8.59 -10.98
N ILE A 25 -4.31 -9.01 -9.74
CA ILE A 25 -3.38 -9.85 -9.01
C ILE A 25 -3.44 -11.29 -9.51
N LEU A 26 -2.27 -11.87 -9.79
CA LEU A 26 -2.19 -13.23 -10.26
C LEU A 26 -1.16 -14.03 -9.46
N ASP A 27 -0.02 -13.41 -9.19
CA ASP A 27 1.04 -14.06 -8.43
C ASP A 27 0.58 -14.37 -7.01
N ARG A 28 0.26 -13.32 -6.26
CA ARG A 28 -0.19 -13.48 -4.87
C ARG A 28 -1.07 -12.31 -4.46
N ILE A 29 -2.13 -12.60 -3.70
CA ILE A 29 -3.05 -11.56 -3.24
C ILE A 29 -2.86 -11.29 -1.76
N LEU A 30 -2.59 -10.04 -1.42
CA LEU A 30 -2.39 -9.65 -0.03
C LEU A 30 -3.57 -8.84 0.49
N ARG A 31 -4.28 -9.39 1.46
CA ARG A 31 -5.44 -8.73 2.04
C ARG A 31 -5.01 -7.70 3.09
N ALA A 32 -5.41 -6.45 2.89
CA ALA A 32 -5.07 -5.38 3.81
C ALA A 32 -6.11 -4.27 3.78
N MET A 33 -6.45 -3.75 4.95
CA MET A 33 -7.44 -2.68 5.05
C MET A 33 -8.77 -3.10 4.45
N GLY A 34 -9.01 -4.41 4.43
CA GLY A 34 -10.26 -4.94 3.88
C GLY A 34 -10.17 -5.17 2.39
N LYS A 35 -9.43 -4.32 1.69
CA LYS A 35 -9.26 -4.44 0.24
C LYS A 35 -8.12 -5.39 -0.09
N ALA A 36 -7.89 -5.60 -1.38
CA ALA A 36 -6.82 -6.48 -1.85
C ALA A 36 -5.71 -5.69 -2.52
N TYR A 37 -4.47 -5.95 -2.10
CA TYR A 37 -3.31 -5.26 -2.67
C TYR A 37 -2.17 -6.24 -2.93
N HIS A 38 -1.21 -5.81 -3.73
CA HIS A 38 -0.06 -6.64 -4.06
C HIS A 38 0.88 -6.78 -2.86
N PRO A 39 1.61 -7.89 -2.81
CA PRO A 39 2.55 -8.17 -1.71
C PRO A 39 3.77 -7.26 -1.76
N GLY A 40 3.77 -6.32 -2.70
CA GLY A 40 4.88 -5.40 -2.83
C GLY A 40 4.44 -3.95 -2.88
N CYS A 41 3.23 -3.73 -3.40
CA CYS A 41 2.68 -2.38 -3.51
C CYS A 41 2.43 -1.79 -2.13
N PHE A 42 1.85 -2.57 -1.24
CA PHE A 42 1.55 -2.13 0.12
C PHE A 42 2.80 -1.57 0.79
N THR A 43 2.94 -0.26 0.80
CA THR A 43 4.09 0.40 1.41
C THR A 43 3.67 1.65 2.17
N CYS A 44 4.50 2.06 3.12
CA CYS A 44 4.21 3.25 3.93
C CYS A 44 4.03 4.47 3.03
N VAL A 45 3.48 5.53 3.60
CA VAL A 45 3.24 6.77 2.86
C VAL A 45 4.37 7.77 3.09
N VAL A 46 5.11 7.58 4.18
CA VAL A 46 6.23 8.46 4.51
C VAL A 46 7.55 7.86 4.05
N CYS A 47 8.02 6.84 4.76
CA CYS A 47 9.27 6.19 4.43
C CYS A 47 9.11 5.29 3.21
N HIS A 48 7.87 4.92 2.92
CA HIS A 48 7.58 4.07 1.77
C HIS A 48 8.25 2.71 1.91
N ARG A 49 8.01 2.04 3.04
CA ARG A 49 8.59 0.74 3.30
C ARG A 49 7.57 -0.37 3.07
N GLY A 50 8.06 -1.51 2.57
CA GLY A 50 7.17 -2.63 2.30
C GLY A 50 6.51 -3.16 3.57
N LEU A 51 5.24 -2.85 3.74
CA LEU A 51 4.49 -3.30 4.92
C LEU A 51 3.82 -4.64 4.65
N ASP A 52 4.56 -5.56 4.05
CA ASP A 52 4.04 -6.89 3.75
C ASP A 52 4.54 -7.92 4.76
N GLY A 53 3.76 -8.15 5.80
CA GLY A 53 4.15 -9.11 6.82
C GLY A 53 4.43 -8.45 8.16
N ILE A 54 4.19 -7.15 8.24
CA ILE A 54 4.42 -6.40 9.46
C ILE A 54 3.21 -5.55 9.83
N PRO A 55 3.11 -5.18 11.12
CA PRO A 55 2.01 -4.35 11.62
C PRO A 55 2.07 -2.92 11.10
N PHE A 56 0.92 -2.26 11.05
CA PHE A 56 0.84 -0.88 10.58
C PHE A 56 -0.44 -0.22 11.06
N THR A 57 -0.49 1.11 10.93
CA THR A 57 -1.65 1.88 11.37
C THR A 57 -1.87 3.09 10.48
N VAL A 58 -3.12 3.31 10.08
CA VAL A 58 -3.46 4.44 9.22
C VAL A 58 -3.95 5.62 10.05
N ASP A 59 -4.26 6.72 9.36
CA ASP A 59 -4.76 7.92 10.03
C ASP A 59 -6.09 8.37 9.44
N ALA A 60 -6.58 9.52 9.90
CA ALA A 60 -7.84 10.06 9.40
C ALA A 60 -7.85 10.13 7.88
N THR A 61 -6.70 10.47 7.30
CA THR A 61 -6.58 10.56 5.86
C THR A 61 -6.17 9.23 5.23
N SER A 62 -6.60 8.14 5.86
CA SER A 62 -6.28 6.81 5.37
C SER A 62 -4.82 6.73 4.93
N GLN A 63 -3.92 7.23 5.78
CA GLN A 63 -2.50 7.23 5.47
C GLN A 63 -1.78 6.13 6.26
N ILE A 64 -1.53 5.01 5.59
CA ILE A 64 -0.85 3.88 6.22
C ILE A 64 0.53 4.28 6.70
N HIS A 65 0.66 4.47 8.01
CA HIS A 65 1.94 4.84 8.61
C HIS A 65 2.52 3.70 9.44
N CYS A 66 3.69 3.22 9.03
CA CYS A 66 4.35 2.12 9.74
C CYS A 66 4.49 2.43 11.22
N ILE A 67 4.24 1.43 12.06
CA ILE A 67 4.34 1.59 13.50
C ILE A 67 5.45 2.58 13.86
N GLU A 68 6.64 2.36 13.31
CA GLU A 68 7.78 3.22 13.58
C GLU A 68 7.41 4.70 13.36
N ASP A 69 7.16 5.05 12.10
CA ASP A 69 6.79 6.42 11.76
C ASP A 69 5.63 6.90 12.62
N PHE A 70 4.46 6.29 12.45
CA PHE A 70 3.28 6.66 13.22
C PHE A 70 3.66 7.05 14.65
N HIS A 71 4.23 6.10 15.38
CA HIS A 71 4.64 6.36 16.77
C HIS A 71 5.49 7.62 16.86
N ARG A 72 6.70 7.55 16.31
CA ARG A 72 7.62 8.69 16.34
C ARG A 72 6.86 10.00 16.13
N LYS A 73 6.04 10.04 15.08
CA LYS A 73 5.27 11.24 14.78
C LYS A 73 4.51 11.73 16.01
N PHE A 74 3.65 10.87 16.55
CA PHE A 74 2.87 11.22 17.74
C PHE A 74 3.64 10.90 19.01
N ALA A 75 4.95 10.74 18.88
CA ALA A 75 5.80 10.42 20.02
C ALA A 75 7.09 11.22 19.98
N SER A 76 7.23 12.17 20.90
CA SER A 76 8.42 13.02 20.96
C SER A 76 9.47 12.41 21.90
N GLY A 77 10.70 12.30 21.41
CA GLY A 77 11.77 11.75 22.21
C GLY A 77 13.13 12.25 21.80
N PRO A 78 14.12 11.33 21.74
CA PRO A 78 15.49 11.67 21.35
C PRO A 78 15.60 12.01 19.87
N SER A 79 16.83 12.27 19.42
CA SER A 79 17.07 12.62 18.03
C SER A 79 18.22 11.80 17.46
N SER A 80 18.28 11.70 16.13
CA SER A 80 19.32 10.95 15.46
C SER A 80 20.69 11.61 15.65
N GLY A 81 20.77 12.88 15.28
CA GLY A 81 22.01 13.61 15.42
C GLY A 81 22.35 14.44 14.18
ZN ZN B . -0.15 -3.27 -7.18
ZN ZN C . 6.91 4.72 7.45
N GLY A 1 -5.91 20.61 -11.89
CA GLY A 1 -7.34 20.59 -11.68
C GLY A 1 -8.09 19.90 -12.81
N SER A 2 -8.63 18.73 -12.51
CA SER A 2 -9.37 17.96 -13.51
C SER A 2 -10.75 17.55 -12.97
N SER A 3 -11.56 16.97 -13.84
CA SER A 3 -12.90 16.54 -13.46
C SER A 3 -12.84 15.44 -12.41
N GLY A 4 -11.99 14.44 -12.65
CA GLY A 4 -11.86 13.34 -11.72
C GLY A 4 -12.75 12.16 -12.07
N SER A 5 -12.68 11.72 -13.31
CA SER A 5 -13.49 10.59 -13.77
C SER A 5 -12.62 9.50 -14.37
N SER A 6 -13.01 8.25 -14.15
CA SER A 6 -12.26 7.11 -14.66
C SER A 6 -13.21 6.06 -15.25
N GLY A 7 -12.69 5.26 -16.18
CA GLY A 7 -13.50 4.23 -16.81
C GLY A 7 -12.80 3.58 -17.98
N GLU A 8 -11.56 3.14 -17.76
CA GLU A 8 -10.78 2.49 -18.81
C GLU A 8 -11.10 1.00 -18.88
N GLY A 9 -10.80 0.28 -17.80
CA GLY A 9 -11.06 -1.14 -17.75
C GLY A 9 -11.75 -1.57 -16.48
N CYS A 10 -13.05 -1.87 -16.60
CA CYS A 10 -13.84 -2.30 -15.44
C CYS A 10 -14.24 -3.76 -15.56
N TYR A 11 -13.27 -4.65 -15.36
CA TYR A 11 -13.51 -6.08 -15.44
C TYR A 11 -12.90 -6.82 -14.26
N VAL A 12 -13.31 -8.07 -14.07
CA VAL A 12 -12.79 -8.89 -12.97
C VAL A 12 -13.16 -10.35 -13.16
N ALA A 13 -12.19 -11.23 -12.94
CA ALA A 13 -12.41 -12.66 -13.08
C ALA A 13 -11.81 -13.43 -11.91
N THR A 14 -12.65 -13.73 -10.92
CA THR A 14 -12.21 -14.45 -9.73
C THR A 14 -10.83 -13.97 -9.27
N LEU A 15 -10.57 -12.68 -9.45
CA LEU A 15 -9.29 -12.10 -9.06
C LEU A 15 -9.48 -10.65 -8.62
N GLU A 16 -8.86 -10.29 -7.50
CA GLU A 16 -8.95 -8.93 -6.98
C GLU A 16 -7.99 -8.01 -7.71
N LYS A 17 -8.35 -6.73 -7.79
CA LYS A 17 -7.51 -5.74 -8.45
C LYS A 17 -6.82 -4.83 -7.45
N CYS A 18 -5.50 -4.82 -7.48
CA CYS A 18 -4.70 -4.00 -6.57
C CYS A 18 -5.28 -2.59 -6.49
N ALA A 19 -5.43 -2.08 -5.26
CA ALA A 19 -5.96 -0.75 -5.05
C ALA A 19 -4.83 0.28 -4.96
N THR A 20 -3.66 -0.08 -5.47
CA THR A 20 -2.50 0.80 -5.43
C THR A 20 -2.06 1.17 -6.85
N CYS A 21 -2.00 0.16 -7.72
CA CYS A 21 -1.58 0.38 -9.10
C CYS A 21 -2.73 0.08 -10.06
N SER A 22 -3.84 -0.42 -9.53
CA SER A 22 -5.00 -0.75 -10.33
C SER A 22 -4.68 -1.86 -11.34
N GLN A 23 -4.14 -2.96 -10.83
CA GLN A 23 -3.78 -4.10 -11.68
C GLN A 23 -4.33 -5.39 -11.11
N PRO A 24 -4.72 -6.32 -12.01
CA PRO A 24 -5.27 -7.63 -11.62
C PRO A 24 -4.22 -8.53 -10.99
N ILE A 25 -4.45 -8.92 -9.74
CA ILE A 25 -3.52 -9.78 -9.02
C ILE A 25 -3.62 -11.22 -9.53
N LEU A 26 -2.48 -11.80 -9.89
CA LEU A 26 -2.43 -13.18 -10.38
C LEU A 26 -1.43 -14.01 -9.59
N ASP A 27 -0.34 -13.38 -9.20
CA ASP A 27 0.70 -14.06 -8.43
C ASP A 27 0.22 -14.35 -7.01
N ARG A 28 0.07 -13.29 -6.21
CA ARG A 28 -0.38 -13.43 -4.84
C ARG A 28 -1.27 -12.26 -4.44
N ILE A 29 -2.30 -12.56 -3.65
CA ILE A 29 -3.23 -11.53 -3.20
C ILE A 29 -3.04 -11.23 -1.72
N LEU A 30 -2.62 -10.00 -1.43
CA LEU A 30 -2.38 -9.58 -0.05
C LEU A 30 -3.54 -8.72 0.46
N ARG A 31 -4.31 -9.27 1.38
CA ARG A 31 -5.45 -8.55 1.94
C ARG A 31 -5.00 -7.58 3.04
N ALA A 32 -5.34 -6.31 2.87
CA ALA A 32 -4.97 -5.29 3.85
C ALA A 32 -5.96 -4.13 3.83
N MET A 33 -6.38 -3.70 5.02
CA MET A 33 -7.33 -2.60 5.14
C MET A 33 -8.67 -2.97 4.52
N GLY A 34 -8.98 -4.26 4.50
CA GLY A 34 -10.23 -4.71 3.93
C GLY A 34 -10.14 -4.95 2.44
N LYS A 35 -9.38 -4.11 1.76
CA LYS A 35 -9.20 -4.23 0.32
C LYS A 35 -8.07 -5.19 -0.03
N ALA A 36 -7.84 -5.41 -1.32
CA ALA A 36 -6.78 -6.30 -1.77
C ALA A 36 -5.67 -5.54 -2.47
N TYR A 37 -4.44 -5.82 -2.08
CA TYR A 37 -3.27 -5.15 -2.66
C TYR A 37 -2.15 -6.15 -2.95
N HIS A 38 -1.19 -5.73 -3.76
CA HIS A 38 -0.06 -6.59 -4.11
C HIS A 38 0.89 -6.74 -2.91
N PRO A 39 1.60 -7.88 -2.87
CA PRO A 39 2.55 -8.17 -1.80
C PRO A 39 3.78 -7.28 -1.85
N GLY A 40 3.78 -6.32 -2.78
CA GLY A 40 4.91 -5.42 -2.92
C GLY A 40 4.48 -3.96 -2.97
N CYS A 41 3.27 -3.72 -3.48
CA CYS A 41 2.75 -2.37 -3.59
C CYS A 41 2.53 -1.76 -2.21
N PHE A 42 2.08 -2.57 -1.27
CA PHE A 42 1.84 -2.12 0.10
C PHE A 42 3.11 -1.59 0.73
N THR A 43 3.16 -0.27 0.94
CA THR A 43 4.33 0.37 1.54
C THR A 43 3.94 1.60 2.32
N CYS A 44 4.85 2.09 3.16
CA CYS A 44 4.60 3.27 3.98
C CYS A 44 4.43 4.50 3.10
N VAL A 45 3.90 5.57 3.69
CA VAL A 45 3.68 6.82 2.97
C VAL A 45 4.81 7.80 3.23
N VAL A 46 5.52 7.62 4.34
CA VAL A 46 6.63 8.49 4.71
C VAL A 46 7.95 7.93 4.23
N CYS A 47 8.42 6.88 4.89
CA CYS A 47 9.68 6.25 4.52
C CYS A 47 9.51 5.37 3.28
N HIS A 48 8.27 4.97 3.00
CA HIS A 48 7.99 4.14 1.85
C HIS A 48 8.64 2.77 1.98
N ARG A 49 8.52 2.17 3.14
CA ARG A 49 9.12 0.86 3.40
C ARG A 49 8.10 -0.25 3.15
N GLY A 50 8.59 -1.41 2.75
CA GLY A 50 7.72 -2.54 2.48
C GLY A 50 6.96 -2.99 3.71
N LEU A 51 5.65 -2.79 3.70
CA LEU A 51 4.80 -3.18 4.82
C LEU A 51 4.02 -4.46 4.52
N ASP A 52 4.67 -5.36 3.77
CA ASP A 52 4.04 -6.62 3.41
C ASP A 52 4.40 -7.71 4.41
N GLY A 53 3.82 -7.64 5.61
CA GLY A 53 4.09 -8.62 6.63
C GLY A 53 4.48 -7.99 7.95
N ILE A 54 4.07 -6.74 8.15
CA ILE A 54 4.39 -6.02 9.38
C ILE A 54 3.18 -5.25 9.89
N PRO A 55 3.22 -4.87 11.18
CA PRO A 55 2.14 -4.11 11.82
C PRO A 55 2.04 -2.68 11.29
N PHE A 56 0.82 -2.17 11.18
CA PHE A 56 0.59 -0.82 10.69
C PHE A 56 -0.76 -0.28 11.18
N THR A 57 -1.03 0.98 10.87
CA THR A 57 -2.28 1.60 11.27
C THR A 57 -2.49 2.93 10.54
N VAL A 58 -3.75 3.25 10.24
CA VAL A 58 -4.07 4.49 9.55
C VAL A 58 -4.69 5.50 10.50
N ASP A 59 -5.04 6.67 9.98
CA ASP A 59 -5.63 7.73 10.78
C ASP A 59 -6.93 8.22 10.14
N ALA A 60 -6.79 9.01 9.07
CA ALA A 60 -7.95 9.54 8.38
C ALA A 60 -7.80 9.40 6.86
N THR A 61 -6.65 9.83 6.34
CA THR A 61 -6.38 9.74 4.91
C THR A 61 -5.83 8.38 4.54
N SER A 62 -6.28 7.35 5.24
CA SER A 62 -5.82 5.99 4.99
C SER A 62 -4.34 5.97 4.61
N GLN A 63 -3.57 6.85 5.25
CA GLN A 63 -2.13 6.95 4.98
C GLN A 63 -1.36 5.93 5.83
N ILE A 64 -1.55 4.66 5.53
CA ILE A 64 -0.87 3.59 6.26
C ILE A 64 0.53 4.03 6.68
N HIS A 65 0.68 4.37 7.96
CA HIS A 65 1.97 4.80 8.49
C HIS A 65 2.61 3.70 9.32
N CYS A 66 3.77 3.22 8.88
CA CYS A 66 4.48 2.16 9.58
C CYS A 66 4.65 2.51 11.07
N ILE A 67 4.33 1.56 11.93
CA ILE A 67 4.44 1.77 13.36
C ILE A 67 5.63 2.67 13.70
N GLU A 68 6.82 2.20 13.34
CA GLU A 68 8.04 2.97 13.59
C GLU A 68 7.81 4.46 13.38
N ASP A 69 7.27 4.80 12.21
CA ASP A 69 6.99 6.19 11.87
C ASP A 69 5.82 6.73 12.69
N PHE A 70 4.64 6.19 12.45
CA PHE A 70 3.45 6.60 13.17
C PHE A 70 3.75 6.85 14.64
N HIS A 71 4.18 5.80 15.34
CA HIS A 71 4.50 5.90 16.75
C HIS A 71 5.33 7.16 17.03
N ARG A 72 6.26 7.46 16.13
CA ARG A 72 7.11 8.62 16.28
C ARG A 72 6.34 9.91 16.04
N LYS A 73 5.38 9.84 15.11
CA LYS A 73 4.56 11.01 14.77
C LYS A 73 3.59 11.33 15.90
N PHE A 74 2.78 10.35 16.28
CA PHE A 74 1.80 10.52 17.34
C PHE A 74 2.45 10.34 18.71
N ALA A 75 3.35 9.36 18.81
CA ALA A 75 4.04 9.08 20.05
C ALA A 75 5.51 9.49 19.97
N SER A 76 5.74 10.80 19.88
CA SER A 76 7.09 11.33 19.79
C SER A 76 7.75 11.38 21.17
N GLY A 77 7.01 11.88 22.15
CA GLY A 77 7.52 11.98 23.50
C GLY A 77 7.01 10.88 24.40
N PRO A 78 7.68 10.67 25.54
CA PRO A 78 7.31 9.65 26.52
C PRO A 78 6.01 9.98 27.24
N SER A 79 5.02 9.10 27.12
CA SER A 79 3.73 9.31 27.77
C SER A 79 2.83 8.08 27.58
N SER A 80 2.15 7.70 28.65
CA SER A 80 1.25 6.55 28.61
C SER A 80 2.03 5.27 28.27
N GLY A 81 3.19 5.11 28.90
CA GLY A 81 4.01 3.93 28.64
C GLY A 81 5.49 4.23 28.76
ZN ZN B . -0.16 -3.24 -7.21
ZN ZN C . 7.37 4.74 7.50
N GLY A 1 18.28 8.32 -21.73
CA GLY A 1 16.85 8.53 -21.86
C GLY A 1 16.04 7.38 -21.30
N SER A 2 14.76 7.62 -21.07
CA SER A 2 13.87 6.60 -20.54
C SER A 2 12.73 6.31 -21.50
N SER A 3 12.03 5.20 -21.25
CA SER A 3 10.91 4.80 -22.11
C SER A 3 9.84 4.09 -21.28
N GLY A 4 8.59 4.51 -21.48
CA GLY A 4 7.48 3.91 -20.75
C GLY A 4 6.14 4.24 -21.37
N SER A 5 5.09 3.59 -20.88
CA SER A 5 3.74 3.82 -21.37
C SER A 5 2.70 3.16 -20.47
N SER A 6 1.43 3.39 -20.78
CA SER A 6 0.33 2.82 -20.00
C SER A 6 0.04 1.39 -20.43
N GLY A 7 -0.49 0.60 -19.51
CA GLY A 7 -0.80 -0.78 -19.81
C GLY A 7 -2.29 -1.08 -19.70
N GLU A 8 -2.97 -1.11 -20.84
CA GLU A 8 -4.40 -1.38 -20.87
C GLU A 8 -4.68 -2.83 -21.25
N GLY A 9 -5.67 -3.43 -20.61
CA GLY A 9 -6.02 -4.81 -20.89
C GLY A 9 -7.49 -5.09 -20.66
N CYS A 10 -8.17 -5.57 -21.69
CA CYS A 10 -9.59 -5.89 -21.60
C CYS A 10 -9.81 -7.32 -21.11
N TYR A 11 -9.56 -7.54 -19.83
CA TYR A 11 -9.72 -8.87 -19.24
C TYR A 11 -10.36 -8.77 -17.86
N VAL A 12 -11.48 -9.46 -17.69
CA VAL A 12 -12.20 -9.47 -16.42
C VAL A 12 -12.51 -10.88 -15.96
N ALA A 13 -12.09 -11.22 -14.74
CA ALA A 13 -12.33 -12.54 -14.19
C ALA A 13 -12.33 -12.51 -12.67
N THR A 14 -12.50 -13.68 -12.05
CA THR A 14 -12.53 -13.78 -10.60
C THR A 14 -11.15 -13.51 -10.01
N LEU A 15 -10.81 -12.22 -9.89
CA LEU A 15 -9.52 -11.83 -9.34
C LEU A 15 -9.59 -10.43 -8.73
N GLU A 16 -8.94 -10.25 -7.58
CA GLU A 16 -8.94 -8.97 -6.90
C GLU A 16 -7.92 -8.02 -7.54
N LYS A 17 -8.34 -6.78 -7.75
CA LYS A 17 -7.48 -5.77 -8.35
C LYS A 17 -6.78 -4.94 -7.28
N CYS A 18 -5.48 -4.74 -7.43
CA CYS A 18 -4.70 -3.97 -6.48
C CYS A 18 -5.29 -2.56 -6.32
N ALA A 19 -5.46 -2.14 -5.07
CA ALA A 19 -6.01 -0.82 -4.78
C ALA A 19 -4.90 0.22 -4.64
N THR A 20 -3.71 -0.11 -5.16
CA THR A 20 -2.57 0.79 -5.10
C THR A 20 -2.13 1.23 -6.49
N CYS A 21 -2.04 0.27 -7.41
CA CYS A 21 -1.63 0.55 -8.78
C CYS A 21 -2.78 0.30 -9.75
N SER A 22 -3.87 -0.25 -9.23
CA SER A 22 -5.04 -0.55 -10.06
C SER A 22 -4.71 -1.61 -11.11
N GLN A 23 -4.16 -2.73 -10.66
CA GLN A 23 -3.80 -3.82 -11.56
C GLN A 23 -4.32 -5.15 -11.05
N PRO A 24 -4.68 -6.05 -11.98
CA PRO A 24 -5.21 -7.37 -11.64
C PRO A 24 -4.13 -8.29 -11.04
N ILE A 25 -4.37 -8.74 -9.81
CA ILE A 25 -3.43 -9.62 -9.13
C ILE A 25 -3.52 -11.04 -9.67
N LEU A 26 -2.36 -11.61 -10.00
CA LEU A 26 -2.31 -12.97 -10.52
C LEU A 26 -1.31 -13.82 -9.75
N ASP A 27 -0.15 -13.23 -9.45
CA ASP A 27 0.89 -13.93 -8.71
C ASP A 27 0.41 -14.28 -7.30
N ARG A 28 0.24 -13.26 -6.47
CA ARG A 28 -0.22 -13.47 -5.10
C ARG A 28 -1.12 -12.33 -4.65
N ILE A 29 -2.15 -12.66 -3.87
CA ILE A 29 -3.09 -11.67 -3.38
C ILE A 29 -2.90 -11.42 -1.89
N LEU A 30 -2.46 -10.22 -1.55
CA LEU A 30 -2.23 -9.85 -0.16
C LEU A 30 -3.40 -9.01 0.39
N ARG A 31 -4.11 -9.57 1.36
CA ARG A 31 -5.24 -8.88 1.97
C ARG A 31 -4.77 -7.88 3.01
N ALA A 32 -5.15 -6.61 2.84
CA ALA A 32 -4.77 -5.57 3.77
C ALA A 32 -5.80 -4.44 3.77
N MET A 33 -6.18 -3.99 4.97
CA MET A 33 -7.15 -2.92 5.10
C MET A 33 -8.50 -3.32 4.51
N GLY A 34 -8.78 -4.62 4.51
CA GLY A 34 -10.03 -5.12 3.98
C GLY A 34 -9.96 -5.35 2.48
N LYS A 35 -9.26 -4.46 1.78
CA LYS A 35 -9.13 -4.57 0.33
C LYS A 35 -7.96 -5.49 -0.04
N ALA A 36 -7.77 -5.71 -1.34
CA ALA A 36 -6.70 -6.56 -1.82
C ALA A 36 -5.58 -5.73 -2.45
N TYR A 37 -4.35 -6.01 -2.06
CA TYR A 37 -3.20 -5.29 -2.58
C TYR A 37 -2.06 -6.24 -2.91
N HIS A 38 -1.15 -5.81 -3.76
CA HIS A 38 0.00 -6.62 -4.16
C HIS A 38 0.96 -6.80 -2.99
N PRO A 39 1.69 -7.93 -3.00
CA PRO A 39 2.65 -8.25 -1.94
C PRO A 39 3.89 -7.35 -1.99
N GLY A 40 3.87 -6.37 -2.89
CA GLY A 40 4.98 -5.46 -3.02
C GLY A 40 4.55 -4.00 -3.03
N CYS A 41 3.29 -3.78 -3.38
CA CYS A 41 2.75 -2.43 -3.44
C CYS A 41 2.53 -1.87 -2.03
N PHE A 42 1.92 -2.69 -1.16
CA PHE A 42 1.65 -2.27 0.20
C PHE A 42 2.93 -1.74 0.87
N THR A 43 3.03 -0.42 0.94
CA THR A 43 4.20 0.23 1.54
C THR A 43 3.80 1.52 2.24
N CYS A 44 4.55 1.87 3.29
CA CYS A 44 4.27 3.08 4.05
C CYS A 44 4.11 4.28 3.12
N VAL A 45 3.53 5.36 3.65
CA VAL A 45 3.31 6.57 2.88
C VAL A 45 4.42 7.59 3.10
N VAL A 46 5.16 7.41 4.20
CA VAL A 46 6.26 8.31 4.54
C VAL A 46 7.59 7.73 4.09
N CYS A 47 8.06 6.70 4.80
CA CYS A 47 9.31 6.05 4.48
C CYS A 47 9.17 5.15 3.26
N HIS A 48 7.94 4.74 2.97
CA HIS A 48 7.67 3.87 1.83
C HIS A 48 8.35 2.51 2.01
N ARG A 49 8.10 1.87 3.14
CA ARG A 49 8.69 0.57 3.43
C ARG A 49 7.66 -0.54 3.25
N GLY A 50 8.14 -1.73 2.86
CA GLY A 50 7.25 -2.85 2.65
C GLY A 50 6.62 -3.34 3.94
N LEU A 51 5.31 -3.16 4.06
CA LEU A 51 4.59 -3.59 5.26
C LEU A 51 3.94 -4.96 5.04
N ASP A 52 4.65 -5.84 4.34
CA ASP A 52 4.14 -7.17 4.07
C ASP A 52 4.64 -8.17 5.12
N GLY A 53 3.99 -8.17 6.28
CA GLY A 53 4.38 -9.06 7.35
C GLY A 53 4.73 -8.32 8.63
N ILE A 54 4.27 -7.08 8.74
CA ILE A 54 4.54 -6.28 9.92
C ILE A 54 3.32 -5.45 10.31
N PRO A 55 3.26 -5.03 11.59
CA PRO A 55 2.15 -4.24 12.12
C PRO A 55 2.14 -2.82 11.55
N PHE A 56 0.95 -2.27 11.37
CA PHE A 56 0.79 -0.92 10.83
C PHE A 56 -0.52 -0.30 11.29
N THR A 57 -0.69 1.00 11.01
CA THR A 57 -1.90 1.70 11.39
C THR A 57 -2.21 2.83 10.41
N VAL A 58 -3.49 3.01 10.12
CA VAL A 58 -3.93 4.06 9.20
C VAL A 58 -4.43 5.28 9.94
N ASP A 59 -4.57 6.39 9.23
CA ASP A 59 -5.06 7.63 9.83
C ASP A 59 -6.36 8.07 9.17
N ALA A 60 -6.86 9.24 9.59
CA ALA A 60 -8.10 9.78 9.04
C ALA A 60 -8.07 9.78 7.52
N THR A 61 -6.93 10.12 6.96
CA THR A 61 -6.77 10.16 5.50
C THR A 61 -6.36 8.81 4.96
N SER A 62 -6.71 7.75 5.68
CA SER A 62 -6.38 6.38 5.27
C SER A 62 -4.93 6.29 4.82
N GLN A 63 -4.04 6.92 5.59
CA GLN A 63 -2.62 6.90 5.27
C GLN A 63 -1.89 5.86 6.11
N ILE A 64 -1.66 4.69 5.53
CA ILE A 64 -0.97 3.61 6.22
C ILE A 64 0.43 4.05 6.67
N HIS A 65 0.59 4.25 7.97
CA HIS A 65 1.88 4.67 8.51
C HIS A 65 2.46 3.59 9.42
N CYS A 66 3.64 3.09 9.05
CA CYS A 66 4.31 2.05 9.83
C CYS A 66 4.44 2.46 11.30
N ILE A 67 4.19 1.52 12.19
CA ILE A 67 4.28 1.77 13.62
C ILE A 67 5.38 2.78 13.93
N GLU A 68 6.59 2.47 13.49
CA GLU A 68 7.73 3.36 13.73
C GLU A 68 7.36 4.81 13.44
N ASP A 69 7.03 5.09 12.19
CA ASP A 69 6.65 6.44 11.78
C ASP A 69 5.47 6.95 12.61
N PHE A 70 4.39 6.16 12.62
CA PHE A 70 3.19 6.53 13.37
C PHE A 70 3.55 7.10 14.74
N HIS A 71 4.48 6.43 15.42
CA HIS A 71 4.92 6.86 16.74
C HIS A 71 5.71 8.17 16.65
N ARG A 72 6.85 8.12 15.99
CA ARG A 72 7.70 9.30 15.84
C ARG A 72 6.87 10.51 15.45
N LYS A 73 6.15 10.41 14.33
CA LYS A 73 5.31 11.50 13.85
C LYS A 73 4.44 12.05 14.97
N PHE A 74 3.67 11.17 15.61
CA PHE A 74 2.80 11.57 16.69
C PHE A 74 3.56 11.64 18.02
N ALA A 75 4.88 11.71 17.93
CA ALA A 75 5.73 11.77 19.11
C ALA A 75 6.60 13.02 19.09
N SER A 76 6.02 14.14 18.68
CA SER A 76 6.75 15.40 18.61
C SER A 76 6.37 16.32 19.77
N GLY A 77 7.29 17.20 20.14
CA GLY A 77 7.02 18.12 21.24
C GLY A 77 7.93 19.34 21.20
N PRO A 78 7.43 20.46 21.74
CA PRO A 78 8.19 21.72 21.78
C PRO A 78 9.37 21.65 22.74
N SER A 79 10.03 22.79 22.93
CA SER A 79 11.18 22.86 23.84
C SER A 79 10.82 23.62 25.12
N SER A 80 10.25 24.81 24.95
CA SER A 80 9.87 25.63 26.09
C SER A 80 8.60 25.09 26.75
N GLY A 81 8.73 24.67 28.00
CA GLY A 81 7.60 24.14 28.72
C GLY A 81 6.88 25.19 29.55
ZN ZN B . -0.16 -3.15 -7.08
ZN ZN C . 6.93 4.61 7.58
N GLY A 1 18.78 2.81 -29.75
CA GLY A 1 19.78 2.07 -29.00
C GLY A 1 19.26 0.72 -28.53
N SER A 2 18.08 0.71 -27.93
CA SER A 2 17.48 -0.52 -27.43
C SER A 2 16.25 -0.90 -28.25
N SER A 3 15.68 -2.07 -27.96
CA SER A 3 14.51 -2.54 -28.67
C SER A 3 13.54 -3.23 -27.71
N GLY A 4 12.27 -2.84 -27.79
CA GLY A 4 11.26 -3.43 -26.92
C GLY A 4 10.17 -4.15 -27.70
N SER A 5 9.18 -4.66 -26.99
CA SER A 5 8.08 -5.38 -27.62
C SER A 5 6.96 -5.65 -26.62
N SER A 6 5.73 -5.76 -27.13
CA SER A 6 4.57 -6.00 -26.28
C SER A 6 3.67 -7.06 -26.91
N GLY A 7 2.80 -7.66 -26.08
CA GLY A 7 1.89 -8.67 -26.57
C GLY A 7 1.40 -9.58 -25.46
N GLU A 8 0.59 -9.04 -24.56
CA GLU A 8 0.05 -9.81 -23.44
C GLU A 8 -1.46 -10.00 -23.59
N GLY A 9 -2.03 -10.86 -22.74
CA GLY A 9 -3.45 -11.11 -22.79
C GLY A 9 -4.13 -10.87 -21.46
N CYS A 10 -4.54 -9.63 -21.22
CA CYS A 10 -5.21 -9.26 -19.98
C CYS A 10 -6.64 -9.75 -19.98
N TYR A 11 -6.98 -10.59 -19.00
CA TYR A 11 -8.33 -11.13 -18.90
C TYR A 11 -9.01 -10.62 -17.63
N VAL A 12 -10.34 -10.52 -17.69
CA VAL A 12 -11.12 -10.05 -16.55
C VAL A 12 -11.76 -11.21 -15.80
N ALA A 13 -11.59 -11.23 -14.49
CA ALA A 13 -12.15 -12.29 -13.66
C ALA A 13 -12.34 -11.81 -12.22
N THR A 14 -12.97 -12.65 -11.40
CA THR A 14 -13.21 -12.32 -10.00
C THR A 14 -11.93 -11.88 -9.31
N LEU A 15 -10.80 -12.16 -9.94
CA LEU A 15 -9.49 -11.79 -9.38
C LEU A 15 -9.53 -10.37 -8.82
N GLU A 16 -8.92 -10.19 -7.65
CA GLU A 16 -8.88 -8.87 -7.02
C GLU A 16 -7.87 -7.96 -7.71
N LYS A 17 -8.24 -6.69 -7.86
CA LYS A 17 -7.38 -5.71 -8.51
C LYS A 17 -6.67 -4.84 -7.47
N CYS A 18 -5.34 -4.86 -7.49
CA CYS A 18 -4.54 -4.08 -6.56
C CYS A 18 -5.10 -2.66 -6.43
N ALA A 19 -5.26 -2.21 -5.19
CA ALA A 19 -5.77 -0.87 -4.93
C ALA A 19 -4.64 0.14 -4.79
N THR A 20 -3.48 -0.20 -5.33
CA THR A 20 -2.32 0.68 -5.25
C THR A 20 -1.86 1.09 -6.65
N CYS A 21 -1.77 0.12 -7.55
CA CYS A 21 -1.35 0.37 -8.92
C CYS A 21 -2.50 0.15 -9.90
N SER A 22 -3.60 -0.41 -9.40
CA SER A 22 -4.77 -0.68 -10.23
C SER A 22 -4.46 -1.76 -11.27
N GLN A 23 -3.92 -2.89 -10.79
CA GLN A 23 -3.58 -4.00 -11.67
C GLN A 23 -4.17 -5.31 -11.15
N PRO A 24 -4.56 -6.20 -12.07
CA PRO A 24 -5.14 -7.50 -11.73
C PRO A 24 -4.11 -8.44 -11.11
N ILE A 25 -4.35 -8.86 -9.87
CA ILE A 25 -3.45 -9.77 -9.18
C ILE A 25 -3.56 -11.18 -9.73
N LEU A 26 -2.41 -11.81 -9.98
CA LEU A 26 -2.39 -13.17 -10.51
C LEU A 26 -1.41 -14.04 -9.73
N ASP A 27 -0.25 -13.47 -9.40
CA ASP A 27 0.77 -14.19 -8.66
C ASP A 27 0.29 -14.49 -7.24
N ARG A 28 0.10 -13.45 -6.45
CA ARG A 28 -0.36 -13.60 -5.08
C ARG A 28 -1.25 -12.43 -4.66
N ILE A 29 -2.27 -12.72 -3.85
CA ILE A 29 -3.19 -11.69 -3.39
C ILE A 29 -3.01 -11.43 -1.89
N LEU A 30 -2.56 -10.22 -1.56
CA LEU A 30 -2.35 -9.84 -0.17
C LEU A 30 -3.52 -9.03 0.36
N ARG A 31 -4.35 -9.66 1.19
CA ARG A 31 -5.51 -8.98 1.77
C ARG A 31 -5.09 -8.10 2.95
N ALA A 32 -5.41 -6.81 2.86
CA ALA A 32 -5.08 -5.87 3.92
C ALA A 32 -6.05 -4.71 3.95
N MET A 33 -6.52 -4.37 5.14
CA MET A 33 -7.47 -3.27 5.31
C MET A 33 -8.78 -3.57 4.58
N GLY A 34 -9.10 -4.85 4.46
CA GLY A 34 -10.32 -5.24 3.77
C GLY A 34 -10.15 -5.28 2.26
N LYS A 35 -9.29 -4.42 1.74
CA LYS A 35 -9.04 -4.35 0.31
C LYS A 35 -7.96 -5.35 -0.10
N ALA A 36 -7.72 -5.46 -1.41
CA ALA A 36 -6.71 -6.36 -1.93
C ALA A 36 -5.56 -5.60 -2.56
N TYR A 37 -4.34 -5.93 -2.16
CA TYR A 37 -3.15 -5.27 -2.69
C TYR A 37 -2.05 -6.29 -2.99
N HIS A 38 -1.07 -5.87 -3.79
CA HIS A 38 0.03 -6.74 -4.15
C HIS A 38 0.98 -6.95 -2.97
N PRO A 39 1.67 -8.10 -2.95
CA PRO A 39 2.61 -8.44 -1.88
C PRO A 39 3.87 -7.57 -1.92
N GLY A 40 3.89 -6.61 -2.84
CA GLY A 40 5.04 -5.73 -2.95
C GLY A 40 4.64 -4.26 -2.98
N CYS A 41 3.40 -4.00 -3.40
CA CYS A 41 2.91 -2.62 -3.48
C CYS A 41 2.68 -2.06 -2.08
N PHE A 42 2.09 -2.86 -1.20
CA PHE A 42 1.82 -2.44 0.16
C PHE A 42 3.06 -1.84 0.81
N THR A 43 3.07 -0.53 0.97
CA THR A 43 4.21 0.17 1.58
C THR A 43 3.75 1.42 2.33
N CYS A 44 4.59 1.90 3.23
CA CYS A 44 4.29 3.08 4.02
C CYS A 44 4.11 4.30 3.12
N VAL A 45 3.53 5.37 3.67
CA VAL A 45 3.31 6.59 2.93
C VAL A 45 4.43 7.60 3.17
N VAL A 46 5.15 7.41 4.27
CA VAL A 46 6.25 8.30 4.62
C VAL A 46 7.59 7.72 4.20
N CYS A 47 8.03 6.70 4.91
CA CYS A 47 9.31 6.05 4.61
C CYS A 47 9.18 5.17 3.37
N HIS A 48 7.95 4.78 3.04
CA HIS A 48 7.69 3.95 1.88
C HIS A 48 8.35 2.58 2.04
N ARG A 49 8.14 1.96 3.20
CA ARG A 49 8.71 0.65 3.48
C ARG A 49 7.65 -0.44 3.37
N GLY A 50 8.03 -1.57 2.78
CA GLY A 50 7.10 -2.68 2.63
C GLY A 50 6.58 -3.19 3.96
N LEU A 51 5.27 -3.12 4.14
CA LEU A 51 4.64 -3.57 5.37
C LEU A 51 3.93 -4.91 5.16
N ASP A 52 4.53 -5.77 4.34
CA ASP A 52 3.95 -7.08 4.06
C ASP A 52 4.39 -8.10 5.11
N GLY A 53 5.10 -7.63 6.12
CA GLY A 53 5.56 -8.51 7.18
C GLY A 53 5.66 -7.81 8.51
N ILE A 54 5.13 -6.59 8.60
CA ILE A 54 5.17 -5.82 9.83
C ILE A 54 3.84 -5.13 10.09
N PRO A 55 3.58 -4.80 11.36
CA PRO A 55 2.33 -4.14 11.78
C PRO A 55 2.27 -2.70 11.28
N PHE A 56 1.05 -2.17 11.20
CA PHE A 56 0.84 -0.79 10.74
C PHE A 56 -0.45 -0.22 11.31
N THR A 57 -0.75 1.02 10.94
CA THR A 57 -1.95 1.69 11.42
C THR A 57 -2.31 2.88 10.53
N VAL A 58 -3.53 2.87 10.00
CA VAL A 58 -4.00 3.95 9.14
C VAL A 58 -4.48 5.14 9.96
N ASP A 59 -4.71 6.27 9.29
CA ASP A 59 -5.17 7.48 9.96
C ASP A 59 -6.45 8.00 9.30
N ALA A 60 -6.99 9.09 9.84
CA ALA A 60 -8.19 9.69 9.31
C ALA A 60 -8.15 9.77 7.79
N THR A 61 -6.96 10.01 7.25
CA THR A 61 -6.79 10.13 5.81
C THR A 61 -6.41 8.77 5.20
N SER A 62 -6.92 7.70 5.80
CA SER A 62 -6.64 6.36 5.32
C SER A 62 -5.20 6.24 4.85
N GLN A 63 -4.30 6.88 5.57
CA GLN A 63 -2.88 6.85 5.23
C GLN A 63 -2.14 5.84 6.10
N ILE A 64 -1.87 4.67 5.54
CA ILE A 64 -1.16 3.61 6.26
C ILE A 64 0.22 4.09 6.71
N HIS A 65 0.38 4.24 8.02
CA HIS A 65 1.65 4.68 8.58
C HIS A 65 2.27 3.58 9.45
N CYS A 66 3.48 3.17 9.08
CA CYS A 66 4.18 2.13 9.82
C CYS A 66 4.38 2.53 11.28
N ILE A 67 4.10 1.61 12.19
CA ILE A 67 4.24 1.88 13.62
C ILE A 67 5.40 2.83 13.88
N GLU A 68 6.57 2.50 13.31
CA GLU A 68 7.76 3.33 13.48
C GLU A 68 7.44 4.80 13.25
N ASP A 69 6.77 5.08 12.13
CA ASP A 69 6.40 6.45 11.78
C ASP A 69 5.21 6.92 12.61
N PHE A 70 4.17 6.09 12.68
CA PHE A 70 2.97 6.42 13.44
C PHE A 70 3.34 7.04 14.79
N HIS A 71 4.43 6.56 15.38
CA HIS A 71 4.88 7.06 16.67
C HIS A 71 5.74 8.31 16.49
N ARG A 72 6.94 8.12 15.95
CA ARG A 72 7.86 9.23 15.73
C ARG A 72 7.11 10.48 15.28
N LYS A 73 6.11 10.28 14.43
CA LYS A 73 5.31 11.39 13.92
C LYS A 73 4.38 11.93 14.99
N PHE A 74 3.74 11.02 15.72
CA PHE A 74 2.82 11.41 16.79
C PHE A 74 3.57 11.61 18.11
N ALA A 75 4.88 11.78 18.01
CA ALA A 75 5.71 11.98 19.19
C ALA A 75 6.88 12.91 18.90
N SER A 76 6.85 14.11 19.46
CA SER A 76 7.90 15.09 19.25
C SER A 76 7.93 16.12 20.38
N GLY A 77 9.07 16.20 21.06
CA GLY A 77 9.20 17.15 22.16
C GLY A 77 9.21 18.58 21.68
N PRO A 78 9.98 19.44 22.38
CA PRO A 78 10.08 20.86 22.05
C PRO A 78 10.85 21.09 20.74
N SER A 79 10.76 22.31 20.21
CA SER A 79 11.43 22.66 18.97
C SER A 79 12.66 23.52 19.25
N SER A 80 12.48 24.58 20.01
CA SER A 80 13.57 25.48 20.34
C SER A 80 14.41 24.93 21.50
N GLY A 81 15.71 24.81 21.26
CA GLY A 81 16.60 24.29 22.29
C GLY A 81 17.80 25.20 22.53
ZN ZN B . 0.03 -3.35 -7.18
ZN ZN C . 6.86 4.64 7.61
N GLY A 1 13.86 12.64 -25.34
CA GLY A 1 12.75 13.56 -25.19
C GLY A 1 11.79 13.12 -24.10
N SER A 2 10.56 13.64 -24.16
CA SER A 2 9.54 13.29 -23.18
C SER A 2 8.32 12.68 -23.86
N SER A 3 8.10 11.39 -23.64
CA SER A 3 6.98 10.68 -24.24
C SER A 3 6.58 9.49 -23.38
N GLY A 4 5.29 9.43 -23.02
CA GLY A 4 4.80 8.33 -22.20
C GLY A 4 4.45 7.11 -23.03
N SER A 5 3.74 6.17 -22.41
CA SER A 5 3.35 4.94 -23.10
C SER A 5 1.86 4.69 -22.94
N SER A 6 1.10 5.00 -23.98
CA SER A 6 -0.35 4.82 -23.97
C SER A 6 -0.72 3.44 -24.53
N GLY A 7 -1.36 2.62 -23.69
CA GLY A 7 -1.76 1.30 -24.12
C GLY A 7 -3.13 0.92 -23.61
N GLU A 8 -3.27 -0.34 -23.19
CA GLU A 8 -4.56 -0.82 -22.68
C GLU A 8 -4.35 -2.09 -21.84
N GLY A 9 -4.82 -2.04 -20.59
CA GLY A 9 -4.68 -3.18 -19.71
C GLY A 9 -5.84 -3.30 -18.72
N CYS A 10 -6.58 -4.40 -18.82
CA CYS A 10 -7.71 -4.62 -17.94
C CYS A 10 -8.24 -6.04 -18.08
N TYR A 11 -8.39 -6.74 -16.95
CA TYR A 11 -8.88 -8.11 -16.96
C TYR A 11 -9.66 -8.41 -15.69
N VAL A 12 -10.76 -9.15 -15.83
CA VAL A 12 -11.59 -9.52 -14.69
C VAL A 12 -11.95 -11.00 -14.72
N ALA A 13 -11.50 -11.74 -13.71
CA ALA A 13 -11.78 -13.17 -13.62
C ALA A 13 -11.26 -13.74 -12.31
N THR A 14 -12.19 -14.08 -11.41
CA THR A 14 -11.82 -14.65 -10.12
C THR A 14 -10.49 -14.08 -9.64
N LEU A 15 -10.37 -12.77 -9.63
CA LEU A 15 -9.14 -12.11 -9.19
C LEU A 15 -9.42 -10.67 -8.75
N GLU A 16 -8.77 -10.25 -7.67
CA GLU A 16 -8.94 -8.91 -7.15
C GLU A 16 -7.97 -7.93 -7.81
N LYS A 17 -8.39 -6.67 -7.92
CA LYS A 17 -7.56 -5.65 -8.55
C LYS A 17 -6.85 -4.82 -7.48
N CYS A 18 -5.52 -4.81 -7.53
CA CYS A 18 -4.72 -4.05 -6.58
C CYS A 18 -5.29 -2.65 -6.38
N ALA A 19 -5.37 -2.22 -5.13
CA ALA A 19 -5.90 -0.90 -4.81
C ALA A 19 -4.76 0.11 -4.64
N THR A 20 -3.64 -0.16 -5.29
CA THR A 20 -2.48 0.74 -5.21
C THR A 20 -2.03 1.17 -6.60
N CYS A 21 -2.03 0.22 -7.53
CA CYS A 21 -1.62 0.50 -8.90
C CYS A 21 -2.77 0.29 -9.88
N SER A 22 -3.84 -0.33 -9.39
CA SER A 22 -5.01 -0.60 -10.21
C SER A 22 -4.72 -1.68 -11.24
N GLN A 23 -4.16 -2.79 -10.78
CA GLN A 23 -3.82 -3.90 -11.66
C GLN A 23 -4.37 -5.22 -11.11
N PRO A 24 -4.77 -6.12 -12.02
CA PRO A 24 -5.31 -7.43 -11.65
C PRO A 24 -4.25 -8.35 -11.06
N ILE A 25 -4.43 -8.71 -9.79
CA ILE A 25 -3.50 -9.60 -9.12
C ILE A 25 -3.57 -11.01 -9.66
N LEU A 26 -2.42 -11.56 -10.05
CA LEU A 26 -2.36 -12.91 -10.59
C LEU A 26 -1.38 -13.77 -9.79
N ASP A 27 -0.25 -13.18 -9.41
CA ASP A 27 0.76 -13.89 -8.65
C ASP A 27 0.27 -14.20 -7.24
N ARG A 28 0.22 -13.18 -6.39
CA ARG A 28 -0.24 -13.34 -5.01
C ARG A 28 -1.13 -12.18 -4.59
N ILE A 29 -2.20 -12.50 -3.86
CA ILE A 29 -3.14 -11.48 -3.40
C ILE A 29 -2.97 -11.23 -1.91
N LEU A 30 -2.59 -10.00 -1.56
CA LEU A 30 -2.40 -9.63 -0.16
C LEU A 30 -3.59 -8.84 0.35
N ARG A 31 -4.36 -9.45 1.26
CA ARG A 31 -5.53 -8.81 1.83
C ARG A 31 -5.12 -7.83 2.93
N ALA A 32 -5.54 -6.58 2.79
CA ALA A 32 -5.22 -5.55 3.77
C ALA A 32 -6.28 -4.44 3.78
N MET A 33 -6.72 -4.07 4.97
CA MET A 33 -7.73 -3.03 5.11
C MET A 33 -9.04 -3.43 4.43
N GLY A 34 -9.26 -4.74 4.35
CA GLY A 34 -10.48 -5.24 3.71
C GLY A 34 -10.33 -5.37 2.21
N LYS A 35 -9.53 -4.50 1.61
CA LYS A 35 -9.31 -4.53 0.17
C LYS A 35 -8.18 -5.47 -0.19
N ALA A 36 -7.91 -5.61 -1.48
CA ALA A 36 -6.85 -6.50 -1.95
C ALA A 36 -5.73 -5.70 -2.63
N TYR A 37 -4.49 -5.95 -2.22
CA TYR A 37 -3.35 -5.26 -2.78
C TYR A 37 -2.20 -6.22 -3.05
N HIS A 38 -1.23 -5.78 -3.84
CA HIS A 38 -0.08 -6.61 -4.18
C HIS A 38 0.86 -6.75 -2.98
N PRO A 39 1.58 -7.88 -2.93
CA PRO A 39 2.52 -8.16 -1.83
C PRO A 39 3.75 -7.26 -1.88
N GLY A 40 3.75 -6.33 -2.83
CA GLY A 40 4.88 -5.41 -2.96
C GLY A 40 4.45 -3.97 -3.00
N CYS A 41 3.23 -3.72 -3.49
CA CYS A 41 2.70 -2.36 -3.58
C CYS A 41 2.48 -1.78 -2.19
N PHE A 42 1.95 -2.59 -1.28
CA PHE A 42 1.68 -2.16 0.08
C PHE A 42 2.96 -1.63 0.74
N THR A 43 3.03 -0.31 0.91
CA THR A 43 4.19 0.31 1.52
C THR A 43 3.79 1.55 2.33
N CYS A 44 4.68 1.98 3.22
CA CYS A 44 4.42 3.16 4.04
C CYS A 44 4.25 4.40 3.18
N VAL A 45 3.71 5.46 3.78
CA VAL A 45 3.50 6.72 3.08
C VAL A 45 4.62 7.70 3.35
N VAL A 46 5.33 7.50 4.46
CA VAL A 46 6.43 8.37 4.84
C VAL A 46 7.77 7.80 4.36
N CYS A 47 8.21 6.73 4.99
CA CYS A 47 9.46 6.08 4.62
C CYS A 47 9.32 5.28 3.34
N HIS A 48 8.08 4.88 3.04
CA HIS A 48 7.81 4.09 1.84
C HIS A 48 8.49 2.73 1.92
N ARG A 49 8.22 2.00 3.00
CA ARG A 49 8.81 0.68 3.19
C ARG A 49 7.75 -0.41 3.06
N GLY A 50 8.17 -1.59 2.63
CA GLY A 50 7.25 -2.70 2.48
C GLY A 50 6.69 -3.18 3.81
N LEU A 51 5.38 -2.98 3.99
CA LEU A 51 4.72 -3.39 5.23
C LEU A 51 3.93 -4.68 5.02
N ASP A 52 4.53 -5.62 4.29
CA ASP A 52 3.89 -6.90 4.02
C ASP A 52 4.11 -7.87 5.18
N GLY A 53 3.17 -7.89 6.11
CA GLY A 53 3.29 -8.78 7.25
C GLY A 53 3.50 -8.03 8.55
N ILE A 54 4.40 -7.05 8.52
CA ILE A 54 4.70 -6.25 9.71
C ILE A 54 3.48 -5.44 10.15
N PRO A 55 3.50 -5.00 11.42
CA PRO A 55 2.40 -4.22 12.00
C PRO A 55 2.34 -2.81 11.41
N PHE A 56 1.12 -2.28 11.29
CA PHE A 56 0.92 -0.95 10.75
C PHE A 56 -0.38 -0.34 11.26
N THR A 57 -0.63 0.91 10.88
CA THR A 57 -1.84 1.61 11.31
C THR A 57 -2.16 2.77 10.37
N VAL A 58 -3.45 2.93 10.06
CA VAL A 58 -3.89 4.01 9.18
C VAL A 58 -4.28 5.25 9.98
N ASP A 59 -4.42 6.37 9.29
CA ASP A 59 -4.80 7.62 9.94
C ASP A 59 -6.11 8.16 9.36
N ALA A 60 -6.50 9.34 9.80
CA ALA A 60 -7.73 9.97 9.33
C ALA A 60 -7.78 10.02 7.81
N THR A 61 -6.63 10.27 7.20
CA THR A 61 -6.54 10.34 5.74
C THR A 61 -6.23 8.98 5.14
N SER A 62 -6.67 7.93 5.82
CA SER A 62 -6.43 6.57 5.36
C SER A 62 -4.97 6.38 4.93
N GLN A 63 -4.07 7.07 5.62
CA GLN A 63 -2.65 6.98 5.30
C GLN A 63 -1.96 5.93 6.16
N ILE A 64 -1.63 4.79 5.56
CA ILE A 64 -0.98 3.71 6.27
C ILE A 64 0.42 4.11 6.72
N HIS A 65 0.56 4.36 8.03
CA HIS A 65 1.84 4.76 8.60
C HIS A 65 2.42 3.65 9.46
N CYS A 66 3.58 3.14 9.08
CA CYS A 66 4.24 2.08 9.82
C CYS A 66 4.45 2.47 11.28
N ILE A 67 4.21 1.54 12.19
CA ILE A 67 4.37 1.80 13.62
C ILE A 67 5.54 2.74 13.87
N GLU A 68 6.74 2.33 13.47
CA GLU A 68 7.93 3.14 13.65
C GLU A 68 7.64 4.61 13.38
N ASP A 69 7.14 4.90 12.19
CA ASP A 69 6.82 6.27 11.81
C ASP A 69 5.65 6.81 12.64
N PHE A 70 4.50 6.16 12.52
CA PHE A 70 3.31 6.57 13.27
C PHE A 70 3.70 7.08 14.66
N HIS A 71 4.43 6.25 15.39
CA HIS A 71 4.85 6.60 16.75
C HIS A 71 5.65 7.91 16.73
N ARG A 72 6.80 7.89 16.07
CA ARG A 72 7.65 9.07 15.99
C ARG A 72 6.83 10.31 15.62
N LYS A 73 6.18 10.27 14.46
CA LYS A 73 5.37 11.37 14.00
C LYS A 73 4.39 11.82 15.09
N PHE A 74 3.72 10.86 15.70
CA PHE A 74 2.75 11.15 16.76
C PHE A 74 3.44 11.26 18.11
N ALA A 75 4.76 11.46 18.09
CA ALA A 75 5.54 11.58 19.31
C ALA A 75 6.11 12.99 19.47
N SER A 76 6.25 13.43 20.71
CA SER A 76 6.77 14.76 20.98
C SER A 76 6.28 15.77 19.96
N GLY A 77 4.99 15.69 19.63
CA GLY A 77 4.41 16.61 18.66
C GLY A 77 3.13 17.23 19.16
N PRO A 78 2.73 18.36 18.54
CA PRO A 78 1.52 19.09 18.91
C PRO A 78 0.25 18.32 18.53
N SER A 79 -0.89 18.81 19.01
CA SER A 79 -2.17 18.17 18.71
C SER A 79 -2.64 18.51 17.30
N SER A 80 -3.19 17.52 16.61
CA SER A 80 -3.67 17.71 15.24
C SER A 80 -5.17 17.97 15.25
N GLY A 81 -5.56 19.11 14.68
CA GLY A 81 -6.97 19.46 14.62
C GLY A 81 -7.69 18.77 13.49
ZN ZN B . -0.18 -3.21 -7.20
ZN ZN C . 7.16 4.46 7.62
N GLY A 1 13.13 -5.75 -31.15
CA GLY A 1 11.79 -6.17 -30.77
C GLY A 1 10.74 -5.11 -31.07
N SER A 2 10.03 -5.27 -32.18
CA SER A 2 9.00 -4.33 -32.58
C SER A 2 7.65 -4.70 -31.95
N SER A 3 6.67 -3.82 -32.11
CA SER A 3 5.34 -4.05 -31.57
C SER A 3 4.32 -3.11 -32.21
N GLY A 4 3.06 -3.54 -32.23
CA GLY A 4 2.01 -2.74 -32.82
C GLY A 4 1.01 -2.24 -31.79
N SER A 5 0.69 -0.95 -31.84
CA SER A 5 -0.24 -0.36 -30.90
C SER A 5 -1.62 -0.99 -31.03
N SER A 6 -1.99 -1.81 -30.04
CA SER A 6 -3.27 -2.48 -30.05
C SER A 6 -3.82 -2.64 -28.63
N GLY A 7 -5.11 -2.37 -28.47
CA GLY A 7 -5.73 -2.47 -27.17
C GLY A 7 -7.24 -2.52 -27.25
N GLU A 8 -7.80 -3.72 -27.30
CA GLU A 8 -9.25 -3.90 -27.38
C GLU A 8 -9.68 -5.17 -26.64
N GLY A 9 -10.82 -5.08 -25.96
CA GLY A 9 -11.33 -6.22 -25.22
C GLY A 9 -10.87 -6.23 -23.77
N CYS A 10 -11.83 -6.33 -22.85
CA CYS A 10 -11.52 -6.34 -21.43
C CYS A 10 -11.74 -7.73 -20.84
N TYR A 11 -10.87 -8.12 -19.91
CA TYR A 11 -10.96 -9.43 -19.26
C TYR A 11 -11.66 -9.32 -17.92
N VAL A 12 -12.07 -10.46 -17.38
CA VAL A 12 -12.76 -10.51 -16.09
C VAL A 12 -12.66 -11.89 -15.46
N ALA A 13 -12.60 -11.93 -14.14
CA ALA A 13 -12.50 -13.19 -13.40
C ALA A 13 -12.57 -12.96 -11.90
N THR A 14 -12.42 -14.03 -11.13
CA THR A 14 -12.47 -13.96 -9.68
C THR A 14 -11.14 -13.51 -9.11
N LEU A 15 -10.56 -12.47 -9.70
CA LEU A 15 -9.28 -11.94 -9.25
C LEU A 15 -9.44 -10.52 -8.70
N GLU A 16 -8.82 -10.27 -7.55
CA GLU A 16 -8.89 -8.96 -6.92
C GLU A 16 -7.94 -7.97 -7.61
N LYS A 17 -8.32 -6.70 -7.59
CA LYS A 17 -7.51 -5.66 -8.21
C LYS A 17 -6.77 -4.83 -7.15
N CYS A 18 -5.47 -4.67 -7.32
CA CYS A 18 -4.66 -3.90 -6.39
C CYS A 18 -5.24 -2.51 -6.17
N ALA A 19 -5.35 -2.10 -4.92
CA ALA A 19 -5.88 -0.78 -4.59
C ALA A 19 -4.77 0.25 -4.45
N THR A 20 -3.63 -0.02 -5.10
CA THR A 20 -2.49 0.88 -5.06
C THR A 20 -2.09 1.32 -6.46
N CYS A 21 -2.06 0.38 -7.39
CA CYS A 21 -1.69 0.67 -8.77
C CYS A 21 -2.86 0.41 -9.71
N SER A 22 -3.94 -0.14 -9.18
CA SER A 22 -5.13 -0.44 -9.97
C SER A 22 -4.81 -1.49 -11.04
N GLN A 23 -4.24 -2.61 -10.60
CA GLN A 23 -3.90 -3.69 -11.52
C GLN A 23 -4.41 -5.03 -11.00
N PRO A 24 -4.80 -5.91 -11.93
CA PRO A 24 -5.32 -7.25 -11.59
C PRO A 24 -4.24 -8.16 -11.04
N ILE A 25 -4.43 -8.63 -9.81
CA ILE A 25 -3.47 -9.52 -9.17
C ILE A 25 -3.55 -10.93 -9.76
N LEU A 26 -2.40 -11.49 -10.09
CA LEU A 26 -2.33 -12.83 -10.65
C LEU A 26 -1.33 -13.70 -9.90
N ASP A 27 -0.21 -13.09 -9.51
CA ASP A 27 0.83 -13.80 -8.78
C ASP A 27 0.36 -14.15 -7.37
N ARG A 28 0.27 -13.15 -6.51
CA ARG A 28 -0.17 -13.36 -5.14
C ARG A 28 -1.09 -12.24 -4.69
N ILE A 29 -2.09 -12.58 -3.87
CA ILE A 29 -3.04 -11.60 -3.38
C ILE A 29 -2.83 -11.33 -1.88
N LEU A 30 -2.44 -10.10 -1.56
CA LEU A 30 -2.20 -9.71 -0.18
C LEU A 30 -3.37 -8.89 0.37
N ARG A 31 -4.12 -9.50 1.28
CA ARG A 31 -5.27 -8.84 1.89
C ARG A 31 -4.83 -7.87 2.98
N ALA A 32 -5.24 -6.61 2.85
CA ALA A 32 -4.88 -5.59 3.83
C ALA A 32 -5.93 -4.48 3.87
N MET A 33 -6.35 -4.11 5.09
CA MET A 33 -7.35 -3.07 5.26
C MET A 33 -8.68 -3.47 4.62
N GLY A 34 -8.92 -4.78 4.56
CA GLY A 34 -10.15 -5.26 3.96
C GLY A 34 -10.05 -5.43 2.46
N LYS A 35 -9.30 -4.54 1.82
CA LYS A 35 -9.13 -4.60 0.37
C LYS A 35 -7.98 -5.53 0.00
N ALA A 36 -7.74 -5.67 -1.30
CA ALA A 36 -6.66 -6.53 -1.79
C ALA A 36 -5.57 -5.71 -2.48
N TYR A 37 -4.32 -5.96 -2.11
CA TYR A 37 -3.19 -5.24 -2.70
C TYR A 37 -2.05 -6.20 -3.01
N HIS A 38 -1.09 -5.72 -3.80
CA HIS A 38 0.06 -6.52 -4.18
C HIS A 38 1.03 -6.68 -3.01
N PRO A 39 1.76 -7.80 -2.99
CA PRO A 39 2.73 -8.10 -1.93
C PRO A 39 3.95 -7.18 -1.98
N GLY A 40 3.92 -6.21 -2.91
CA GLY A 40 5.02 -5.29 -3.04
C GLY A 40 4.57 -3.84 -3.04
N CYS A 41 3.34 -3.61 -3.48
CA CYS A 41 2.78 -2.26 -3.52
C CYS A 41 2.57 -1.71 -2.12
N PHE A 42 1.96 -2.53 -1.26
CA PHE A 42 1.69 -2.12 0.12
C PHE A 42 2.96 -1.62 0.80
N THR A 43 3.04 -0.30 0.96
CA THR A 43 4.21 0.31 1.59
C THR A 43 3.81 1.57 2.35
N CYS A 44 4.72 2.05 3.20
CA CYS A 44 4.46 3.25 3.99
C CYS A 44 4.38 4.48 3.10
N VAL A 45 3.87 5.58 3.66
CA VAL A 45 3.74 6.83 2.92
C VAL A 45 4.91 7.76 3.21
N VAL A 46 5.58 7.52 4.33
CA VAL A 46 6.72 8.34 4.73
C VAL A 46 8.03 7.72 4.26
N CYS A 47 8.45 6.65 4.96
CA CYS A 47 9.68 5.96 4.62
C CYS A 47 9.51 5.11 3.37
N HIS A 48 8.27 4.74 3.08
CA HIS A 48 7.96 3.92 1.91
C HIS A 48 8.59 2.53 2.04
N ARG A 49 8.32 1.88 3.15
CA ARG A 49 8.85 0.54 3.40
C ARG A 49 7.79 -0.52 3.18
N GLY A 50 8.22 -1.74 2.88
CA GLY A 50 7.29 -2.83 2.65
C GLY A 50 6.65 -3.32 3.92
N LEU A 51 5.37 -2.98 4.11
CA LEU A 51 4.64 -3.40 5.30
C LEU A 51 3.98 -4.75 5.09
N ASP A 52 4.64 -5.63 4.34
CA ASP A 52 4.11 -6.95 4.06
C ASP A 52 4.61 -7.96 5.10
N GLY A 53 3.83 -8.15 6.16
CA GLY A 53 4.21 -9.09 7.20
C GLY A 53 4.52 -8.39 8.52
N ILE A 54 4.14 -7.12 8.62
CA ILE A 54 4.39 -6.35 9.83
C ILE A 54 3.18 -5.50 10.20
N PRO A 55 3.06 -5.16 11.49
CA PRO A 55 1.95 -4.36 12.00
C PRO A 55 2.03 -2.91 11.53
N PHE A 56 0.87 -2.31 11.30
CA PHE A 56 0.79 -0.92 10.85
C PHE A 56 -0.50 -0.27 11.30
N THR A 57 -0.67 1.01 10.95
CA THR A 57 -1.86 1.75 11.32
C THR A 57 -2.16 2.86 10.31
N VAL A 58 -3.43 3.08 10.02
CA VAL A 58 -3.84 4.12 9.08
C VAL A 58 -4.31 5.37 9.81
N ASP A 59 -4.45 6.46 9.07
CA ASP A 59 -4.90 7.72 9.65
C ASP A 59 -6.14 8.23 8.93
N ALA A 60 -6.76 9.26 9.49
CA ALA A 60 -7.97 9.84 8.90
C ALA A 60 -7.88 9.86 7.38
N THR A 61 -6.70 10.17 6.86
CA THR A 61 -6.49 10.21 5.42
C THR A 61 -6.07 8.85 4.87
N SER A 62 -6.65 7.79 5.44
CA SER A 62 -6.34 6.44 5.01
C SER A 62 -4.87 6.32 4.61
N GLN A 63 -3.99 6.93 5.41
CA GLN A 63 -2.57 6.89 5.13
C GLN A 63 -1.86 5.88 6.02
N ILE A 64 -1.55 4.71 5.46
CA ILE A 64 -0.87 3.65 6.20
C ILE A 64 0.49 4.11 6.69
N HIS A 65 0.60 4.41 7.98
CA HIS A 65 1.86 4.85 8.56
C HIS A 65 2.48 3.75 9.41
N CYS A 66 3.58 3.17 8.93
CA CYS A 66 4.26 2.11 9.64
C CYS A 66 4.45 2.46 11.11
N ILE A 67 4.16 1.51 11.99
CA ILE A 67 4.29 1.73 13.42
C ILE A 67 5.51 2.59 13.74
N GLU A 68 6.68 2.12 13.32
CA GLU A 68 7.93 2.86 13.56
C GLU A 68 7.73 4.34 13.33
N ASP A 69 7.05 4.68 12.23
CA ASP A 69 6.79 6.07 11.88
C ASP A 69 5.64 6.64 12.72
N PHE A 70 4.45 6.10 12.52
CA PHE A 70 3.27 6.55 13.25
C PHE A 70 3.63 6.90 14.69
N HIS A 71 4.22 5.94 15.39
CA HIS A 71 4.62 6.15 16.77
C HIS A 71 5.28 7.51 16.97
N ARG A 72 6.13 7.88 16.01
CA ARG A 72 6.83 9.16 16.07
C ARG A 72 5.97 10.28 15.48
N LYS A 73 5.62 10.13 14.20
CA LYS A 73 4.81 11.13 13.51
C LYS A 73 3.73 11.68 14.45
N PHE A 74 3.13 10.80 15.23
CA PHE A 74 2.08 11.21 16.17
C PHE A 74 2.69 11.69 17.49
N ALA A 75 3.71 10.99 17.94
CA ALA A 75 4.39 11.34 19.19
C ALA A 75 5.85 11.69 18.96
N SER A 76 6.11 12.92 18.54
CA SER A 76 7.48 13.36 18.28
C SER A 76 7.77 14.68 19.00
N GLY A 77 9.05 14.95 19.22
CA GLY A 77 9.44 16.17 19.90
C GLY A 77 10.52 16.94 19.15
N PRO A 78 11.26 17.78 19.87
CA PRO A 78 12.33 18.59 19.27
C PRO A 78 13.52 17.75 18.85
N SER A 79 13.71 17.62 17.54
CA SER A 79 14.82 16.83 17.00
C SER A 79 15.68 17.69 16.07
N SER A 80 16.94 17.29 15.91
CA SER A 80 17.87 18.01 15.06
C SER A 80 18.45 17.10 13.99
N GLY A 81 18.54 17.60 12.77
CA GLY A 81 19.08 16.82 11.68
C GLY A 81 20.58 16.96 11.55
ZN ZN B . -0.15 -3.03 -7.11
ZN ZN C . 7.11 4.68 7.57
N GLY A 1 12.22 11.61 -26.20
CA GLY A 1 12.58 10.41 -25.48
C GLY A 1 11.48 9.37 -25.50
N SER A 2 10.94 9.07 -24.32
CA SER A 2 9.88 8.08 -24.20
C SER A 2 8.51 8.72 -24.46
N SER A 3 7.90 8.36 -25.57
CA SER A 3 6.60 8.89 -25.94
C SER A 3 5.50 8.33 -25.04
N GLY A 4 5.35 7.00 -25.06
CA GLY A 4 4.34 6.36 -24.24
C GLY A 4 3.54 5.33 -25.01
N SER A 5 2.79 4.51 -24.28
CA SER A 5 1.98 3.47 -24.90
C SER A 5 0.81 3.07 -24.00
N SER A 6 -0.21 2.48 -24.60
CA SER A 6 -1.39 2.06 -23.85
C SER A 6 -1.71 0.58 -24.12
N GLY A 7 -1.34 -0.27 -23.17
CA GLY A 7 -1.60 -1.69 -23.32
C GLY A 7 -2.34 -2.27 -22.13
N GLU A 8 -3.43 -1.63 -21.76
CA GLU A 8 -4.24 -2.10 -20.64
C GLU A 8 -4.78 -3.51 -20.89
N GLY A 9 -5.00 -4.25 -19.81
CA GLY A 9 -5.51 -5.61 -19.93
C GLY A 9 -7.03 -5.65 -20.04
N CYS A 10 -7.53 -6.04 -21.20
CA CYS A 10 -8.97 -6.12 -21.42
C CYS A 10 -9.52 -7.43 -20.88
N TYR A 11 -9.07 -7.82 -19.70
CA TYR A 11 -9.53 -9.06 -19.07
C TYR A 11 -9.94 -8.82 -17.63
N VAL A 12 -11.15 -9.26 -17.28
CA VAL A 12 -11.66 -9.09 -15.93
C VAL A 12 -12.15 -10.43 -15.37
N ALA A 13 -12.10 -10.56 -14.04
CA ALA A 13 -12.53 -11.78 -13.38
C ALA A 13 -12.70 -11.56 -11.88
N THR A 14 -13.02 -12.63 -11.16
CA THR A 14 -13.21 -12.55 -9.72
C THR A 14 -11.94 -12.12 -9.02
N LEU A 15 -10.82 -12.18 -9.73
CA LEU A 15 -9.53 -11.78 -9.18
C LEU A 15 -9.56 -10.34 -8.69
N GLU A 16 -9.04 -10.13 -7.48
CA GLU A 16 -9.00 -8.80 -6.89
C GLU A 16 -7.97 -7.92 -7.59
N LYS A 17 -8.26 -6.62 -7.68
CA LYS A 17 -7.35 -5.68 -8.32
C LYS A 17 -6.62 -4.83 -7.28
N CYS A 18 -5.30 -4.84 -7.36
CA CYS A 18 -4.47 -4.08 -6.43
C CYS A 18 -4.98 -2.65 -6.30
N ALA A 19 -5.10 -2.19 -5.06
CA ALA A 19 -5.57 -0.83 -4.79
C ALA A 19 -4.41 0.14 -4.66
N THR A 20 -3.28 -0.21 -5.25
CA THR A 20 -2.08 0.63 -5.19
C THR A 20 -1.63 1.02 -6.59
N CYS A 21 -1.62 0.05 -7.50
CA CYS A 21 -1.19 0.29 -8.87
C CYS A 21 -2.35 0.07 -9.84
N SER A 22 -3.47 -0.42 -9.32
CA SER A 22 -4.65 -0.68 -10.14
C SER A 22 -4.38 -1.78 -11.16
N GLN A 23 -3.87 -2.91 -10.67
CA GLN A 23 -3.56 -4.04 -11.54
C GLN A 23 -4.14 -5.33 -10.96
N PRO A 24 -4.52 -6.26 -11.86
CA PRO A 24 -5.09 -7.55 -11.47
C PRO A 24 -4.07 -8.47 -10.80
N ILE A 25 -4.36 -8.91 -9.59
CA ILE A 25 -3.47 -9.80 -8.85
C ILE A 25 -3.59 -11.23 -9.35
N LEU A 26 -2.45 -11.82 -9.72
CA LEU A 26 -2.42 -13.19 -10.21
C LEU A 26 -1.42 -14.03 -9.42
N ASP A 27 -0.28 -13.43 -9.10
CA ASP A 27 0.76 -14.12 -8.35
C ASP A 27 0.30 -14.43 -6.93
N ARG A 28 0.05 -13.38 -6.15
CA ARG A 28 -0.39 -13.54 -4.78
C ARG A 28 -1.25 -12.36 -4.34
N ILE A 29 -2.33 -12.65 -3.62
CA ILE A 29 -3.24 -11.61 -3.15
C ILE A 29 -3.03 -11.34 -1.65
N LEU A 30 -2.64 -10.13 -1.33
CA LEU A 30 -2.41 -9.74 0.06
C LEU A 30 -3.55 -8.87 0.58
N ARG A 31 -4.30 -9.41 1.54
CA ARG A 31 -5.42 -8.68 2.12
C ARG A 31 -4.94 -7.67 3.16
N ALA A 32 -5.29 -6.40 2.95
CA ALA A 32 -4.89 -5.35 3.87
C ALA A 32 -5.88 -4.19 3.83
N MET A 33 -6.20 -3.66 5.01
CA MET A 33 -7.14 -2.55 5.11
C MET A 33 -8.49 -2.92 4.52
N GLY A 34 -8.80 -4.21 4.51
CA GLY A 34 -10.06 -4.68 3.96
C GLY A 34 -9.99 -4.93 2.46
N LYS A 35 -9.20 -4.11 1.77
CA LYS A 35 -9.05 -4.24 0.33
C LYS A 35 -7.94 -5.24 -0.01
N ALA A 36 -7.72 -5.46 -1.30
CA ALA A 36 -6.70 -6.39 -1.76
C ALA A 36 -5.55 -5.65 -2.43
N TYR A 37 -4.33 -5.96 -2.02
CA TYR A 37 -3.14 -5.32 -2.58
C TYR A 37 -2.05 -6.35 -2.85
N HIS A 38 -1.06 -5.96 -3.65
CA HIS A 38 0.04 -6.85 -3.99
C HIS A 38 0.97 -7.03 -2.79
N PRO A 39 1.65 -8.19 -2.75
CA PRO A 39 2.58 -8.52 -1.66
C PRO A 39 3.84 -7.67 -1.71
N GLY A 40 3.89 -6.73 -2.65
CA GLY A 40 5.04 -5.86 -2.78
C GLY A 40 4.67 -4.39 -2.82
N CYS A 41 3.45 -4.12 -3.29
CA CYS A 41 2.97 -2.74 -3.38
C CYS A 41 2.76 -2.14 -2.00
N PHE A 42 2.18 -2.94 -1.10
CA PHE A 42 1.91 -2.48 0.25
C PHE A 42 3.16 -1.87 0.88
N THR A 43 3.19 -0.54 0.96
CA THR A 43 4.33 0.17 1.53
C THR A 43 3.88 1.39 2.31
N CYS A 44 4.81 2.01 3.03
CA CYS A 44 4.51 3.19 3.83
C CYS A 44 4.34 4.41 2.94
N VAL A 45 3.77 5.48 3.49
CA VAL A 45 3.55 6.71 2.75
C VAL A 45 4.65 7.72 3.04
N VAL A 46 5.33 7.55 4.17
CA VAL A 46 6.41 8.45 4.55
C VAL A 46 7.77 7.89 4.12
N CYS A 47 8.22 6.86 4.83
CA CYS A 47 9.50 6.23 4.53
C CYS A 47 9.40 5.34 3.30
N HIS A 48 8.17 4.99 2.94
CA HIS A 48 7.93 4.13 1.77
C HIS A 48 8.60 2.77 1.95
N ARG A 49 8.50 2.21 3.15
CA ARG A 49 9.09 0.92 3.44
C ARG A 49 8.09 -0.21 3.18
N GLY A 50 8.61 -1.38 2.83
CA GLY A 50 7.75 -2.52 2.55
C GLY A 50 6.97 -2.96 3.77
N LEU A 51 5.65 -2.85 3.68
CA LEU A 51 4.78 -3.24 4.79
C LEU A 51 4.17 -4.62 4.55
N ASP A 52 4.73 -5.35 3.60
CA ASP A 52 4.26 -6.69 3.26
C ASP A 52 4.83 -7.73 4.23
N GLY A 53 4.51 -7.57 5.52
CA GLY A 53 4.99 -8.49 6.52
C GLY A 53 5.30 -7.80 7.84
N ILE A 54 4.53 -6.78 8.17
CA ILE A 54 4.71 -6.04 9.40
C ILE A 54 3.43 -5.35 9.84
N PRO A 55 3.36 -4.98 11.12
CA PRO A 55 2.18 -4.30 11.69
C PRO A 55 2.04 -2.88 11.18
N PHE A 56 0.80 -2.41 11.08
CA PHE A 56 0.53 -1.05 10.61
C PHE A 56 -0.85 -0.58 11.09
N THR A 57 -1.15 0.68 10.83
CA THR A 57 -2.42 1.27 11.22
C THR A 57 -2.62 2.64 10.60
N VAL A 58 -3.87 2.97 10.30
CA VAL A 58 -4.20 4.26 9.69
C VAL A 58 -4.88 5.19 10.70
N ASP A 59 -5.27 6.37 10.25
CA ASP A 59 -5.94 7.34 11.11
C ASP A 59 -7.24 7.83 10.48
N ALA A 60 -7.11 8.69 9.47
CA ALA A 60 -8.28 9.23 8.79
C ALA A 60 -8.08 9.21 7.28
N THR A 61 -7.05 9.90 6.81
CA THR A 61 -6.76 9.96 5.38
C THR A 61 -6.50 8.58 4.81
N SER A 62 -6.31 7.60 5.71
CA SER A 62 -6.04 6.24 5.29
C SER A 62 -4.63 6.09 4.74
N GLN A 63 -3.71 6.89 5.27
CA GLN A 63 -2.32 6.86 4.83
C GLN A 63 -1.51 5.89 5.68
N ILE A 64 -1.66 4.60 5.41
CA ILE A 64 -0.94 3.57 6.15
C ILE A 64 0.45 4.06 6.57
N HIS A 65 0.62 4.28 7.86
CA HIS A 65 1.90 4.75 8.39
C HIS A 65 2.56 3.68 9.25
N CYS A 66 3.65 3.11 8.74
CA CYS A 66 4.38 2.07 9.46
C CYS A 66 4.54 2.44 10.93
N ILE A 67 4.29 1.48 11.82
CA ILE A 67 4.41 1.70 13.25
C ILE A 67 5.54 2.68 13.56
N GLU A 68 6.77 2.29 13.22
CA GLU A 68 7.94 3.12 13.46
C GLU A 68 7.62 4.59 13.18
N ASP A 69 7.08 4.85 12.00
CA ASP A 69 6.73 6.22 11.60
C ASP A 69 5.51 6.71 12.39
N PHE A 70 4.38 6.06 12.18
CA PHE A 70 3.15 6.42 12.87
C PHE A 70 3.44 6.90 14.29
N HIS A 71 4.10 6.05 15.06
CA HIS A 71 4.44 6.38 16.44
C HIS A 71 5.12 7.75 16.53
N ARG A 72 6.25 7.88 15.84
CA ARG A 72 7.00 9.13 15.84
C ARG A 72 6.10 10.30 15.47
N LYS A 73 5.23 10.09 14.49
CA LYS A 73 4.30 11.12 14.04
C LYS A 73 3.36 11.53 15.16
N PHE A 74 2.63 10.56 15.71
CA PHE A 74 1.70 10.82 16.79
C PHE A 74 2.38 10.68 18.15
N ALA A 75 3.71 10.77 18.15
CA ALA A 75 4.49 10.65 19.38
C ALA A 75 4.52 11.98 20.12
N SER A 76 3.41 12.69 20.12
CA SER A 76 3.31 13.99 20.79
C SER A 76 1.88 14.27 21.24
N GLY A 77 1.69 15.38 21.94
CA GLY A 77 0.37 15.75 22.41
C GLY A 77 -0.71 15.52 21.37
N PRO A 78 -1.87 15.03 21.81
CA PRO A 78 -3.00 14.76 20.93
C PRO A 78 -3.63 16.04 20.38
N SER A 79 -3.49 16.25 19.07
CA SER A 79 -4.03 17.43 18.42
C SER A 79 -5.04 17.05 17.34
N SER A 80 -5.68 18.04 16.75
CA SER A 80 -6.67 17.81 15.70
C SER A 80 -6.01 17.17 14.48
N GLY A 81 -4.87 17.72 14.07
CA GLY A 81 -4.16 17.19 12.92
C GLY A 81 -4.92 17.40 11.63
ZN ZN B . 0.10 -3.43 -7.06
ZN ZN C . 7.14 4.73 7.37
N GLY A 1 1.11 18.15 -12.84
CA GLY A 1 1.49 16.84 -13.31
C GLY A 1 1.56 16.75 -14.82
N SER A 2 0.71 15.91 -15.41
CA SER A 2 0.69 15.73 -16.85
C SER A 2 -0.60 15.04 -17.29
N SER A 3 -1.37 15.72 -18.13
CA SER A 3 -2.63 15.17 -18.62
C SER A 3 -2.38 14.08 -19.66
N GLY A 4 -3.17 13.01 -19.60
CA GLY A 4 -3.01 11.91 -20.54
C GLY A 4 -4.01 10.80 -20.28
N SER A 5 -4.39 10.10 -21.34
CA SER A 5 -5.34 9.00 -21.24
C SER A 5 -4.82 7.76 -21.96
N SER A 6 -4.93 6.61 -21.29
CA SER A 6 -4.47 5.35 -21.87
C SER A 6 -5.00 4.16 -21.07
N GLY A 7 -5.82 3.34 -21.72
CA GLY A 7 -6.39 2.18 -21.05
C GLY A 7 -6.31 0.93 -21.91
N GLU A 8 -5.31 0.09 -21.65
CA GLU A 8 -5.13 -1.14 -22.41
C GLU A 8 -6.06 -2.23 -21.88
N GLY A 9 -7.29 -2.26 -22.41
CA GLY A 9 -8.25 -3.26 -21.99
C GLY A 9 -7.65 -4.65 -21.92
N CYS A 10 -8.06 -5.42 -20.92
CA CYS A 10 -7.55 -6.77 -20.76
C CYS A 10 -8.67 -7.71 -20.30
N TYR A 11 -8.43 -9.01 -20.42
CA TYR A 11 -9.41 -10.02 -20.02
C TYR A 11 -9.87 -9.80 -18.59
N VAL A 12 -10.89 -10.54 -18.18
CA VAL A 12 -11.42 -10.43 -16.82
C VAL A 12 -11.74 -11.80 -16.25
N ALA A 13 -11.57 -11.95 -14.93
CA ALA A 13 -11.86 -13.20 -14.26
C ALA A 13 -11.95 -13.01 -12.74
N THR A 14 -12.15 -14.11 -12.02
CA THR A 14 -12.26 -14.06 -10.58
C THR A 14 -10.93 -13.70 -9.93
N LEU A 15 -10.60 -12.42 -9.94
CA LEU A 15 -9.34 -11.95 -9.36
C LEU A 15 -9.50 -10.54 -8.78
N GLU A 16 -8.85 -10.29 -7.65
CA GLU A 16 -8.92 -8.99 -7.01
C GLU A 16 -7.97 -7.99 -7.67
N LYS A 17 -8.41 -6.74 -7.74
CA LYS A 17 -7.61 -5.68 -8.36
C LYS A 17 -6.93 -4.82 -7.30
N CYS A 18 -5.61 -4.72 -7.37
CA CYS A 18 -4.84 -3.93 -6.41
C CYS A 18 -5.45 -2.53 -6.26
N ALA A 19 -5.64 -2.11 -5.01
CA ALA A 19 -6.21 -0.81 -4.73
C ALA A 19 -5.12 0.24 -4.57
N THR A 20 -3.93 -0.07 -5.06
CA THR A 20 -2.80 0.85 -4.97
C THR A 20 -2.34 1.30 -6.35
N CYS A 21 -2.30 0.36 -7.29
CA CYS A 21 -1.88 0.66 -8.66
C CYS A 21 -3.03 0.40 -9.64
N SER A 22 -4.11 -0.18 -9.14
CA SER A 22 -5.26 -0.48 -9.98
C SER A 22 -4.91 -1.53 -11.04
N GLN A 23 -4.34 -2.64 -10.59
CA GLN A 23 -3.95 -3.71 -11.50
C GLN A 23 -4.46 -5.06 -11.00
N PRO A 24 -4.79 -5.96 -11.94
CA PRO A 24 -5.30 -7.30 -11.62
C PRO A 24 -4.23 -8.19 -11.00
N ILE A 25 -4.44 -8.60 -9.76
CA ILE A 25 -3.50 -9.46 -9.06
C ILE A 25 -3.53 -10.88 -9.61
N LEU A 26 -2.37 -11.38 -10.01
CA LEU A 26 -2.25 -12.73 -10.56
C LEU A 26 -1.24 -13.55 -9.78
N ASP A 27 -0.08 -12.95 -9.52
CA ASP A 27 0.98 -13.63 -8.78
C ASP A 27 0.50 -14.01 -7.38
N ARG A 28 0.35 -13.01 -6.52
CA ARG A 28 -0.09 -13.25 -5.15
C ARG A 28 -1.04 -12.15 -4.69
N ILE A 29 -2.00 -12.51 -3.85
CA ILE A 29 -2.97 -11.54 -3.33
C ILE A 29 -2.77 -11.32 -1.84
N LEU A 30 -2.49 -10.08 -1.46
CA LEU A 30 -2.28 -9.73 -0.06
C LEU A 30 -3.48 -8.96 0.49
N ARG A 31 -4.20 -9.59 1.41
CA ARG A 31 -5.37 -8.97 2.02
C ARG A 31 -4.94 -7.98 3.11
N ALA A 32 -5.39 -6.74 2.98
CA ALA A 32 -5.06 -5.70 3.95
C ALA A 32 -6.13 -4.61 3.98
N MET A 33 -6.59 -4.27 5.18
CA MET A 33 -7.62 -3.24 5.35
C MET A 33 -8.92 -3.67 4.69
N GLY A 34 -9.15 -4.98 4.63
CA GLY A 34 -10.36 -5.49 4.02
C GLY A 34 -10.24 -5.63 2.51
N LYS A 35 -9.50 -4.72 1.90
CA LYS A 35 -9.31 -4.73 0.45
C LYS A 35 -8.15 -5.63 0.06
N ALA A 36 -7.92 -5.76 -1.24
CA ALA A 36 -6.83 -6.59 -1.74
C ALA A 36 -5.74 -5.75 -2.38
N TYR A 37 -4.49 -6.01 -2.00
CA TYR A 37 -3.35 -5.27 -2.53
C TYR A 37 -2.19 -6.20 -2.85
N HIS A 38 -1.27 -5.73 -3.68
CA HIS A 38 -0.11 -6.51 -4.06
C HIS A 38 0.86 -6.68 -2.89
N PRO A 39 1.60 -7.79 -2.89
CA PRO A 39 2.58 -8.09 -1.82
C PRO A 39 3.79 -7.16 -1.88
N GLY A 40 3.75 -6.19 -2.79
CA GLY A 40 4.86 -5.26 -2.92
C GLY A 40 4.39 -3.81 -2.90
N CYS A 41 3.15 -3.59 -3.33
CA CYS A 41 2.60 -2.25 -3.35
C CYS A 41 2.38 -1.71 -1.94
N PHE A 42 1.84 -2.56 -1.07
CA PHE A 42 1.59 -2.17 0.31
C PHE A 42 2.85 -1.65 0.98
N THR A 43 2.99 -0.33 1.01
CA THR A 43 4.16 0.30 1.62
C THR A 43 3.78 1.56 2.38
N CYS A 44 4.69 2.06 3.20
CA CYS A 44 4.45 3.26 3.99
C CYS A 44 4.36 4.49 3.10
N VAL A 45 3.84 5.59 3.65
CA VAL A 45 3.71 6.83 2.90
C VAL A 45 4.87 7.76 3.17
N VAL A 46 5.55 7.55 4.29
CA VAL A 46 6.70 8.37 4.66
C VAL A 46 8.00 7.73 4.23
N CYS A 47 8.41 6.68 4.94
CA CYS A 47 9.65 5.98 4.62
C CYS A 47 9.48 5.11 3.38
N HIS A 48 8.24 4.77 3.07
CA HIS A 48 7.93 3.95 1.90
C HIS A 48 8.59 2.57 2.02
N ARG A 49 8.32 1.90 3.14
CA ARG A 49 8.89 0.57 3.37
C ARG A 49 7.83 -0.51 3.22
N GLY A 50 8.28 -1.73 2.90
CA GLY A 50 7.36 -2.84 2.73
C GLY A 50 6.76 -3.31 4.04
N LEU A 51 5.46 -3.07 4.20
CA LEU A 51 4.76 -3.47 5.42
C LEU A 51 4.04 -4.80 5.22
N ASP A 52 4.63 -5.67 4.41
CA ASP A 52 4.04 -6.98 4.14
C ASP A 52 4.51 -8.01 5.17
N GLY A 53 3.67 -8.26 6.18
CA GLY A 53 4.01 -9.21 7.20
C GLY A 53 4.39 -8.55 8.52
N ILE A 54 3.99 -7.29 8.68
CA ILE A 54 4.28 -6.54 9.89
C ILE A 54 3.11 -5.66 10.29
N PRO A 55 3.06 -5.28 11.58
CA PRO A 55 1.99 -4.43 12.12
C PRO A 55 2.07 -3.01 11.60
N PHE A 56 0.91 -2.38 11.42
CA PHE A 56 0.84 -1.01 10.93
C PHE A 56 -0.44 -0.34 11.37
N THR A 57 -0.58 0.94 11.04
CA THR A 57 -1.77 1.71 11.41
C THR A 57 -2.05 2.81 10.39
N VAL A 58 -3.32 2.99 10.07
CA VAL A 58 -3.73 4.01 9.10
C VAL A 58 -4.13 5.30 9.82
N ASP A 59 -4.29 6.36 9.04
CA ASP A 59 -4.66 7.65 9.59
C ASP A 59 -5.93 8.19 8.91
N ALA A 60 -6.50 9.24 9.47
CA ALA A 60 -7.71 9.84 8.92
C ALA A 60 -7.69 9.83 7.40
N THR A 61 -6.53 10.14 6.83
CA THR A 61 -6.37 10.16 5.38
C THR A 61 -5.95 8.79 4.85
N SER A 62 -6.50 7.74 5.46
CA SER A 62 -6.18 6.38 5.05
C SER A 62 -4.71 6.25 4.67
N GLN A 63 -3.85 6.91 5.43
CA GLN A 63 -2.41 6.88 5.18
C GLN A 63 -1.72 5.84 6.06
N ILE A 64 -1.47 4.67 5.49
CA ILE A 64 -0.81 3.59 6.22
C ILE A 64 0.57 4.01 6.70
N HIS A 65 0.64 4.45 7.95
CA HIS A 65 1.91 4.88 8.54
C HIS A 65 2.51 3.77 9.40
N CYS A 66 3.61 3.20 8.92
CA CYS A 66 4.30 2.12 9.64
C CYS A 66 4.48 2.50 11.11
N ILE A 67 4.20 1.55 12.00
CA ILE A 67 4.34 1.78 13.42
C ILE A 67 5.50 2.72 13.72
N GLU A 68 6.70 2.34 13.26
CA GLU A 68 7.89 3.15 13.47
C GLU A 68 7.58 4.64 13.29
N ASP A 69 7.11 4.99 12.10
CA ASP A 69 6.77 6.38 11.80
C ASP A 69 5.57 6.84 12.63
N PHE A 70 4.45 6.17 12.46
CA PHE A 70 3.23 6.51 13.19
C PHE A 70 3.56 6.96 14.61
N HIS A 71 4.41 6.19 15.29
CA HIS A 71 4.81 6.51 16.66
C HIS A 71 5.53 7.86 16.71
N ARG A 72 6.53 8.02 15.86
CA ARG A 72 7.30 9.25 15.81
C ARG A 72 6.43 10.43 15.40
N LYS A 73 5.89 10.37 14.19
CA LYS A 73 5.03 11.43 13.68
C LYS A 73 4.10 11.95 14.77
N PHE A 74 3.28 11.07 15.32
CA PHE A 74 2.35 11.44 16.37
C PHE A 74 3.09 11.89 17.62
N ALA A 75 4.18 11.19 17.95
CA ALA A 75 4.99 11.52 19.11
C ALA A 75 6.35 12.05 18.70
N SER A 76 6.44 13.36 18.46
CA SER A 76 7.69 13.98 18.06
C SER A 76 8.71 13.94 19.19
N GLY A 77 9.70 13.06 19.06
CA GLY A 77 10.73 12.94 20.08
C GLY A 77 10.15 12.60 21.43
N PRO A 78 10.55 11.43 21.97
CA PRO A 78 10.08 10.96 23.28
C PRO A 78 10.63 11.80 24.43
N SER A 79 9.79 12.03 25.44
CA SER A 79 10.20 12.81 26.60
C SER A 79 9.97 12.04 27.89
N SER A 80 10.33 10.75 27.87
CA SER A 80 10.17 9.89 29.03
C SER A 80 10.46 10.66 30.32
N GLY A 81 11.64 11.27 30.39
CA GLY A 81 12.02 12.03 31.56
C GLY A 81 12.18 13.51 31.28
ZN ZN B . -0.31 -3.03 -6.98
ZN ZN C . 7.18 4.64 7.54
N GLY A 1 15.43 -2.18 -30.72
CA GLY A 1 14.21 -2.43 -29.98
C GLY A 1 13.92 -1.35 -28.96
N SER A 2 14.14 -1.66 -27.68
CA SER A 2 13.91 -0.70 -26.61
C SER A 2 12.60 0.06 -26.83
N SER A 3 11.58 -0.66 -27.27
CA SER A 3 10.27 -0.06 -27.53
C SER A 3 9.35 -0.20 -26.32
N GLY A 4 8.17 0.40 -26.40
CA GLY A 4 7.22 0.33 -25.31
C GLY A 4 6.48 -0.99 -25.26
N SER A 5 5.18 -0.93 -25.01
CA SER A 5 4.36 -2.14 -24.93
C SER A 5 2.90 -1.81 -25.25
N SER A 6 2.11 -2.87 -25.43
CA SER A 6 0.69 -2.70 -25.75
C SER A 6 -0.04 -4.04 -25.66
N GLY A 7 -1.35 -3.98 -25.41
CA GLY A 7 -2.14 -5.18 -25.30
C GLY A 7 -3.51 -5.04 -25.94
N GLU A 8 -3.69 -5.67 -27.10
CA GLU A 8 -4.96 -5.61 -27.82
C GLU A 8 -5.92 -6.66 -27.30
N GLY A 9 -6.59 -6.35 -26.18
CA GLY A 9 -7.54 -7.27 -25.60
C GLY A 9 -7.57 -7.19 -24.08
N CYS A 10 -8.76 -7.34 -23.51
CA CYS A 10 -8.94 -7.28 -22.06
C CYS A 10 -9.39 -8.62 -21.51
N TYR A 11 -9.17 -8.83 -20.22
CA TYR A 11 -9.56 -10.08 -19.56
C TYR A 11 -10.42 -9.81 -18.34
N VAL A 12 -11.03 -10.86 -17.80
CA VAL A 12 -11.87 -10.74 -16.62
C VAL A 12 -12.09 -12.09 -15.95
N ALA A 13 -12.08 -12.09 -14.63
CA ALA A 13 -12.27 -13.32 -13.87
C ALA A 13 -12.34 -13.05 -12.37
N THR A 14 -12.49 -14.09 -11.57
CA THR A 14 -12.57 -13.96 -10.13
C THR A 14 -11.21 -13.61 -9.53
N LEU A 15 -10.81 -12.35 -9.68
CA LEU A 15 -9.52 -11.90 -9.16
C LEU A 15 -9.61 -10.46 -8.68
N GLU A 16 -9.03 -10.19 -7.51
CA GLU A 16 -9.05 -8.85 -6.94
C GLU A 16 -8.08 -7.93 -7.67
N LYS A 17 -8.38 -6.64 -7.68
CA LYS A 17 -7.54 -5.65 -8.35
C LYS A 17 -6.82 -4.77 -7.33
N CYS A 18 -5.50 -4.72 -7.43
CA CYS A 18 -4.70 -3.91 -6.52
C CYS A 18 -5.23 -2.49 -6.44
N ALA A 19 -5.52 -2.05 -5.21
CA ALA A 19 -6.05 -0.70 -5.00
C ALA A 19 -4.91 0.33 -4.94
N THR A 20 -3.75 -0.06 -5.46
CA THR A 20 -2.59 0.82 -5.47
C THR A 20 -2.22 1.23 -6.89
N CYS A 21 -1.96 0.24 -7.73
CA CYS A 21 -1.58 0.50 -9.11
C CYS A 21 -2.76 0.22 -10.05
N SER A 22 -3.85 -0.32 -9.49
CA SER A 22 -5.03 -0.63 -10.27
C SER A 22 -4.75 -1.74 -11.28
N GLN A 23 -4.19 -2.83 -10.80
CA GLN A 23 -3.87 -3.97 -11.67
C GLN A 23 -4.39 -5.28 -11.09
N PRO A 24 -4.79 -6.20 -11.97
CA PRO A 24 -5.33 -7.50 -11.57
C PRO A 24 -4.27 -8.40 -10.96
N ILE A 25 -4.49 -8.81 -9.71
CA ILE A 25 -3.55 -9.68 -9.01
C ILE A 25 -3.63 -11.11 -9.54
N LEU A 26 -2.48 -11.65 -9.91
CA LEU A 26 -2.41 -13.01 -10.44
C LEU A 26 -1.36 -13.83 -9.68
N ASP A 27 -0.29 -13.17 -9.26
CA ASP A 27 0.78 -13.83 -8.53
C ASP A 27 0.33 -14.19 -7.11
N ARG A 28 0.00 -13.17 -6.33
CA ARG A 28 -0.43 -13.36 -4.96
C ARG A 28 -1.33 -12.21 -4.50
N ILE A 29 -2.36 -12.54 -3.73
CA ILE A 29 -3.29 -11.53 -3.23
C ILE A 29 -3.03 -11.25 -1.75
N LEU A 30 -2.63 -10.02 -1.44
CA LEU A 30 -2.36 -9.62 -0.07
C LEU A 30 -3.51 -8.79 0.49
N ARG A 31 -4.19 -9.34 1.49
CA ARG A 31 -5.31 -8.65 2.12
C ARG A 31 -4.82 -7.61 3.12
N ALA A 32 -5.29 -6.37 2.96
CA ALA A 32 -4.91 -5.29 3.85
C ALA A 32 -5.99 -4.22 3.92
N MET A 33 -6.05 -3.53 5.05
CA MET A 33 -7.04 -2.47 5.24
C MET A 33 -8.41 -2.91 4.72
N GLY A 34 -8.64 -4.22 4.69
CA GLY A 34 -9.90 -4.74 4.21
C GLY A 34 -9.91 -4.95 2.71
N LYS A 35 -9.16 -4.12 1.99
CA LYS A 35 -9.08 -4.22 0.54
C LYS A 35 -7.97 -5.17 0.12
N ALA A 36 -7.85 -5.39 -1.19
CA ALA A 36 -6.83 -6.28 -1.73
C ALA A 36 -5.71 -5.48 -2.39
N TYR A 37 -4.47 -5.79 -2.03
CA TYR A 37 -3.31 -5.10 -2.58
C TYR A 37 -2.20 -6.09 -2.92
N HIS A 38 -1.24 -5.65 -3.73
CA HIS A 38 -0.12 -6.49 -4.13
C HIS A 38 0.85 -6.68 -2.97
N PRO A 39 1.55 -7.83 -2.98
CA PRO A 39 2.53 -8.16 -1.93
C PRO A 39 3.76 -7.28 -1.99
N GLY A 40 3.77 -6.33 -2.92
CA GLY A 40 4.90 -5.44 -3.06
C GLY A 40 4.49 -3.98 -3.08
N CYS A 41 3.29 -3.70 -3.57
CA CYS A 41 2.79 -2.34 -3.64
C CYS A 41 2.58 -1.78 -2.24
N PHE A 42 2.02 -2.59 -1.35
CA PHE A 42 1.77 -2.18 0.02
C PHE A 42 3.05 -1.66 0.68
N THR A 43 3.06 -0.37 0.99
CA THR A 43 4.22 0.26 1.62
C THR A 43 3.83 1.52 2.37
N CYS A 44 4.71 1.98 3.26
CA CYS A 44 4.46 3.18 4.04
C CYS A 44 4.33 4.40 3.14
N VAL A 45 3.81 5.49 3.70
CA VAL A 45 3.63 6.72 2.94
C VAL A 45 4.70 7.74 3.29
N VAL A 46 5.49 7.44 4.33
CA VAL A 46 6.56 8.32 4.77
C VAL A 46 7.92 7.77 4.38
N CYS A 47 8.22 6.56 4.86
CA CYS A 47 9.51 5.92 4.56
C CYS A 47 9.37 4.97 3.37
N HIS A 48 8.15 4.83 2.87
CA HIS A 48 7.89 3.96 1.74
C HIS A 48 8.49 2.58 1.96
N ARG A 49 8.42 2.11 3.21
CA ARG A 49 8.97 0.80 3.56
C ARG A 49 7.96 -0.30 3.28
N GLY A 50 8.46 -1.52 3.09
CA GLY A 50 7.57 -2.65 2.81
C GLY A 50 6.89 -3.16 4.06
N LEU A 51 5.57 -3.02 4.12
CA LEU A 51 4.80 -3.47 5.27
C LEU A 51 4.09 -4.80 4.97
N ASP A 52 4.71 -5.60 4.10
CA ASP A 52 4.15 -6.90 3.72
C ASP A 52 4.45 -7.95 4.79
N GLY A 53 5.17 -7.53 5.83
CA GLY A 53 5.51 -8.45 6.90
C GLY A 53 5.64 -7.77 8.24
N ILE A 54 4.78 -6.78 8.48
CA ILE A 54 4.80 -6.04 9.73
C ILE A 54 3.47 -5.34 9.97
N PRO A 55 3.19 -5.03 11.25
CA PRO A 55 1.95 -4.35 11.64
C PRO A 55 1.91 -2.90 11.18
N PHE A 56 0.70 -2.33 11.14
CA PHE A 56 0.54 -0.95 10.72
C PHE A 56 -0.81 -0.39 11.18
N THR A 57 -1.11 0.83 10.79
CA THR A 57 -2.36 1.48 11.17
C THR A 57 -2.51 2.84 10.49
N VAL A 58 -3.74 3.16 10.10
CA VAL A 58 -4.02 4.43 9.44
C VAL A 58 -4.71 5.40 10.39
N ASP A 59 -5.08 6.57 9.88
CA ASP A 59 -5.75 7.59 10.67
C ASP A 59 -7.06 8.01 10.03
N ALA A 60 -6.96 8.82 8.97
CA ALA A 60 -8.14 9.29 8.27
C ALA A 60 -7.95 9.17 6.75
N THR A 61 -6.80 9.61 6.25
CA THR A 61 -6.51 9.55 4.84
C THR A 61 -5.92 8.19 4.45
N SER A 62 -6.41 7.14 5.10
CA SER A 62 -5.93 5.79 4.82
C SER A 62 -4.44 5.80 4.51
N GLN A 63 -3.71 6.70 5.16
CA GLN A 63 -2.28 6.81 4.96
C GLN A 63 -1.52 5.82 5.84
N ILE A 64 -1.52 4.56 5.44
CA ILE A 64 -0.84 3.52 6.20
C ILE A 64 0.53 3.99 6.69
N HIS A 65 0.63 4.28 7.98
CA HIS A 65 1.87 4.74 8.57
C HIS A 65 2.50 3.66 9.45
N CYS A 66 3.61 3.10 9.00
CA CYS A 66 4.30 2.06 9.75
C CYS A 66 4.38 2.42 11.23
N ILE A 67 4.06 1.45 12.09
CA ILE A 67 4.10 1.66 13.52
C ILE A 67 5.21 2.63 13.91
N GLU A 68 6.44 2.27 13.57
CA GLU A 68 7.59 3.11 13.88
C GLU A 68 7.28 4.58 13.61
N ASP A 69 6.83 4.87 12.39
CA ASP A 69 6.50 6.24 12.01
C ASP A 69 5.28 6.74 12.78
N PHE A 70 4.20 5.98 12.72
CA PHE A 70 2.97 6.35 13.42
C PHE A 70 3.27 6.83 14.84
N HIS A 71 4.22 6.17 15.49
CA HIS A 71 4.60 6.52 16.86
C HIS A 71 5.42 7.82 16.86
N ARG A 72 6.64 7.74 16.36
CA ARG A 72 7.53 8.90 16.31
C ARG A 72 6.78 10.14 15.84
N LYS A 73 6.15 10.02 14.67
CA LYS A 73 5.38 11.14 14.10
C LYS A 73 4.44 11.74 15.14
N PHE A 74 3.65 10.88 15.77
CA PHE A 74 2.70 11.32 16.79
C PHE A 74 3.36 11.39 18.16
N ALA A 75 4.69 11.42 18.17
CA ALA A 75 5.44 11.49 19.41
C ALA A 75 6.62 12.44 19.29
N SER A 76 7.33 12.65 20.41
CA SER A 76 8.49 13.55 20.42
C SER A 76 8.24 14.76 19.53
N GLY A 77 7.03 15.30 19.59
CA GLY A 77 6.70 16.46 18.78
C GLY A 77 6.28 17.65 19.61
N PRO A 78 6.88 18.81 19.33
CA PRO A 78 6.59 20.06 20.06
C PRO A 78 5.19 20.59 19.75
N SER A 79 4.65 21.38 20.67
CA SER A 79 3.32 21.95 20.50
C SER A 79 3.14 23.20 21.37
N SER A 80 2.10 23.97 21.09
CA SER A 80 1.83 25.18 21.84
C SER A 80 0.47 25.76 21.46
N GLY A 81 0.02 26.76 22.21
CA GLY A 81 -1.27 27.38 21.95
C GLY A 81 -1.44 27.74 20.49
ZN ZN B . -0.18 -3.12 -7.29
ZN ZN C . 7.10 4.71 7.71
N GLY A 1 10.22 12.49 -14.13
CA GLY A 1 9.61 12.13 -15.40
C GLY A 1 9.12 10.70 -15.43
N SER A 2 7.98 10.48 -16.08
CA SER A 2 7.41 9.14 -16.18
C SER A 2 6.62 8.98 -17.47
N SER A 3 6.60 7.77 -18.01
CA SER A 3 5.88 7.48 -19.24
C SER A 3 5.73 5.98 -19.46
N GLY A 4 4.54 5.56 -19.88
CA GLY A 4 4.29 4.15 -20.11
C GLY A 4 2.88 3.89 -20.61
N SER A 5 2.72 2.81 -21.37
CA SER A 5 1.41 2.45 -21.92
C SER A 5 0.69 1.46 -21.01
N SER A 6 -0.57 1.21 -21.31
CA SER A 6 -1.37 0.28 -20.52
C SER A 6 -2.45 -0.39 -21.38
N GLY A 7 -2.92 -1.55 -20.93
CA GLY A 7 -3.94 -2.26 -21.67
C GLY A 7 -3.39 -2.97 -22.89
N GLU A 8 -3.25 -4.29 -22.80
CA GLU A 8 -2.72 -5.08 -23.91
C GLU A 8 -3.60 -6.30 -24.16
N GLY A 9 -3.98 -6.99 -23.08
CA GLY A 9 -4.81 -8.17 -23.21
C GLY A 9 -5.85 -8.27 -22.11
N CYS A 10 -6.79 -7.34 -22.09
CA CYS A 10 -7.83 -7.32 -21.08
C CYS A 10 -8.27 -8.75 -20.74
N TYR A 11 -8.25 -9.08 -19.45
CA TYR A 11 -8.64 -10.41 -19.00
C TYR A 11 -8.90 -10.41 -17.48
N VAL A 12 -10.03 -10.96 -17.08
CA VAL A 12 -10.39 -11.04 -15.68
C VAL A 12 -11.00 -12.38 -15.33
N ALA A 13 -10.86 -12.78 -14.06
CA ALA A 13 -11.39 -14.06 -13.61
C ALA A 13 -11.22 -14.22 -12.10
N THR A 14 -12.32 -14.07 -11.36
CA THR A 14 -12.27 -14.19 -9.91
C THR A 14 -10.93 -13.74 -9.35
N LEU A 15 -10.52 -12.53 -9.72
CA LEU A 15 -9.25 -11.98 -9.27
C LEU A 15 -9.43 -10.55 -8.74
N GLU A 16 -8.81 -10.26 -7.60
CA GLU A 16 -8.91 -8.94 -7.00
C GLU A 16 -7.91 -7.98 -7.65
N LYS A 17 -8.36 -6.74 -7.89
CA LYS A 17 -7.51 -5.73 -8.50
C LYS A 17 -6.81 -4.88 -7.42
N CYS A 18 -5.50 -4.74 -7.56
CA CYS A 18 -4.73 -3.95 -6.60
C CYS A 18 -5.28 -2.55 -6.47
N ALA A 19 -5.63 -2.16 -5.25
CA ALA A 19 -6.17 -0.83 -4.99
C ALA A 19 -5.07 0.21 -4.92
N THR A 20 -3.88 -0.16 -5.40
CA THR A 20 -2.74 0.75 -5.39
C THR A 20 -2.38 1.21 -6.79
N CYS A 21 -2.01 0.25 -7.64
CA CYS A 21 -1.64 0.55 -9.02
C CYS A 21 -2.81 0.28 -9.97
N SER A 22 -3.90 -0.26 -9.42
CA SER A 22 -5.08 -0.58 -10.22
C SER A 22 -4.76 -1.64 -11.27
N GLN A 23 -4.20 -2.76 -10.82
CA GLN A 23 -3.84 -3.85 -11.71
C GLN A 23 -4.36 -5.18 -11.18
N PRO A 24 -4.72 -6.08 -12.10
CA PRO A 24 -5.23 -7.41 -11.75
C PRO A 24 -4.16 -8.30 -11.14
N ILE A 25 -4.38 -8.73 -9.91
CA ILE A 25 -3.42 -9.60 -9.22
C ILE A 25 -3.48 -11.02 -9.76
N LEU A 26 -2.32 -11.58 -10.08
CA LEU A 26 -2.24 -12.94 -10.60
C LEU A 26 -1.27 -13.79 -9.79
N ASP A 27 -0.08 -13.24 -9.54
CA ASP A 27 0.93 -13.95 -8.76
C ASP A 27 0.42 -14.25 -7.35
N ARG A 28 0.34 -13.22 -6.52
CA ARG A 28 -0.13 -13.39 -5.15
C ARG A 28 -1.03 -12.23 -4.75
N ILE A 29 -2.06 -12.52 -3.96
CA ILE A 29 -2.98 -11.50 -3.49
C ILE A 29 -2.84 -11.26 -2.00
N LEU A 30 -2.47 -10.03 -1.63
CA LEU A 30 -2.29 -9.67 -0.23
C LEU A 30 -3.49 -8.87 0.28
N ARG A 31 -4.26 -9.47 1.17
CA ARG A 31 -5.43 -8.82 1.74
C ARG A 31 -5.03 -7.84 2.84
N ALA A 32 -5.50 -6.60 2.72
CA ALA A 32 -5.19 -5.57 3.70
C ALA A 32 -6.29 -4.51 3.75
N MET A 33 -6.64 -4.09 4.95
CA MET A 33 -7.68 -3.08 5.15
C MET A 33 -8.98 -3.51 4.48
N GLY A 34 -9.19 -4.82 4.39
CA GLY A 34 -10.39 -5.34 3.79
C GLY A 34 -10.27 -5.52 2.28
N LYS A 35 -9.52 -4.62 1.65
CA LYS A 35 -9.31 -4.66 0.21
C LYS A 35 -8.13 -5.57 -0.14
N ALA A 36 -7.89 -5.75 -1.43
CA ALA A 36 -6.79 -6.59 -1.90
C ALA A 36 -5.70 -5.75 -2.56
N TYR A 37 -4.46 -5.99 -2.17
CA TYR A 37 -3.33 -5.25 -2.71
C TYR A 37 -2.16 -6.19 -3.01
N HIS A 38 -1.23 -5.72 -3.84
CA HIS A 38 -0.06 -6.52 -4.21
C HIS A 38 0.89 -6.66 -3.03
N PRO A 39 1.62 -7.78 -3.00
CA PRO A 39 2.58 -8.07 -1.92
C PRO A 39 3.80 -7.15 -1.97
N GLY A 40 3.79 -6.21 -2.91
CA GLY A 40 4.90 -5.29 -3.06
C GLY A 40 4.44 -3.84 -3.08
N CYS A 41 3.20 -3.61 -3.49
CA CYS A 41 2.65 -2.26 -3.57
C CYS A 41 2.39 -1.71 -2.17
N PHE A 42 1.83 -2.54 -1.29
CA PHE A 42 1.54 -2.14 0.08
C PHE A 42 2.80 -1.69 0.80
N THR A 43 2.99 -0.38 0.92
CA THR A 43 4.15 0.17 1.59
C THR A 43 3.81 1.45 2.32
N CYS A 44 4.69 1.87 3.23
CA CYS A 44 4.49 3.09 4.00
C CYS A 44 4.44 4.31 3.09
N VAL A 45 3.95 5.43 3.63
CA VAL A 45 3.87 6.67 2.87
C VAL A 45 5.06 7.58 3.15
N VAL A 46 5.70 7.37 4.29
CA VAL A 46 6.86 8.16 4.68
C VAL A 46 8.15 7.48 4.27
N CYS A 47 8.51 6.43 4.99
CA CYS A 47 9.73 5.67 4.70
C CYS A 47 9.57 4.82 3.45
N HIS A 48 8.31 4.53 3.10
CA HIS A 48 8.01 3.71 1.93
C HIS A 48 8.63 2.33 2.07
N ARG A 49 8.56 1.77 3.27
CA ARG A 49 9.10 0.44 3.52
C ARG A 49 8.02 -0.63 3.42
N GLY A 50 8.35 -1.73 2.76
CA GLY A 50 7.39 -2.81 2.60
C GLY A 50 6.56 -3.05 3.84
N LEU A 51 5.24 -3.01 3.69
CA LEU A 51 4.34 -3.21 4.82
C LEU A 51 3.50 -4.48 4.62
N ASP A 52 4.16 -5.55 4.17
CA ASP A 52 3.48 -6.82 3.94
C ASP A 52 3.62 -7.73 5.16
N GLY A 53 2.56 -7.81 5.96
CA GLY A 53 2.59 -8.65 7.14
C GLY A 53 2.94 -7.87 8.39
N ILE A 54 3.98 -7.05 8.31
CA ILE A 54 4.41 -6.24 9.45
C ILE A 54 3.25 -5.46 10.05
N PRO A 55 3.35 -5.12 11.34
CA PRO A 55 2.33 -4.37 12.05
C PRO A 55 2.24 -2.92 11.58
N PHE A 56 1.03 -2.49 11.24
CA PHE A 56 0.81 -1.12 10.77
C PHE A 56 -0.55 -0.59 11.23
N THR A 57 -0.71 0.72 11.17
CA THR A 57 -1.96 1.35 11.58
C THR A 57 -2.28 2.57 10.72
N VAL A 58 -3.55 2.72 10.37
CA VAL A 58 -3.98 3.85 9.55
C VAL A 58 -4.64 4.93 10.40
N ASP A 59 -4.95 6.06 9.78
CA ASP A 59 -5.60 7.17 10.48
C ASP A 59 -6.70 7.78 9.63
N ALA A 60 -7.32 8.85 10.14
CA ALA A 60 -8.39 9.52 9.43
C ALA A 60 -7.95 9.95 8.03
N THR A 61 -6.68 10.32 7.91
CA THR A 61 -6.14 10.75 6.62
C THR A 61 -5.96 9.57 5.68
N SER A 62 -6.17 8.37 6.20
CA SER A 62 -6.03 7.15 5.41
C SER A 62 -4.62 7.04 4.83
N GLN A 63 -3.62 7.29 5.67
CA GLN A 63 -2.23 7.23 5.25
C GLN A 63 -1.46 6.18 6.06
N ILE A 64 -1.53 4.93 5.62
CA ILE A 64 -0.84 3.84 6.30
C ILE A 64 0.54 4.27 6.77
N HIS A 65 0.68 4.45 8.07
CA HIS A 65 1.97 4.85 8.65
C HIS A 65 2.55 3.75 9.52
N CYS A 66 3.69 3.20 9.09
CA CYS A 66 4.34 2.13 9.83
C CYS A 66 4.55 2.52 11.29
N ILE A 67 4.31 1.58 12.19
CA ILE A 67 4.48 1.83 13.61
C ILE A 67 5.63 2.80 13.88
N GLU A 68 6.80 2.47 13.36
CA GLU A 68 7.98 3.32 13.54
C GLU A 68 7.63 4.79 13.34
N ASP A 69 7.19 5.13 12.13
CA ASP A 69 6.81 6.50 11.81
C ASP A 69 5.59 6.93 12.63
N PHE A 70 4.50 6.19 12.49
CA PHE A 70 3.27 6.50 13.22
C PHE A 70 3.57 7.00 14.62
N HIS A 71 4.63 6.46 15.22
CA HIS A 71 5.04 6.85 16.57
C HIS A 71 5.71 8.23 16.55
N ARG A 72 6.89 8.29 15.96
CA ARG A 72 7.63 9.54 15.88
C ARG A 72 6.74 10.69 15.43
N LYS A 73 6.01 10.47 14.34
CA LYS A 73 5.11 11.48 13.80
C LYS A 73 4.20 12.03 14.90
N PHE A 74 3.60 11.14 15.67
CA PHE A 74 2.71 11.54 16.76
C PHE A 74 3.49 11.77 18.05
N ALA A 75 4.81 11.89 17.92
CA ALA A 75 5.66 12.12 19.08
C ALA A 75 6.58 13.32 18.85
N SER A 76 6.85 14.05 19.93
CA SER A 76 7.70 15.23 19.85
C SER A 76 7.21 16.20 18.78
N GLY A 77 5.91 16.45 18.78
CA GLY A 77 5.32 17.35 17.81
C GLY A 77 3.85 17.64 18.09
N PRO A 78 3.41 18.86 17.74
CA PRO A 78 2.03 19.29 17.96
C PRO A 78 1.06 18.57 17.02
N SER A 79 0.08 17.87 17.60
CA SER A 79 -0.90 17.15 16.82
C SER A 79 -2.12 16.79 17.68
N SER A 80 -3.30 16.92 17.09
CA SER A 80 -4.54 16.61 17.80
C SER A 80 -5.04 15.22 17.46
N GLY A 81 -5.17 14.94 16.16
CA GLY A 81 -5.63 13.64 15.71
C GLY A 81 -5.08 13.27 14.36
ZN ZN B . -0.20 -3.05 -7.26
ZN ZN C . 7.23 4.52 7.57
N GLY A 1 11.06 18.44 -22.05
CA GLY A 1 10.41 17.33 -22.74
C GLY A 1 9.12 16.91 -22.06
N SER A 2 8.50 15.87 -22.58
CA SER A 2 7.25 15.37 -22.04
C SER A 2 7.19 13.84 -22.12
N SER A 3 6.53 13.23 -21.13
CA SER A 3 6.40 11.77 -21.09
C SER A 3 5.16 11.36 -20.31
N GLY A 4 4.91 10.05 -20.26
CA GLY A 4 3.75 9.55 -19.54
C GLY A 4 3.09 8.38 -20.25
N SER A 5 2.24 7.66 -19.53
CA SER A 5 1.54 6.51 -20.09
C SER A 5 0.53 5.94 -19.10
N SER A 6 -0.64 5.58 -19.61
CA SER A 6 -1.70 5.02 -18.77
C SER A 6 -2.57 4.05 -19.57
N GLY A 7 -2.66 2.82 -19.07
CA GLY A 7 -3.47 1.82 -19.75
C GLY A 7 -4.78 1.54 -19.03
N GLU A 8 -5.72 0.93 -19.74
CA GLU A 8 -7.02 0.62 -19.16
C GLU A 8 -7.27 -0.88 -19.16
N GLY A 9 -7.45 -1.44 -17.96
CA GLY A 9 -7.68 -2.86 -17.84
C GLY A 9 -8.54 -3.41 -18.96
N CYS A 10 -8.33 -4.68 -19.30
CA CYS A 10 -9.09 -5.32 -20.37
C CYS A 10 -9.66 -6.66 -19.90
N TYR A 11 -8.77 -7.57 -19.53
CA TYR A 11 -9.18 -8.88 -19.06
C TYR A 11 -10.17 -8.77 -17.90
N VAL A 12 -10.85 -9.88 -17.60
CA VAL A 12 -11.82 -9.90 -16.52
C VAL A 12 -12.07 -11.33 -16.03
N ALA A 13 -11.98 -11.53 -14.72
CA ALA A 13 -12.19 -12.85 -14.13
C ALA A 13 -12.27 -12.75 -12.61
N THR A 14 -12.38 -13.91 -11.96
CA THR A 14 -12.46 -13.96 -10.50
C THR A 14 -11.11 -13.65 -9.86
N LEU A 15 -10.77 -12.37 -9.81
CA LEU A 15 -9.50 -11.95 -9.23
C LEU A 15 -9.64 -10.55 -8.61
N GLU A 16 -8.80 -10.28 -7.61
CA GLU A 16 -8.82 -8.98 -6.94
C GLU A 16 -7.83 -8.02 -7.59
N LYS A 17 -8.27 -6.79 -7.81
CA LYS A 17 -7.43 -5.77 -8.42
C LYS A 17 -6.74 -4.92 -7.35
N CYS A 18 -5.43 -4.78 -7.47
CA CYS A 18 -4.65 -4.00 -6.51
C CYS A 18 -5.23 -2.59 -6.38
N ALA A 19 -5.38 -2.13 -5.14
CA ALA A 19 -5.90 -0.79 -4.89
C ALA A 19 -4.78 0.23 -4.74
N THR A 20 -3.64 -0.07 -5.34
CA THR A 20 -2.48 0.82 -5.27
C THR A 20 -2.02 1.24 -6.66
N CYS A 21 -1.98 0.27 -7.57
CA CYS A 21 -1.54 0.52 -8.94
C CYS A 21 -2.69 0.26 -9.92
N SER A 22 -3.78 -0.29 -9.41
CA SER A 22 -4.94 -0.59 -10.25
C SER A 22 -4.60 -1.68 -11.27
N GLN A 23 -4.06 -2.80 -10.77
CA GLN A 23 -3.70 -3.91 -11.64
C GLN A 23 -4.23 -5.23 -11.07
N PRO A 24 -4.59 -6.16 -11.98
CA PRO A 24 -5.13 -7.47 -11.59
C PRO A 24 -4.06 -8.36 -10.97
N ILE A 25 -4.31 -8.80 -9.73
CA ILE A 25 -3.38 -9.66 -9.02
C ILE A 25 -3.44 -11.08 -9.54
N LEU A 26 -2.27 -11.65 -9.84
CA LEU A 26 -2.19 -13.02 -10.35
C LEU A 26 -1.20 -13.85 -9.54
N ASP A 27 -0.03 -13.27 -9.28
CA ASP A 27 1.00 -13.95 -8.51
C ASP A 27 0.51 -14.27 -7.09
N ARG A 28 0.35 -13.22 -6.28
CA ARG A 28 -0.11 -13.40 -4.91
C ARG A 28 -1.02 -12.24 -4.49
N ILE A 29 -2.03 -12.55 -3.69
CA ILE A 29 -2.96 -11.53 -3.23
C ILE A 29 -2.81 -11.28 -1.73
N LEU A 30 -2.47 -10.04 -1.37
CA LEU A 30 -2.29 -9.67 0.02
C LEU A 30 -3.48 -8.88 0.55
N ARG A 31 -4.25 -9.50 1.43
CA ARG A 31 -5.42 -8.86 2.01
C ARG A 31 -5.02 -7.87 3.11
N ALA A 32 -5.41 -6.61 2.94
CA ALA A 32 -5.10 -5.57 3.91
C ALA A 32 -6.14 -4.46 3.89
N MET A 33 -6.62 -4.07 5.07
CA MET A 33 -7.62 -3.02 5.18
C MET A 33 -8.93 -3.43 4.49
N GLY A 34 -9.20 -4.73 4.48
CA GLY A 34 -10.41 -5.23 3.85
C GLY A 34 -10.27 -5.37 2.36
N LYS A 35 -9.50 -4.48 1.74
CA LYS A 35 -9.29 -4.52 0.30
C LYS A 35 -8.13 -5.45 -0.06
N ALA A 36 -7.87 -5.58 -1.36
CA ALA A 36 -6.79 -6.43 -1.83
C ALA A 36 -5.66 -5.61 -2.44
N TYR A 37 -4.43 -5.89 -2.01
CA TYR A 37 -3.26 -5.18 -2.50
C TYR A 37 -2.12 -6.14 -2.81
N HIS A 38 -1.21 -5.71 -3.67
CA HIS A 38 -0.07 -6.53 -4.06
C HIS A 38 0.89 -6.71 -2.89
N PRO A 39 1.60 -7.86 -2.87
CA PRO A 39 2.56 -8.17 -1.81
C PRO A 39 3.80 -7.29 -1.86
N GLY A 40 3.80 -6.32 -2.78
CA GLY A 40 4.93 -5.43 -2.92
C GLY A 40 4.51 -3.97 -2.94
N CYS A 41 3.28 -3.72 -3.36
CA CYS A 41 2.76 -2.35 -3.42
C CYS A 41 2.52 -1.80 -2.02
N PHE A 42 1.91 -2.60 -1.16
CA PHE A 42 1.62 -2.18 0.21
C PHE A 42 2.88 -1.66 0.89
N THR A 43 2.99 -0.34 0.99
CA THR A 43 4.14 0.29 1.62
C THR A 43 3.74 1.55 2.38
N CYS A 44 4.65 2.04 3.21
CA CYS A 44 4.38 3.24 4.00
C CYS A 44 4.25 4.47 3.11
N VAL A 45 3.71 5.54 3.67
CA VAL A 45 3.52 6.78 2.92
C VAL A 45 4.68 7.75 3.16
N VAL A 46 5.36 7.58 4.28
CA VAL A 46 6.50 8.43 4.63
C VAL A 46 7.81 7.80 4.19
N CYS A 47 8.24 6.78 4.92
CA CYS A 47 9.48 6.08 4.61
C CYS A 47 9.33 5.23 3.34
N HIS A 48 8.09 4.85 3.04
CA HIS A 48 7.81 4.04 1.86
C HIS A 48 8.48 2.67 1.98
N ARG A 49 8.20 1.97 3.07
CA ARG A 49 8.78 0.65 3.30
C ARG A 49 7.71 -0.44 3.12
N GLY A 50 8.15 -1.62 2.71
CA GLY A 50 7.23 -2.73 2.52
C GLY A 50 6.59 -3.18 3.81
N LEU A 51 5.29 -2.98 3.93
CA LEU A 51 4.55 -3.37 5.14
C LEU A 51 3.91 -4.74 4.96
N ASP A 52 4.65 -5.66 4.33
CA ASP A 52 4.16 -7.01 4.10
C ASP A 52 4.70 -7.98 5.15
N GLY A 53 3.88 -8.27 6.15
CA GLY A 53 4.30 -9.18 7.21
C GLY A 53 4.57 -8.47 8.51
N ILE A 54 4.34 -7.17 8.54
CA ILE A 54 4.56 -6.37 9.73
C ILE A 54 3.32 -5.54 10.08
N PRO A 55 3.20 -5.18 11.36
CA PRO A 55 2.07 -4.38 11.86
C PRO A 55 2.12 -2.94 11.36
N PHE A 56 0.96 -2.29 11.34
CA PHE A 56 0.87 -0.91 10.87
C PHE A 56 -0.38 -0.23 11.44
N THR A 57 -0.60 1.02 11.03
CA THR A 57 -1.75 1.78 11.50
C THR A 57 -2.09 2.90 10.53
N VAL A 58 -3.38 3.07 10.27
CA VAL A 58 -3.85 4.12 9.35
C VAL A 58 -4.35 5.34 10.13
N ASP A 59 -4.49 6.45 9.42
CA ASP A 59 -4.97 7.69 10.04
C ASP A 59 -6.25 8.18 9.38
N ALA A 60 -6.81 9.25 9.91
CA ALA A 60 -8.05 9.81 9.37
C ALA A 60 -8.01 9.87 7.85
N THR A 61 -6.84 10.21 7.31
CA THR A 61 -6.66 10.31 5.86
C THR A 61 -6.31 8.96 5.26
N SER A 62 -6.75 7.89 5.92
CA SER A 62 -6.47 6.54 5.44
C SER A 62 -5.03 6.41 4.95
N GLN A 63 -4.11 7.06 5.66
CA GLN A 63 -2.70 7.03 5.29
C GLN A 63 -1.95 5.99 6.12
N ILE A 64 -1.78 4.80 5.56
CA ILE A 64 -1.08 3.72 6.24
C ILE A 64 0.33 4.15 6.65
N HIS A 65 0.50 4.43 7.93
CA HIS A 65 1.80 4.85 8.45
C HIS A 65 2.42 3.75 9.30
N CYS A 66 3.53 3.19 8.81
CA CYS A 66 4.22 2.13 9.53
C CYS A 66 4.42 2.50 11.00
N ILE A 67 4.08 1.57 11.89
CA ILE A 67 4.21 1.79 13.32
C ILE A 67 5.43 2.67 13.62
N GLU A 68 6.61 2.17 13.26
CA GLU A 68 7.85 2.91 13.50
C GLU A 68 7.66 4.40 13.22
N ASP A 69 7.04 4.71 12.09
CA ASP A 69 6.79 6.10 11.70
C ASP A 69 5.63 6.67 12.49
N PHE A 70 4.43 6.13 12.25
CA PHE A 70 3.23 6.60 12.93
C PHE A 70 3.51 6.87 14.40
N HIS A 71 4.54 6.22 14.93
CA HIS A 71 4.91 6.39 16.34
C HIS A 71 5.63 7.72 16.54
N ARG A 72 6.80 7.87 15.94
CA ARG A 72 7.59 9.09 16.06
C ARG A 72 6.80 10.30 15.54
N LYS A 73 6.05 10.09 14.46
CA LYS A 73 5.26 11.15 13.87
C LYS A 73 4.26 11.71 14.89
N PHE A 74 3.45 10.84 15.45
CA PHE A 74 2.45 11.23 16.44
C PHE A 74 3.12 11.72 17.73
N ALA A 75 4.22 11.07 18.09
CA ALA A 75 4.95 11.44 19.29
C ALA A 75 6.07 12.43 18.98
N SER A 76 5.74 13.44 18.17
CA SER A 76 6.72 14.45 17.78
C SER A 76 6.70 15.62 18.77
N GLY A 77 5.52 16.21 18.96
CA GLY A 77 5.40 17.32 19.88
C GLY A 77 3.97 17.51 20.38
N PRO A 78 3.79 18.45 21.32
CA PRO A 78 2.47 18.73 21.90
C PRO A 78 1.53 19.41 20.91
N SER A 79 2.05 20.40 20.19
CA SER A 79 1.26 21.13 19.21
C SER A 79 1.15 20.35 17.91
N SER A 80 2.25 19.75 17.49
CA SER A 80 2.28 18.96 16.26
C SER A 80 2.35 17.47 16.56
N GLY A 81 1.27 16.76 16.27
CA GLY A 81 1.23 15.33 16.53
C GLY A 81 -0.09 14.88 17.11
ZN ZN B . -0.12 -3.14 -7.13
ZN ZN C . 7.12 4.71 7.52
N GLY A 1 16.14 10.74 -22.25
CA GLY A 1 14.96 10.02 -21.80
C GLY A 1 14.50 8.97 -22.79
N SER A 2 14.60 7.71 -22.39
CA SER A 2 14.19 6.60 -23.25
C SER A 2 12.67 6.52 -23.36
N SER A 3 12.16 6.73 -24.56
CA SER A 3 10.72 6.67 -24.80
C SER A 3 10.27 5.26 -25.15
N GLY A 4 9.11 4.87 -24.64
CA GLY A 4 8.59 3.55 -24.91
C GLY A 4 7.20 3.33 -24.34
N SER A 5 6.59 2.20 -24.68
CA SER A 5 5.25 1.89 -24.19
C SER A 5 4.98 0.39 -24.28
N SER A 6 4.41 -0.17 -23.22
CA SER A 6 4.09 -1.59 -23.17
C SER A 6 2.60 -1.83 -23.36
N GLY A 7 2.18 -1.95 -24.61
CA GLY A 7 0.78 -2.19 -24.90
C GLY A 7 0.33 -3.58 -24.52
N GLU A 8 -0.73 -3.66 -23.72
CA GLU A 8 -1.26 -4.96 -23.28
C GLU A 8 -2.75 -4.86 -23.00
N GLY A 9 -3.40 -6.02 -22.90
CA GLY A 9 -4.83 -6.06 -22.64
C GLY A 9 -5.16 -6.64 -21.28
N CYS A 10 -6.45 -6.66 -20.94
CA CYS A 10 -6.89 -7.19 -19.67
C CYS A 10 -8.25 -7.88 -19.80
N TYR A 11 -8.56 -8.76 -18.86
CA TYR A 11 -9.83 -9.48 -18.87
C TYR A 11 -10.45 -9.51 -17.48
N VAL A 12 -11.77 -9.70 -17.44
CA VAL A 12 -12.48 -9.77 -16.17
C VAL A 12 -12.55 -11.19 -15.63
N ALA A 13 -12.43 -11.33 -14.31
CA ALA A 13 -12.46 -12.64 -13.67
C ALA A 13 -12.57 -12.50 -12.16
N THR A 14 -12.57 -13.65 -11.47
CA THR A 14 -12.67 -13.66 -10.01
C THR A 14 -11.33 -13.30 -9.38
N LEU A 15 -10.73 -12.22 -9.86
CA LEU A 15 -9.44 -11.77 -9.33
C LEU A 15 -9.56 -10.36 -8.76
N GLU A 16 -8.96 -10.14 -7.58
CA GLU A 16 -9.00 -8.85 -6.93
C GLU A 16 -7.98 -7.89 -7.56
N LYS A 17 -8.36 -6.62 -7.65
CA LYS A 17 -7.49 -5.61 -8.22
C LYS A 17 -6.76 -4.82 -7.13
N CYS A 18 -5.45 -4.73 -7.26
CA CYS A 18 -4.63 -4.02 -6.29
C CYS A 18 -5.18 -2.62 -6.04
N ALA A 19 -5.27 -2.24 -4.77
CA ALA A 19 -5.78 -0.92 -4.40
C ALA A 19 -4.64 0.07 -4.22
N THR A 20 -3.53 -0.17 -4.90
CA THR A 20 -2.38 0.71 -4.81
C THR A 20 -1.94 1.20 -6.18
N CYS A 21 -1.90 0.28 -7.15
CA CYS A 21 -1.50 0.62 -8.51
C CYS A 21 -2.68 0.46 -9.47
N SER A 22 -3.74 -0.19 -9.00
CA SER A 22 -4.91 -0.42 -9.82
C SER A 22 -4.65 -1.48 -10.89
N GLN A 23 -4.03 -2.58 -10.48
CA GLN A 23 -3.71 -3.66 -11.39
C GLN A 23 -4.25 -4.99 -10.87
N PRO A 24 -4.64 -5.88 -11.80
CA PRO A 24 -5.17 -7.20 -11.45
C PRO A 24 -4.10 -8.13 -10.88
N ILE A 25 -4.35 -8.63 -9.68
CA ILE A 25 -3.42 -9.53 -9.02
C ILE A 25 -3.51 -10.94 -9.59
N LEU A 26 -2.38 -11.49 -10.00
CA LEU A 26 -2.33 -12.83 -10.57
C LEU A 26 -1.37 -13.72 -9.80
N ASP A 27 -0.22 -13.16 -9.41
CA ASP A 27 0.78 -13.89 -8.66
C ASP A 27 0.26 -14.24 -7.26
N ARG A 28 0.22 -13.24 -6.38
CA ARG A 28 -0.24 -13.44 -5.02
C ARG A 28 -1.13 -12.28 -4.57
N ILE A 29 -2.18 -12.60 -3.82
CA ILE A 29 -3.11 -11.59 -3.33
C ILE A 29 -2.94 -11.38 -1.83
N LEU A 30 -2.55 -10.17 -1.44
CA LEU A 30 -2.36 -9.83 -0.03
C LEU A 30 -3.55 -9.06 0.50
N ARG A 31 -4.26 -9.64 1.46
CA ARG A 31 -5.42 -9.01 2.06
C ARG A 31 -5.00 -8.02 3.14
N ALA A 32 -5.42 -6.78 3.00
CA ALA A 32 -5.08 -5.74 3.98
C ALA A 32 -6.14 -4.64 4.00
N MET A 33 -6.62 -4.30 5.19
CA MET A 33 -7.63 -3.27 5.35
C MET A 33 -8.94 -3.68 4.68
N GLY A 34 -9.14 -4.99 4.56
CA GLY A 34 -10.36 -5.50 3.94
C GLY A 34 -10.22 -5.63 2.43
N LYS A 35 -9.45 -4.73 1.83
CA LYS A 35 -9.24 -4.75 0.39
C LYS A 35 -8.09 -5.68 0.02
N ALA A 36 -7.82 -5.80 -1.27
CA ALA A 36 -6.74 -6.65 -1.76
C ALA A 36 -5.64 -5.83 -2.41
N TYR A 37 -4.40 -6.08 -2.01
CA TYR A 37 -3.25 -5.36 -2.55
C TYR A 37 -2.10 -6.31 -2.85
N HIS A 38 -1.14 -5.84 -3.66
CA HIS A 38 0.01 -6.65 -4.02
C HIS A 38 0.96 -6.81 -2.84
N PRO A 39 1.67 -7.94 -2.79
CA PRO A 39 2.62 -8.25 -1.72
C PRO A 39 3.86 -7.36 -1.78
N GLY A 40 3.87 -6.43 -2.72
CA GLY A 40 5.00 -5.53 -2.85
C GLY A 40 4.59 -4.07 -2.87
N CYS A 41 3.33 -3.82 -3.22
CA CYS A 41 2.80 -2.46 -3.28
C CYS A 41 2.59 -1.90 -1.87
N PHE A 42 2.02 -2.73 -1.00
CA PHE A 42 1.75 -2.31 0.38
C PHE A 42 3.01 -1.76 1.04
N THR A 43 3.14 -0.43 1.01
CA THR A 43 4.31 0.23 1.59
C THR A 43 3.91 1.52 2.31
N CYS A 44 4.81 2.04 3.14
CA CYS A 44 4.54 3.27 3.87
C CYS A 44 4.43 4.47 2.92
N VAL A 45 3.91 5.57 3.43
CA VAL A 45 3.74 6.78 2.63
C VAL A 45 4.89 7.75 2.88
N VAL A 46 5.58 7.58 4.00
CA VAL A 46 6.70 8.45 4.36
C VAL A 46 8.02 7.83 3.92
N CYS A 47 8.45 6.79 4.62
CA CYS A 47 9.71 6.12 4.31
C CYS A 47 9.55 5.22 3.09
N HIS A 48 8.31 4.82 2.81
CA HIS A 48 8.02 3.95 1.68
C HIS A 48 8.61 2.56 1.89
N ARG A 49 8.55 2.08 3.14
CA ARG A 49 9.08 0.77 3.47
C ARG A 49 8.05 -0.32 3.19
N GLY A 50 8.52 -1.56 3.09
CA GLY A 50 7.63 -2.67 2.83
C GLY A 50 6.85 -3.09 4.06
N LEU A 51 5.53 -2.98 3.98
CA LEU A 51 4.66 -3.34 5.10
C LEU A 51 3.88 -4.62 4.79
N ASP A 52 4.51 -5.51 4.03
CA ASP A 52 3.89 -6.78 3.66
C ASP A 52 4.33 -7.90 4.59
N GLY A 53 3.78 -7.91 5.80
CA GLY A 53 4.13 -8.93 6.77
C GLY A 53 4.49 -8.35 8.12
N ILE A 54 4.15 -7.09 8.33
CA ILE A 54 4.43 -6.41 9.59
C ILE A 54 3.25 -5.56 10.04
N PRO A 55 3.24 -5.22 11.34
CA PRO A 55 2.18 -4.41 11.93
C PRO A 55 2.22 -2.96 11.44
N PHE A 56 1.04 -2.36 11.28
CA PHE A 56 0.94 -0.98 10.81
C PHE A 56 -0.35 -0.33 11.30
N THR A 57 -0.58 0.91 10.90
CA THR A 57 -1.77 1.64 11.29
C THR A 57 -2.10 2.74 10.29
N VAL A 58 -3.40 2.99 10.10
CA VAL A 58 -3.85 4.01 9.16
C VAL A 58 -4.48 5.18 9.89
N ASP A 59 -4.92 6.19 9.14
CA ASP A 59 -5.55 7.37 9.72
C ASP A 59 -6.66 7.88 8.82
N ALA A 60 -7.25 9.01 9.20
CA ALA A 60 -8.33 9.62 8.43
C ALA A 60 -7.99 9.65 6.94
N THR A 61 -6.88 10.29 6.61
CA THR A 61 -6.44 10.41 5.23
C THR A 61 -6.20 9.03 4.62
N SER A 62 -6.22 8.00 5.46
CA SER A 62 -6.00 6.64 5.00
C SER A 62 -4.58 6.47 4.45
N GLN A 63 -3.61 7.07 5.13
CA GLN A 63 -2.21 7.00 4.71
C GLN A 63 -1.44 6.02 5.58
N ILE A 64 -1.56 4.73 5.28
CA ILE A 64 -0.87 3.70 6.04
C ILE A 64 0.50 4.19 6.51
N HIS A 65 0.62 4.41 7.82
CA HIS A 65 1.88 4.88 8.39
C HIS A 65 2.53 3.78 9.23
N CYS A 66 3.69 3.30 8.76
CA CYS A 66 4.41 2.25 9.46
C CYS A 66 4.59 2.60 10.94
N ILE A 67 4.32 1.62 11.80
CA ILE A 67 4.45 1.82 13.24
C ILE A 67 5.58 2.80 13.56
N GLU A 68 6.80 2.41 13.22
CA GLU A 68 7.97 3.25 13.47
C GLU A 68 7.65 4.72 13.23
N ASP A 69 7.20 5.03 12.01
CA ASP A 69 6.86 6.40 11.65
C ASP A 69 5.66 6.89 12.46
N PHE A 70 4.52 6.22 12.27
CA PHE A 70 3.30 6.59 12.98
C PHE A 70 3.61 7.06 14.40
N HIS A 71 4.06 6.13 15.23
CA HIS A 71 4.39 6.45 16.62
C HIS A 71 5.15 7.76 16.70
N ARG A 72 6.29 7.84 16.03
CA ARG A 72 7.10 9.05 16.03
C ARG A 72 6.23 10.29 15.81
N LYS A 73 5.38 10.24 14.80
CA LYS A 73 4.50 11.36 14.48
C LYS A 73 3.64 11.72 15.69
N PHE A 74 2.83 10.77 16.15
CA PHE A 74 1.95 10.99 17.28
C PHE A 74 2.69 10.73 18.59
N ALA A 75 4.02 10.75 18.53
CA ALA A 75 4.84 10.52 19.71
C ALA A 75 5.25 11.83 20.36
N SER A 76 5.02 11.93 21.67
CA SER A 76 5.36 13.14 22.42
C SER A 76 6.80 13.55 22.16
N GLY A 77 7.00 14.80 21.78
CA GLY A 77 8.34 15.30 21.51
C GLY A 77 8.55 16.71 22.01
N PRO A 78 9.79 17.20 21.93
CA PRO A 78 10.15 18.55 22.38
C PRO A 78 9.57 19.64 21.47
N SER A 79 9.07 19.22 20.30
CA SER A 79 8.49 20.16 19.34
C SER A 79 6.99 19.91 19.21
N SER A 80 6.26 20.97 18.82
CA SER A 80 4.82 20.87 18.65
C SER A 80 4.43 21.02 17.18
N GLY A 81 3.95 19.93 16.59
CA GLY A 81 3.55 19.95 15.20
C GLY A 81 4.37 18.99 14.34
ZN ZN B . -0.09 -3.15 -6.94
ZN ZN C . 7.22 4.89 7.34
N GLY A 1 6.09 14.55 -29.47
CA GLY A 1 6.19 13.89 -28.18
C GLY A 1 4.84 13.67 -27.53
N SER A 2 4.06 12.73 -28.06
CA SER A 2 2.74 12.44 -27.53
C SER A 2 2.84 11.58 -26.27
N SER A 3 1.71 11.37 -25.61
CA SER A 3 1.66 10.57 -24.40
C SER A 3 0.34 9.83 -24.28
N GLY A 4 0.35 8.74 -23.50
CA GLY A 4 -0.86 7.95 -23.31
C GLY A 4 -0.77 6.60 -23.99
N SER A 5 -1.63 5.67 -23.57
CA SER A 5 -1.63 4.33 -24.14
C SER A 5 -3.06 3.84 -24.34
N SER A 6 -3.20 2.66 -24.94
CA SER A 6 -4.50 2.08 -25.20
C SER A 6 -4.42 0.56 -25.25
N GLY A 7 -5.57 -0.11 -25.09
CA GLY A 7 -5.60 -1.55 -25.12
C GLY A 7 -7.01 -2.10 -25.20
N GLU A 8 -7.26 -2.95 -26.19
CA GLU A 8 -8.58 -3.54 -26.39
C GLU A 8 -8.69 -4.88 -25.66
N GLY A 9 -9.86 -5.17 -25.11
CA GLY A 9 -10.06 -6.42 -24.41
C GLY A 9 -9.72 -6.32 -22.94
N CYS A 10 -10.47 -7.04 -22.10
CA CYS A 10 -10.23 -7.02 -20.66
C CYS A 10 -10.25 -8.44 -20.10
N TYR A 11 -9.25 -8.75 -19.28
CA TYR A 11 -9.16 -10.08 -18.68
C TYR A 11 -9.85 -10.11 -17.33
N VAL A 12 -10.62 -9.07 -17.04
CA VAL A 12 -11.34 -8.98 -15.77
C VAL A 12 -11.81 -10.35 -15.30
N ALA A 13 -11.92 -10.52 -13.99
CA ALA A 13 -12.37 -11.78 -13.42
C ALA A 13 -12.52 -11.67 -11.90
N THR A 14 -12.94 -12.76 -11.28
CA THR A 14 -13.14 -12.78 -9.83
C THR A 14 -11.87 -12.35 -9.10
N LEU A 15 -10.76 -12.33 -9.82
CA LEU A 15 -9.48 -11.93 -9.24
C LEU A 15 -9.56 -10.50 -8.71
N GLU A 16 -8.95 -10.27 -7.54
CA GLU A 16 -8.95 -8.95 -6.92
C GLU A 16 -7.95 -8.03 -7.61
N LYS A 17 -8.32 -6.77 -7.79
CA LYS A 17 -7.46 -5.79 -8.42
C LYS A 17 -6.75 -4.92 -7.39
N CYS A 18 -5.43 -4.89 -7.44
CA CYS A 18 -4.64 -4.10 -6.50
C CYS A 18 -5.23 -2.70 -6.35
N ALA A 19 -5.38 -2.27 -5.11
CA ALA A 19 -5.93 -0.94 -4.82
C ALA A 19 -4.82 0.09 -4.69
N THR A 20 -3.65 -0.22 -5.23
CA THR A 20 -2.50 0.68 -5.17
C THR A 20 -2.08 1.13 -6.57
N CYS A 21 -1.97 0.16 -7.49
CA CYS A 21 -1.57 0.47 -8.85
C CYS A 21 -2.74 0.24 -9.81
N SER A 22 -3.78 -0.42 -9.33
CA SER A 22 -4.96 -0.69 -10.15
C SER A 22 -4.68 -1.79 -11.17
N GLN A 23 -4.04 -2.87 -10.70
CA GLN A 23 -3.70 -3.99 -11.58
C GLN A 23 -4.24 -5.30 -11.02
N PRO A 24 -4.61 -6.22 -11.91
CA PRO A 24 -5.14 -7.54 -11.51
C PRO A 24 -4.08 -8.43 -10.89
N ILE A 25 -4.33 -8.88 -9.67
CA ILE A 25 -3.39 -9.75 -8.96
C ILE A 25 -3.48 -11.18 -9.47
N LEU A 26 -2.35 -11.73 -9.87
CA LEU A 26 -2.30 -13.10 -10.38
C LEU A 26 -1.31 -13.94 -9.58
N ASP A 27 -0.16 -13.36 -9.27
CA ASP A 27 0.87 -14.05 -8.50
C ASP A 27 0.39 -14.36 -7.09
N ARG A 28 0.27 -13.32 -6.27
CA ARG A 28 -0.19 -13.49 -4.89
C ARG A 28 -1.10 -12.34 -4.48
N ILE A 29 -2.16 -12.67 -3.74
CA ILE A 29 -3.10 -11.66 -3.28
C ILE A 29 -2.93 -11.37 -1.78
N LEU A 30 -2.50 -10.17 -1.45
CA LEU A 30 -2.29 -9.78 -0.06
C LEU A 30 -3.49 -8.97 0.45
N ARG A 31 -4.22 -9.57 1.38
CA ARG A 31 -5.39 -8.92 1.96
C ARG A 31 -4.98 -7.94 3.06
N ALA A 32 -5.37 -6.68 2.90
CA ALA A 32 -5.04 -5.65 3.88
C ALA A 32 -6.07 -4.53 3.86
N MET A 33 -6.51 -4.12 5.04
CA MET A 33 -7.50 -3.06 5.17
C MET A 33 -8.82 -3.45 4.52
N GLY A 34 -9.11 -4.75 4.54
CA GLY A 34 -10.34 -5.25 3.93
C GLY A 34 -10.21 -5.44 2.43
N LYS A 35 -9.47 -4.56 1.78
CA LYS A 35 -9.28 -4.64 0.34
C LYS A 35 -8.11 -5.55 0.00
N ALA A 36 -7.85 -5.72 -1.29
CA ALA A 36 -6.74 -6.56 -1.75
C ALA A 36 -5.63 -5.73 -2.36
N TYR A 37 -4.39 -6.04 -2.00
CA TYR A 37 -3.23 -5.31 -2.53
C TYR A 37 -2.11 -6.27 -2.89
N HIS A 38 -1.19 -5.81 -3.72
CA HIS A 38 -0.05 -6.62 -4.15
C HIS A 38 0.93 -6.81 -3.00
N PRO A 39 1.62 -7.97 -2.99
CA PRO A 39 2.60 -8.31 -1.96
C PRO A 39 3.86 -7.45 -2.06
N GLY A 40 3.86 -6.51 -2.99
CA GLY A 40 5.01 -5.64 -3.17
C GLY A 40 4.63 -4.18 -3.18
N CYS A 41 3.37 -3.89 -3.49
CA CYS A 41 2.89 -2.52 -3.54
C CYS A 41 2.71 -1.96 -2.13
N PHE A 42 2.19 -2.77 -1.23
CA PHE A 42 1.98 -2.35 0.16
C PHE A 42 3.25 -1.74 0.74
N THR A 43 3.20 -0.45 1.02
CA THR A 43 4.35 0.25 1.59
C THR A 43 3.91 1.48 2.38
N CYS A 44 4.83 2.04 3.16
CA CYS A 44 4.54 3.21 3.97
C CYS A 44 4.36 4.44 3.09
N VAL A 45 3.80 5.51 3.68
CA VAL A 45 3.57 6.74 2.96
C VAL A 45 4.68 7.75 3.22
N VAL A 46 5.42 7.53 4.31
CA VAL A 46 6.51 8.42 4.67
C VAL A 46 7.86 7.83 4.29
N CYS A 47 8.22 6.73 4.94
CA CYS A 47 9.48 6.05 4.67
C CYS A 47 9.36 5.13 3.45
N HIS A 48 8.13 4.88 3.03
CA HIS A 48 7.87 4.03 1.87
C HIS A 48 8.60 2.68 2.02
N ARG A 49 8.42 2.06 3.19
CA ARG A 49 9.06 0.78 3.45
C ARG A 49 8.06 -0.37 3.27
N GLY A 50 8.58 -1.53 2.87
CA GLY A 50 7.72 -2.69 2.65
C GLY A 50 6.97 -3.08 3.90
N LEU A 51 5.65 -2.94 3.86
CA LEU A 51 4.81 -3.28 5.00
C LEU A 51 4.08 -4.61 4.75
N ASP A 52 4.68 -5.47 3.94
CA ASP A 52 4.10 -6.77 3.63
C ASP A 52 4.61 -7.84 4.59
N GLY A 53 3.95 -7.97 5.73
CA GLY A 53 4.35 -8.95 6.72
C GLY A 53 4.71 -8.33 8.05
N ILE A 54 4.28 -7.09 8.25
CA ILE A 54 4.56 -6.37 9.50
C ILE A 54 3.36 -5.55 9.95
N PRO A 55 3.34 -5.20 11.24
CA PRO A 55 2.26 -4.40 11.82
C PRO A 55 2.26 -2.96 11.32
N PHE A 56 1.07 -2.38 11.19
CA PHE A 56 0.95 -1.00 10.72
C PHE A 56 -0.34 -0.38 11.23
N THR A 57 -0.60 0.86 10.80
CA THR A 57 -1.81 1.57 11.21
C THR A 57 -2.09 2.76 10.29
N VAL A 58 -3.36 2.93 9.94
CA VAL A 58 -3.76 4.02 9.06
C VAL A 58 -4.35 5.18 9.85
N ASP A 59 -4.52 6.32 9.20
CA ASP A 59 -5.08 7.50 9.84
C ASP A 59 -6.33 7.97 9.12
N ALA A 60 -6.90 9.07 9.59
CA ALA A 60 -8.11 9.63 8.99
C ALA A 60 -7.99 9.69 7.47
N THR A 61 -6.77 9.94 6.99
CA THR A 61 -6.53 10.02 5.56
C THR A 61 -6.07 8.68 5.00
N SER A 62 -6.63 7.60 5.54
CA SER A 62 -6.29 6.26 5.09
C SER A 62 -4.81 6.18 4.70
N GLN A 63 -3.95 6.82 5.49
CA GLN A 63 -2.52 6.83 5.22
C GLN A 63 -1.80 5.80 6.08
N ILE A 64 -1.45 4.67 5.48
CA ILE A 64 -0.75 3.60 6.19
C ILE A 64 0.62 4.07 6.67
N HIS A 65 0.72 4.39 7.95
CA HIS A 65 1.98 4.85 8.53
C HIS A 65 2.59 3.76 9.41
N CYS A 66 3.73 3.23 8.97
CA CYS A 66 4.42 2.19 9.73
C CYS A 66 4.56 2.57 11.20
N ILE A 67 4.26 1.63 12.08
CA ILE A 67 4.34 1.87 13.52
C ILE A 67 5.52 2.80 13.84
N GLU A 68 6.67 2.50 13.28
CA GLU A 68 7.87 3.30 13.50
C GLU A 68 7.57 4.79 13.32
N ASP A 69 6.91 5.11 12.22
CA ASP A 69 6.55 6.50 11.91
C ASP A 69 5.33 6.93 12.71
N PHE A 70 4.21 6.27 12.46
CA PHE A 70 2.96 6.60 13.15
C PHE A 70 3.23 6.97 14.60
N HIS A 71 4.07 6.18 15.26
CA HIS A 71 4.41 6.44 16.66
C HIS A 71 5.07 7.81 16.82
N ARG A 72 6.26 7.96 16.25
CA ARG A 72 6.98 9.23 16.34
C ARG A 72 6.12 10.39 15.84
N LYS A 73 5.66 10.29 14.61
CA LYS A 73 4.82 11.33 14.02
C LYS A 73 3.84 11.90 15.05
N PHE A 74 3.01 11.02 15.61
CA PHE A 74 2.04 11.43 16.62
C PHE A 74 2.74 11.89 17.90
N ALA A 75 3.81 11.19 18.26
CA ALA A 75 4.56 11.52 19.46
C ALA A 75 4.99 12.99 19.45
N SER A 76 5.81 13.36 18.47
CA SER A 76 6.29 14.72 18.35
C SER A 76 7.00 15.16 19.63
N GLY A 77 7.79 14.26 20.20
CA GLY A 77 8.51 14.57 21.43
C GLY A 77 7.59 14.76 22.61
N PRO A 78 8.16 14.78 23.82
CA PRO A 78 7.40 14.95 25.06
C PRO A 78 6.84 16.36 25.21
N SER A 79 7.60 17.35 24.75
CA SER A 79 7.18 18.74 24.82
C SER A 79 7.71 19.53 23.63
N SER A 80 7.17 20.73 23.44
CA SER A 80 7.58 21.59 22.33
C SER A 80 8.40 22.77 22.84
N GLY A 81 7.87 23.47 23.83
CA GLY A 81 8.57 24.61 24.39
C GLY A 81 8.40 24.72 25.89
ZN ZN B . -0.11 -3.27 -7.18
ZN ZN C . 7.14 4.77 7.58
N GLY A 1 17.97 7.99 -18.17
CA GLY A 1 17.13 8.52 -19.22
C GLY A 1 16.70 7.45 -20.20
N SER A 2 16.07 6.40 -19.69
CA SER A 2 15.62 5.29 -20.52
C SER A 2 14.46 4.55 -19.86
N SER A 3 13.25 4.75 -20.37
CA SER A 3 12.07 4.10 -19.83
C SER A 3 11.10 3.71 -20.94
N GLY A 4 10.25 2.72 -20.67
CA GLY A 4 9.29 2.27 -21.65
C GLY A 4 9.15 0.76 -21.68
N SER A 5 7.99 0.27 -21.23
CA SER A 5 7.73 -1.16 -21.20
C SER A 5 6.38 -1.48 -21.81
N SER A 6 6.37 -2.46 -22.73
CA SER A 6 5.13 -2.85 -23.40
C SER A 6 4.32 -3.82 -22.53
N GLY A 7 3.00 -3.80 -22.70
CA GLY A 7 2.15 -4.68 -21.92
C GLY A 7 0.79 -4.87 -22.58
N GLU A 8 0.29 -6.11 -22.53
CA GLU A 8 -1.00 -6.43 -23.13
C GLU A 8 -1.95 -6.99 -22.08
N GLY A 9 -3.19 -7.26 -22.49
CA GLY A 9 -4.18 -7.79 -21.57
C GLY A 9 -5.47 -6.99 -21.58
N CYS A 10 -5.67 -6.20 -20.53
CA CYS A 10 -6.88 -5.39 -20.41
C CYS A 10 -8.13 -6.26 -20.38
N TYR A 11 -8.07 -7.35 -19.63
CA TYR A 11 -9.20 -8.27 -19.52
C TYR A 11 -9.77 -8.26 -18.11
N VAL A 12 -10.89 -8.96 -17.93
CA VAL A 12 -11.54 -9.04 -16.63
C VAL A 12 -11.94 -10.47 -16.29
N ALA A 13 -11.85 -10.82 -15.01
CA ALA A 13 -12.20 -12.16 -14.57
C ALA A 13 -12.26 -12.24 -13.05
N THR A 14 -12.53 -13.43 -12.53
CA THR A 14 -12.60 -13.63 -11.08
C THR A 14 -11.24 -13.45 -10.42
N LEU A 15 -10.89 -12.19 -10.14
CA LEU A 15 -9.61 -11.89 -9.52
C LEU A 15 -9.64 -10.51 -8.85
N GLU A 16 -8.94 -10.39 -7.73
CA GLU A 16 -8.89 -9.12 -7.00
C GLU A 16 -7.95 -8.14 -7.68
N LYS A 17 -8.34 -6.88 -7.73
CA LYS A 17 -7.53 -5.83 -8.35
C LYS A 17 -6.87 -4.95 -7.29
N CYS A 18 -5.55 -4.88 -7.33
CA CYS A 18 -4.80 -4.07 -6.38
C CYS A 18 -5.41 -2.69 -6.23
N ALA A 19 -5.57 -2.25 -4.99
CA ALA A 19 -6.15 -0.93 -4.71
C ALA A 19 -5.06 0.12 -4.55
N THR A 20 -3.89 -0.14 -5.14
CA THR A 20 -2.77 0.78 -5.07
C THR A 20 -2.34 1.23 -6.46
N CYS A 21 -2.27 0.29 -7.38
CA CYS A 21 -1.87 0.59 -8.75
C CYS A 21 -3.01 0.31 -9.73
N SER A 22 -4.10 -0.27 -9.21
CA SER A 22 -5.25 -0.60 -10.04
C SER A 22 -4.89 -1.65 -11.08
N GLN A 23 -4.32 -2.76 -10.63
CA GLN A 23 -3.93 -3.83 -11.52
C GLN A 23 -4.42 -5.18 -11.00
N PRO A 24 -4.74 -6.10 -11.94
CA PRO A 24 -5.22 -7.43 -11.60
C PRO A 24 -4.14 -8.31 -10.96
N ILE A 25 -4.41 -8.79 -9.76
CA ILE A 25 -3.46 -9.64 -9.05
C ILE A 25 -3.48 -11.07 -9.60
N LEU A 26 -2.30 -11.56 -9.98
CA LEU A 26 -2.18 -12.91 -10.51
C LEU A 26 -1.15 -13.72 -9.73
N ASP A 27 0.01 -13.11 -9.49
CA ASP A 27 1.08 -13.77 -8.76
C ASP A 27 0.63 -14.15 -7.35
N ARG A 28 0.44 -13.13 -6.52
CA ARG A 28 0.01 -13.34 -5.13
C ARG A 28 -0.93 -12.23 -4.68
N ILE A 29 -1.91 -12.59 -3.86
CA ILE A 29 -2.88 -11.62 -3.35
C ILE A 29 -2.70 -11.40 -1.85
N LEU A 30 -2.35 -10.17 -1.48
CA LEU A 30 -2.15 -9.83 -0.07
C LEU A 30 -3.36 -9.09 0.48
N ARG A 31 -4.02 -9.69 1.48
CA ARG A 31 -5.19 -9.09 2.10
C ARG A 31 -4.78 -8.01 3.09
N ALA A 32 -5.32 -6.81 2.90
CA ALA A 32 -5.01 -5.68 3.79
C ALA A 32 -6.15 -4.68 3.81
N MET A 33 -6.38 -4.08 4.98
CA MET A 33 -7.45 -3.10 5.13
C MET A 33 -8.76 -3.61 4.54
N GLY A 34 -8.94 -4.93 4.58
CA GLY A 34 -10.15 -5.52 4.04
C GLY A 34 -10.08 -5.70 2.53
N LYS A 35 -9.39 -4.79 1.85
CA LYS A 35 -9.26 -4.86 0.40
C LYS A 35 -8.09 -5.74 0.01
N ALA A 36 -7.88 -5.89 -1.30
CA ALA A 36 -6.78 -6.71 -1.81
C ALA A 36 -5.67 -5.84 -2.38
N TYR A 37 -4.45 -6.06 -1.91
CA TYR A 37 -3.30 -5.30 -2.37
C TYR A 37 -2.15 -6.23 -2.75
N HIS A 38 -1.25 -5.72 -3.59
CA HIS A 38 -0.11 -6.50 -4.04
C HIS A 38 0.91 -6.69 -2.92
N PRO A 39 1.65 -7.81 -2.95
CA PRO A 39 2.65 -8.13 -1.93
C PRO A 39 3.87 -7.21 -2.01
N GLY A 40 3.80 -6.23 -2.90
CA GLY A 40 4.90 -5.29 -3.06
C GLY A 40 4.44 -3.85 -3.02
N CYS A 41 3.18 -3.61 -3.38
CA CYS A 41 2.62 -2.27 -3.39
C CYS A 41 2.41 -1.75 -1.96
N PHE A 42 1.85 -2.61 -1.11
CA PHE A 42 1.60 -2.23 0.28
C PHE A 42 2.87 -1.70 0.94
N THR A 43 2.97 -0.38 1.02
CA THR A 43 4.13 0.26 1.62
C THR A 43 3.73 1.56 2.34
N CYS A 44 4.57 1.99 3.27
CA CYS A 44 4.31 3.20 4.02
C CYS A 44 4.24 4.42 3.09
N VAL A 45 3.72 5.52 3.61
CA VAL A 45 3.60 6.75 2.83
C VAL A 45 4.73 7.72 3.14
N VAL A 46 5.31 7.57 4.33
CA VAL A 46 6.40 8.43 4.76
C VAL A 46 7.75 7.83 4.39
N CYS A 47 8.12 6.75 5.06
CA CYS A 47 9.39 6.07 4.81
C CYS A 47 9.30 5.21 3.55
N HIS A 48 8.09 4.80 3.20
CA HIS A 48 7.86 3.98 2.02
C HIS A 48 8.51 2.61 2.19
N ARG A 49 8.20 1.94 3.28
CA ARG A 49 8.76 0.61 3.56
C ARG A 49 7.72 -0.48 3.33
N GLY A 50 8.19 -1.68 3.03
CA GLY A 50 7.29 -2.80 2.79
C GLY A 50 6.69 -3.34 4.08
N LEU A 51 5.38 -3.13 4.24
CA LEU A 51 4.69 -3.60 5.43
C LEU A 51 3.98 -4.92 5.16
N ASP A 52 4.67 -5.82 4.46
CA ASP A 52 4.10 -7.13 4.14
C ASP A 52 4.56 -8.18 5.15
N GLY A 53 3.81 -8.30 6.24
CA GLY A 53 4.15 -9.27 7.27
C GLY A 53 4.46 -8.62 8.60
N ILE A 54 4.20 -7.32 8.70
CA ILE A 54 4.44 -6.58 9.93
C ILE A 54 3.24 -5.73 10.30
N PRO A 55 3.17 -5.32 11.58
CA PRO A 55 2.08 -4.49 12.09
C PRO A 55 2.12 -3.07 11.54
N PHE A 56 0.94 -2.47 11.39
CA PHE A 56 0.84 -1.11 10.86
C PHE A 56 -0.42 -0.42 11.39
N THR A 57 -0.61 0.83 10.98
CA THR A 57 -1.78 1.60 11.40
C THR A 57 -2.09 2.71 10.41
N VAL A 58 -3.38 2.94 10.16
CA VAL A 58 -3.81 3.97 9.23
C VAL A 58 -4.25 5.23 9.98
N ASP A 59 -4.28 6.35 9.28
CA ASP A 59 -4.70 7.62 9.87
C ASP A 59 -5.98 8.13 9.23
N ALA A 60 -6.48 9.24 9.75
CA ALA A 60 -7.71 9.83 9.22
C ALA A 60 -7.74 9.82 7.70
N THR A 61 -6.59 10.11 7.10
CA THR A 61 -6.47 10.13 5.64
C THR A 61 -6.07 8.76 5.10
N SER A 62 -6.61 7.72 5.72
CA SER A 62 -6.31 6.35 5.31
C SER A 62 -4.86 6.23 4.82
N GLN A 63 -3.94 6.83 5.57
CA GLN A 63 -2.52 6.79 5.21
C GLN A 63 -1.76 5.80 6.07
N ILE A 64 -1.63 4.57 5.59
CA ILE A 64 -0.92 3.53 6.32
C ILE A 64 0.45 4.00 6.76
N HIS A 65 0.58 4.32 8.05
CA HIS A 65 1.85 4.79 8.59
C HIS A 65 2.46 3.73 9.52
N CYS A 66 3.57 3.15 9.07
CA CYS A 66 4.25 2.12 9.86
C CYS A 66 4.34 2.53 11.33
N ILE A 67 4.04 1.59 12.22
CA ILE A 67 4.09 1.86 13.65
C ILE A 67 5.19 2.87 13.99
N GLU A 68 6.42 2.52 13.64
CA GLU A 68 7.56 3.40 13.91
C GLU A 68 7.23 4.85 13.55
N ASP A 69 7.01 5.09 12.27
CA ASP A 69 6.68 6.44 11.79
C ASP A 69 5.48 7.01 12.55
N PHE A 70 4.33 6.34 12.42
CA PHE A 70 3.12 6.78 13.10
C PHE A 70 3.40 7.12 14.56
N HIS A 71 4.44 6.49 15.11
CA HIS A 71 4.81 6.71 16.50
C HIS A 71 5.74 7.92 16.63
N ARG A 72 6.51 8.18 15.58
CA ARG A 72 7.44 9.30 15.58
C ARG A 72 6.76 10.57 15.07
N LYS A 73 6.27 10.51 13.84
CA LYS A 73 5.59 11.65 13.23
C LYS A 73 4.61 12.29 14.22
N PHE A 74 3.91 11.45 14.98
CA PHE A 74 2.95 11.93 15.96
C PHE A 74 3.65 12.44 17.22
N ALA A 75 4.68 11.72 17.63
CA ALA A 75 5.44 12.09 18.82
C ALA A 75 6.76 12.73 18.45
N SER A 76 6.72 13.65 17.50
CA SER A 76 7.93 14.34 17.04
C SER A 76 8.47 15.27 18.12
N GLY A 77 7.56 16.01 18.76
CA GLY A 77 7.96 16.93 19.80
C GLY A 77 6.78 17.61 20.46
N PRO A 78 6.96 18.86 20.89
CA PRO A 78 5.92 19.65 21.55
C PRO A 78 4.79 20.03 20.59
N SER A 79 5.18 20.53 19.42
CA SER A 79 4.20 20.95 18.41
C SER A 79 3.47 19.75 17.84
N SER A 80 2.14 19.81 17.85
CA SER A 80 1.33 18.71 17.33
C SER A 80 0.35 19.22 16.27
N GLY A 81 0.24 18.49 15.16
CA GLY A 81 -0.66 18.88 14.09
C GLY A 81 -2.08 19.12 14.59
ZN ZN B . -0.30 -3.06 -7.03
ZN ZN C . 6.94 4.68 7.61
N GLY A 1 18.22 -1.99 -27.37
CA GLY A 1 16.80 -2.09 -27.09
C GLY A 1 16.41 -1.47 -25.77
N SER A 2 16.15 -0.17 -25.77
CA SER A 2 15.77 0.53 -24.55
C SER A 2 14.40 0.09 -24.07
N SER A 3 13.39 0.28 -24.90
CA SER A 3 12.03 -0.11 -24.56
C SER A 3 11.21 -0.38 -25.82
N GLY A 4 10.08 -1.06 -25.64
CA GLY A 4 9.21 -1.38 -26.76
C GLY A 4 8.16 -2.41 -26.41
N SER A 5 6.99 -1.94 -26.01
CA SER A 5 5.90 -2.84 -25.63
C SER A 5 4.90 -2.98 -26.78
N SER A 6 4.08 -4.02 -26.71
CA SER A 6 3.08 -4.28 -27.75
C SER A 6 1.83 -3.44 -27.51
N GLY A 7 1.35 -3.45 -26.28
CA GLY A 7 0.15 -2.69 -25.93
C GLY A 7 -1.12 -3.49 -26.11
N GLU A 8 -1.80 -3.77 -25.00
CA GLU A 8 -3.04 -4.54 -25.03
C GLU A 8 -3.85 -4.30 -23.75
N GLY A 9 -5.17 -4.37 -23.89
CA GLY A 9 -6.05 -4.17 -22.75
C GLY A 9 -5.81 -5.18 -21.65
N CYS A 10 -6.87 -5.51 -20.91
CA CYS A 10 -6.77 -6.47 -19.82
C CYS A 10 -8.09 -7.21 -19.62
N TYR A 11 -8.02 -8.54 -19.58
CA TYR A 11 -9.21 -9.36 -19.40
C TYR A 11 -9.78 -9.20 -18.00
N VAL A 12 -10.91 -9.85 -17.74
CA VAL A 12 -11.56 -9.79 -16.44
C VAL A 12 -11.94 -11.19 -15.95
N ALA A 13 -11.90 -11.38 -14.63
CA ALA A 13 -12.25 -12.66 -14.04
C ALA A 13 -12.24 -12.58 -12.51
N THR A 14 -12.50 -13.70 -11.87
CA THR A 14 -12.53 -13.76 -10.41
C THR A 14 -11.15 -13.49 -9.83
N LEU A 15 -10.79 -12.22 -9.73
CA LEU A 15 -9.49 -11.83 -9.19
C LEU A 15 -9.54 -10.42 -8.61
N GLU A 16 -9.00 -10.26 -7.40
CA GLU A 16 -8.98 -8.96 -6.74
C GLU A 16 -8.02 -8.01 -7.43
N LYS A 17 -8.34 -6.71 -7.40
CA LYS A 17 -7.51 -5.70 -8.02
C LYS A 17 -6.75 -4.88 -6.97
N CYS A 18 -5.48 -4.64 -7.22
CA CYS A 18 -4.65 -3.87 -6.30
C CYS A 18 -5.20 -2.46 -6.12
N ALA A 19 -5.45 -2.09 -4.86
CA ALA A 19 -5.99 -0.76 -4.56
C ALA A 19 -4.87 0.27 -4.52
N THR A 20 -3.75 -0.04 -5.17
CA THR A 20 -2.61 0.86 -5.20
C THR A 20 -2.31 1.32 -6.63
N CYS A 21 -1.94 0.37 -7.48
CA CYS A 21 -1.63 0.66 -8.87
C CYS A 21 -2.85 0.41 -9.77
N SER A 22 -3.88 -0.19 -9.19
CA SER A 22 -5.10 -0.49 -9.94
C SER A 22 -4.84 -1.56 -10.99
N GLN A 23 -4.24 -2.67 -10.57
CA GLN A 23 -3.94 -3.76 -11.47
C GLN A 23 -4.45 -5.09 -10.91
N PRO A 24 -4.86 -6.00 -11.81
CA PRO A 24 -5.37 -7.32 -11.42
C PRO A 24 -4.28 -8.23 -10.86
N ILE A 25 -4.50 -8.70 -9.63
CA ILE A 25 -3.54 -9.57 -8.98
C ILE A 25 -3.61 -11.00 -9.54
N LEU A 26 -2.46 -11.55 -9.90
CA LEU A 26 -2.39 -12.90 -10.44
C LEU A 26 -1.37 -13.74 -9.69
N ASP A 27 -0.22 -13.14 -9.38
CA ASP A 27 0.84 -13.84 -8.66
C ASP A 27 0.38 -14.19 -7.24
N ARG A 28 0.19 -13.16 -6.42
CA ARG A 28 -0.24 -13.36 -5.03
C ARG A 28 -1.14 -12.22 -4.57
N ILE A 29 -2.13 -12.54 -3.75
CA ILE A 29 -3.05 -11.54 -3.23
C ILE A 29 -2.82 -11.29 -1.75
N LEU A 30 -2.48 -10.04 -1.41
CA LEU A 30 -2.23 -9.67 -0.02
C LEU A 30 -3.41 -8.90 0.55
N ARG A 31 -4.10 -9.50 1.52
CA ARG A 31 -5.24 -8.87 2.16
C ARG A 31 -4.79 -7.84 3.20
N ALA A 32 -5.25 -6.60 3.03
CA ALA A 32 -4.89 -5.53 3.96
C ALA A 32 -5.98 -4.45 3.99
N MET A 33 -6.41 -4.11 5.20
CA MET A 33 -7.45 -3.10 5.37
C MET A 33 -8.76 -3.54 4.73
N GLY A 34 -9.00 -4.85 4.72
CA GLY A 34 -10.21 -5.38 4.14
C GLY A 34 -10.12 -5.52 2.63
N LYS A 35 -9.39 -4.61 2.00
CA LYS A 35 -9.23 -4.63 0.55
C LYS A 35 -8.06 -5.53 0.16
N ALA A 36 -7.85 -5.68 -1.15
CA ALA A 36 -6.76 -6.51 -1.65
C ALA A 36 -5.66 -5.64 -2.27
N TYR A 37 -4.42 -5.94 -1.91
CA TYR A 37 -3.27 -5.19 -2.42
C TYR A 37 -2.14 -6.13 -2.82
N HIS A 38 -1.23 -5.63 -3.65
CA HIS A 38 -0.10 -6.43 -4.10
C HIS A 38 0.90 -6.64 -2.97
N PRO A 39 1.60 -7.79 -3.00
CA PRO A 39 2.60 -8.14 -1.99
C PRO A 39 3.85 -7.26 -2.07
N GLY A 40 3.82 -6.30 -2.99
CA GLY A 40 4.96 -5.42 -3.16
C GLY A 40 4.57 -3.96 -3.13
N CYS A 41 3.34 -3.67 -3.55
CA CYS A 41 2.83 -2.30 -3.57
C CYS A 41 2.64 -1.77 -2.16
N PHE A 42 2.03 -2.59 -1.30
CA PHE A 42 1.78 -2.20 0.09
C PHE A 42 3.06 -1.68 0.74
N THR A 43 3.16 -0.36 0.84
CA THR A 43 4.33 0.27 1.45
C THR A 43 3.94 1.54 2.20
N CYS A 44 4.77 1.92 3.17
CA CYS A 44 4.51 3.13 3.96
C CYS A 44 4.39 4.35 3.07
N VAL A 45 3.87 5.44 3.62
CA VAL A 45 3.71 6.67 2.87
C VAL A 45 4.85 7.65 3.16
N VAL A 46 5.51 7.46 4.29
CA VAL A 46 6.63 8.31 4.67
C VAL A 46 7.97 7.70 4.25
N CYS A 47 8.34 6.61 4.90
CA CYS A 47 9.60 5.94 4.60
C CYS A 47 9.47 5.09 3.34
N HIS A 48 8.24 4.72 3.01
CA HIS A 48 7.98 3.92 1.82
C HIS A 48 8.57 2.52 1.97
N ARG A 49 8.31 1.89 3.10
CA ARG A 49 8.83 0.55 3.37
C ARG A 49 7.73 -0.51 3.17
N GLY A 50 8.14 -1.68 2.70
CA GLY A 50 7.20 -2.75 2.47
C GLY A 50 6.61 -3.30 3.76
N LEU A 51 5.35 -2.97 4.01
CA LEU A 51 4.67 -3.44 5.22
C LEU A 51 3.97 -4.77 4.97
N ASP A 52 4.67 -5.69 4.31
CA ASP A 52 4.12 -7.01 4.01
C ASP A 52 4.64 -8.04 5.01
N GLY A 53 3.83 -8.31 6.04
CA GLY A 53 4.23 -9.28 7.04
C GLY A 53 4.54 -8.64 8.38
N ILE A 54 4.28 -7.34 8.48
CA ILE A 54 4.54 -6.61 9.72
C ILE A 54 3.34 -5.74 10.11
N PRO A 55 3.28 -5.36 11.39
CA PRO A 55 2.20 -4.53 11.92
C PRO A 55 2.26 -3.09 11.39
N PHE A 56 1.10 -2.46 11.27
CA PHE A 56 1.03 -1.09 10.77
C PHE A 56 -0.27 -0.43 11.22
N THR A 57 -0.47 0.81 10.79
CA THR A 57 -1.68 1.56 11.14
C THR A 57 -1.91 2.72 10.17
N VAL A 58 -3.17 2.94 9.83
CA VAL A 58 -3.53 4.03 8.91
C VAL A 58 -4.06 5.23 9.67
N ASP A 59 -4.30 6.33 8.94
CA ASP A 59 -4.80 7.55 9.55
C ASP A 59 -6.11 7.99 8.86
N ALA A 60 -6.64 9.12 9.30
CA ALA A 60 -7.87 9.65 8.74
C ALA A 60 -7.80 9.72 7.22
N THR A 61 -6.62 10.06 6.70
CA THR A 61 -6.42 10.16 5.26
C THR A 61 -6.03 8.80 4.66
N SER A 62 -6.44 7.74 5.34
CA SER A 62 -6.13 6.39 4.88
C SER A 62 -4.65 6.27 4.48
N GLN A 63 -3.79 6.88 5.28
CA GLN A 63 -2.36 6.84 5.01
C GLN A 63 -1.66 5.82 5.91
N ILE A 64 -1.33 4.67 5.34
CA ILE A 64 -0.66 3.61 6.09
C ILE A 64 0.70 4.08 6.60
N HIS A 65 0.79 4.33 7.90
CA HIS A 65 2.03 4.77 8.52
C HIS A 65 2.61 3.69 9.42
N CYS A 66 3.71 3.08 8.98
CA CYS A 66 4.36 2.03 9.76
C CYS A 66 4.47 2.42 11.23
N ILE A 67 4.20 1.47 12.11
CA ILE A 67 4.28 1.72 13.54
C ILE A 67 5.37 2.73 13.87
N GLU A 68 6.60 2.42 13.47
CA GLU A 68 7.73 3.31 13.71
C GLU A 68 7.36 4.76 13.41
N ASP A 69 7.13 5.05 12.14
CA ASP A 69 6.77 6.41 11.71
C ASP A 69 5.52 6.87 12.44
N PHE A 70 4.44 6.12 12.29
CA PHE A 70 3.17 6.47 12.92
C PHE A 70 3.40 7.09 14.30
N HIS A 71 3.86 6.27 15.24
CA HIS A 71 4.13 6.74 16.59
C HIS A 71 4.85 8.08 16.57
N ARG A 72 6.09 8.07 16.08
CA ARG A 72 6.89 9.28 16.01
C ARG A 72 6.02 10.50 15.66
N LYS A 73 5.28 10.38 14.57
CA LYS A 73 4.41 11.46 14.11
C LYS A 73 3.58 12.01 15.27
N PHE A 74 2.85 11.12 15.94
CA PHE A 74 2.01 11.50 17.07
C PHE A 74 2.80 11.42 18.38
N ALA A 75 4.12 11.40 18.27
CA ALA A 75 4.98 11.33 19.44
C ALA A 75 5.84 12.57 19.57
N SER A 76 6.28 12.87 20.80
CA SER A 76 7.12 14.04 21.05
C SER A 76 8.20 14.17 19.98
N GLY A 77 8.13 15.25 19.21
CA GLY A 77 9.12 15.48 18.18
C GLY A 77 9.30 16.95 17.86
N PRO A 78 10.07 17.25 16.80
CA PRO A 78 10.34 18.62 16.38
C PRO A 78 9.10 19.30 15.80
N SER A 79 8.20 18.51 15.22
CA SER A 79 6.98 19.03 14.63
C SER A 79 5.84 19.03 15.64
N SER A 80 5.72 20.13 16.40
CA SER A 80 4.67 20.25 17.40
C SER A 80 3.32 20.48 16.74
N GLY A 81 2.25 20.32 17.52
CA GLY A 81 0.91 20.51 17.01
C GLY A 81 -0.08 19.50 17.57
ZN ZN B . -0.18 -2.99 -7.19
ZN ZN C . 7.21 4.49 7.54
N GLY A 1 17.08 -6.83 -32.64
CA GLY A 1 17.40 -5.54 -32.03
C GLY A 1 16.65 -5.31 -30.74
N SER A 2 15.48 -4.70 -30.83
CA SER A 2 14.67 -4.40 -29.65
C SER A 2 14.52 -5.64 -28.78
N SER A 3 14.16 -6.76 -29.40
CA SER A 3 13.99 -8.02 -28.68
C SER A 3 13.26 -7.78 -27.35
N GLY A 4 12.24 -6.93 -27.40
CA GLY A 4 11.48 -6.63 -26.19
C GLY A 4 10.56 -7.77 -25.78
N SER A 5 9.64 -7.49 -24.87
CA SER A 5 8.70 -8.51 -24.39
C SER A 5 7.30 -7.90 -24.22
N SER A 6 6.32 -8.52 -24.88
CA SER A 6 4.95 -8.05 -24.80
C SER A 6 3.99 -9.20 -24.49
N GLY A 7 3.34 -9.14 -23.34
CA GLY A 7 2.41 -10.17 -22.96
C GLY A 7 1.11 -10.11 -23.74
N GLU A 8 0.41 -9.00 -23.62
CA GLU A 8 -0.87 -8.82 -24.33
C GLU A 8 -1.94 -9.73 -23.74
N GLY A 9 -1.97 -9.82 -22.42
CA GLY A 9 -2.95 -10.67 -21.76
C GLY A 9 -4.08 -9.86 -21.13
N CYS A 10 -5.29 -10.04 -21.65
CA CYS A 10 -6.45 -9.32 -21.14
C CYS A 10 -7.64 -10.26 -20.97
N TYR A 11 -8.22 -10.26 -19.78
CA TYR A 11 -9.37 -11.12 -19.48
C TYR A 11 -9.92 -10.83 -18.09
N VAL A 12 -11.19 -11.16 -17.88
CA VAL A 12 -11.83 -10.96 -16.59
C VAL A 12 -12.03 -12.27 -15.85
N ALA A 13 -12.03 -12.20 -14.52
CA ALA A 13 -12.21 -13.38 -13.69
C ALA A 13 -12.39 -13.00 -12.23
N THR A 14 -12.53 -14.02 -11.38
CA THR A 14 -12.71 -13.79 -9.95
C THR A 14 -11.40 -13.38 -9.28
N LEU A 15 -10.71 -12.41 -9.87
CA LEU A 15 -9.45 -11.93 -9.33
C LEU A 15 -9.60 -10.52 -8.75
N GLU A 16 -8.88 -10.25 -7.67
CA GLU A 16 -8.93 -8.95 -7.02
C GLU A 16 -7.94 -7.98 -7.66
N LYS A 17 -8.38 -6.74 -7.89
CA LYS A 17 -7.53 -5.73 -8.49
C LYS A 17 -6.85 -4.88 -7.42
N CYS A 18 -5.52 -4.78 -7.53
CA CYS A 18 -4.75 -3.99 -6.57
C CYS A 18 -5.34 -2.59 -6.40
N ALA A 19 -5.47 -2.16 -5.15
CA ALA A 19 -6.01 -0.85 -4.84
C ALA A 19 -4.90 0.19 -4.70
N THR A 20 -3.75 -0.10 -5.29
CA THR A 20 -2.61 0.80 -5.23
C THR A 20 -2.18 1.24 -6.63
N CYS A 21 -2.10 0.28 -7.54
CA CYS A 21 -1.70 0.57 -8.91
C CYS A 21 -2.84 0.31 -9.89
N SER A 22 -3.94 -0.25 -9.37
CA SER A 22 -5.11 -0.55 -10.19
C SER A 22 -4.78 -1.62 -11.23
N GLN A 23 -4.22 -2.73 -10.78
CA GLN A 23 -3.86 -3.83 -11.66
C GLN A 23 -4.37 -5.16 -11.13
N PRO A 24 -4.73 -6.07 -12.04
CA PRO A 24 -5.23 -7.40 -11.69
C PRO A 24 -4.16 -8.28 -11.08
N ILE A 25 -4.39 -8.73 -9.85
CA ILE A 25 -3.44 -9.60 -9.16
C ILE A 25 -3.51 -11.03 -9.68
N LEU A 26 -2.37 -11.57 -10.07
CA LEU A 26 -2.30 -12.93 -10.59
C LEU A 26 -1.30 -13.77 -9.79
N ASP A 27 -0.18 -13.16 -9.44
CA ASP A 27 0.85 -13.85 -8.66
C ASP A 27 0.36 -14.17 -7.26
N ARG A 28 0.29 -13.15 -6.41
CA ARG A 28 -0.16 -13.33 -5.04
C ARG A 28 -1.09 -12.19 -4.62
N ILE A 29 -2.09 -12.53 -3.81
CA ILE A 29 -3.05 -11.53 -3.34
C ILE A 29 -2.88 -11.27 -1.84
N LEU A 30 -2.51 -10.04 -1.49
CA LEU A 30 -2.32 -9.66 -0.10
C LEU A 30 -3.50 -8.84 0.41
N ARG A 31 -4.27 -9.42 1.33
CA ARG A 31 -5.42 -8.74 1.91
C ARG A 31 -4.99 -7.75 2.98
N ALA A 32 -5.41 -6.49 2.82
CA ALA A 32 -5.08 -5.45 3.77
C ALA A 32 -6.13 -4.35 3.78
N MET A 33 -6.62 -4.01 4.98
CA MET A 33 -7.64 -2.97 5.13
C MET A 33 -8.94 -3.40 4.45
N GLY A 34 -9.17 -4.70 4.38
CA GLY A 34 -10.38 -5.21 3.77
C GLY A 34 -10.23 -5.38 2.26
N LYS A 35 -9.48 -4.48 1.64
CA LYS A 35 -9.26 -4.53 0.20
C LYS A 35 -8.09 -5.45 -0.14
N ALA A 36 -7.87 -5.66 -1.44
CA ALA A 36 -6.78 -6.52 -1.90
C ALA A 36 -5.67 -5.69 -2.55
N TYR A 37 -4.44 -5.95 -2.14
CA TYR A 37 -3.28 -5.23 -2.69
C TYR A 37 -2.13 -6.18 -2.98
N HIS A 38 -1.21 -5.74 -3.82
CA HIS A 38 -0.06 -6.56 -4.19
C HIS A 38 0.90 -6.70 -3.01
N PRO A 39 1.62 -7.83 -2.96
CA PRO A 39 2.59 -8.12 -1.90
C PRO A 39 3.81 -7.21 -1.96
N GLY A 40 3.80 -6.27 -2.90
CA GLY A 40 4.91 -5.36 -3.05
C GLY A 40 4.48 -3.91 -3.06
N CYS A 41 3.23 -3.66 -3.46
CA CYS A 41 2.70 -2.31 -3.52
C CYS A 41 2.50 -1.74 -2.13
N PHE A 42 1.92 -2.55 -1.25
CA PHE A 42 1.65 -2.13 0.13
C PHE A 42 2.93 -1.62 0.79
N THR A 43 3.02 -0.30 0.95
CA THR A 43 4.19 0.31 1.57
C THR A 43 3.82 1.57 2.34
N CYS A 44 4.66 1.96 3.27
CA CYS A 44 4.41 3.16 4.08
C CYS A 44 4.30 4.39 3.19
N VAL A 45 3.79 5.48 3.77
CA VAL A 45 3.63 6.73 3.03
C VAL A 45 4.76 7.71 3.36
N VAL A 46 5.41 7.50 4.51
CA VAL A 46 6.50 8.35 4.93
C VAL A 46 7.85 7.76 4.54
N CYS A 47 8.20 6.65 5.17
CA CYS A 47 9.47 5.98 4.89
C CYS A 47 9.39 5.18 3.60
N HIS A 48 8.17 4.82 3.21
CA HIS A 48 7.95 4.05 1.98
C HIS A 48 8.62 2.69 2.08
N ARG A 49 8.28 1.93 3.12
CA ARG A 49 8.84 0.61 3.33
C ARG A 49 7.80 -0.48 3.11
N GLY A 50 8.25 -1.68 2.82
CA GLY A 50 7.33 -2.79 2.60
C GLY A 50 6.77 -3.36 3.89
N LEU A 51 5.49 -3.15 4.11
CA LEU A 51 4.84 -3.65 5.32
C LEU A 51 4.12 -4.96 5.06
N ASP A 52 4.75 -5.83 4.26
CA ASP A 52 4.17 -7.12 3.92
C ASP A 52 4.61 -8.19 4.93
N GLY A 53 3.98 -8.18 6.09
CA GLY A 53 4.31 -9.15 7.12
C GLY A 53 4.72 -8.49 8.42
N ILE A 54 4.31 -7.25 8.61
CA ILE A 54 4.64 -6.50 9.82
C ILE A 54 3.46 -5.66 10.30
N PRO A 55 3.49 -5.26 11.58
CA PRO A 55 2.43 -4.45 12.18
C PRO A 55 2.41 -3.03 11.63
N PHE A 56 1.21 -2.50 11.38
CA PHE A 56 1.05 -1.16 10.85
C PHE A 56 -0.28 -0.55 11.29
N THR A 57 -0.51 0.70 10.92
CA THR A 57 -1.74 1.39 11.28
C THR A 57 -1.98 2.59 10.36
N VAL A 58 -3.25 2.87 10.08
CA VAL A 58 -3.60 4.00 9.23
C VAL A 58 -4.11 5.18 10.05
N ASP A 59 -4.30 6.32 9.39
CA ASP A 59 -4.77 7.52 10.06
C ASP A 59 -6.03 8.06 9.37
N ALA A 60 -6.50 9.21 9.85
CA ALA A 60 -7.69 9.84 9.28
C ALA A 60 -7.60 9.90 7.76
N THR A 61 -6.42 10.21 7.26
CA THR A 61 -6.20 10.31 5.82
C THR A 61 -5.84 8.95 5.22
N SER A 62 -6.42 7.89 5.77
CA SER A 62 -6.16 6.54 5.29
C SER A 62 -4.71 6.38 4.88
N GLN A 63 -3.81 7.04 5.61
CA GLN A 63 -2.38 6.97 5.31
C GLN A 63 -1.70 5.92 6.17
N ILE A 64 -1.47 4.75 5.58
CA ILE A 64 -0.81 3.66 6.29
C ILE A 64 0.56 4.07 6.79
N HIS A 65 0.66 4.32 8.10
CA HIS A 65 1.93 4.73 8.71
C HIS A 65 2.49 3.62 9.59
N CYS A 66 3.71 3.19 9.30
CA CYS A 66 4.35 2.13 10.07
C CYS A 66 4.54 2.55 11.52
N ILE A 67 4.34 1.61 12.44
CA ILE A 67 4.49 1.88 13.86
C ILE A 67 5.59 2.90 14.11
N GLU A 68 6.81 2.58 13.69
CA GLU A 68 7.94 3.47 13.87
C GLU A 68 7.58 4.91 13.46
N ASP A 69 7.03 5.04 12.27
CA ASP A 69 6.64 6.35 11.76
C ASP A 69 5.39 6.87 12.48
N PHE A 70 4.27 6.19 12.25
CA PHE A 70 3.01 6.58 12.87
C PHE A 70 3.23 7.01 14.32
N HIS A 71 3.84 6.13 15.11
CA HIS A 71 4.12 6.43 16.51
C HIS A 71 5.05 7.62 16.65
N ARG A 72 5.87 7.84 15.62
CA ARG A 72 6.83 8.95 15.63
C ARG A 72 6.13 10.25 15.25
N LYS A 73 5.68 10.34 14.01
CA LYS A 73 5.01 11.54 13.52
C LYS A 73 4.07 12.10 14.59
N PHE A 74 3.16 11.26 15.07
CA PHE A 74 2.20 11.68 16.08
C PHE A 74 2.88 11.85 17.44
N ALA A 75 3.79 10.93 17.75
CA ALA A 75 4.53 10.99 19.01
C ALA A 75 6.03 11.06 18.77
N SER A 76 6.54 12.29 18.67
CA SER A 76 7.97 12.50 18.44
C SER A 76 8.80 11.68 19.41
N GLY A 77 8.46 11.78 20.70
CA GLY A 77 9.20 11.04 21.72
C GLY A 77 10.36 11.84 22.29
N PRO A 78 10.81 11.44 23.48
CA PRO A 78 11.93 12.11 24.15
C PRO A 78 13.26 11.87 23.45
N SER A 79 13.65 12.81 22.61
CA SER A 79 14.91 12.71 21.86
C SER A 79 16.10 12.96 22.78
N SER A 80 17.20 12.27 22.50
CA SER A 80 18.41 12.41 23.30
C SER A 80 19.60 11.74 22.62
N GLY A 81 20.79 12.32 22.81
CA GLY A 81 21.98 11.76 22.20
C GLY A 81 23.01 12.83 21.88
ZN ZN B . -0.22 -3.10 -7.19
ZN ZN C . 7.05 4.52 7.69
N GLY A 1 15.69 8.00 -26.70
CA GLY A 1 14.43 7.31 -26.52
C GLY A 1 13.65 7.82 -25.32
N SER A 2 12.67 7.03 -24.88
CA SER A 2 11.84 7.42 -23.73
C SER A 2 10.94 6.26 -23.31
N SER A 3 10.21 6.46 -22.22
CA SER A 3 9.31 5.44 -21.70
C SER A 3 7.88 5.67 -22.22
N GLY A 4 7.07 4.62 -22.18
CA GLY A 4 5.70 4.72 -22.64
C GLY A 4 4.95 3.41 -22.55
N SER A 5 3.63 3.49 -22.42
CA SER A 5 2.80 2.30 -22.32
C SER A 5 1.80 2.21 -23.47
N SER A 6 1.80 1.09 -24.18
CA SER A 6 0.91 0.88 -25.30
C SER A 6 0.74 -0.59 -25.61
N GLY A 7 -0.46 -1.12 -25.36
CA GLY A 7 -0.72 -2.52 -25.62
C GLY A 7 -2.18 -2.88 -25.45
N GLU A 8 -2.51 -4.14 -25.71
CA GLU A 8 -3.89 -4.61 -25.58
C GLU A 8 -4.14 -5.19 -24.20
N GLY A 9 -3.65 -4.51 -23.17
CA GLY A 9 -3.83 -4.97 -21.81
C GLY A 9 -5.25 -4.80 -21.32
N CYS A 10 -6.09 -5.81 -21.53
CA CYS A 10 -7.47 -5.77 -21.12
C CYS A 10 -7.97 -7.16 -20.74
N TYR A 11 -8.55 -7.27 -19.54
CA TYR A 11 -9.06 -8.55 -19.06
C TYR A 11 -10.03 -8.33 -17.89
N VAL A 12 -10.83 -9.36 -17.61
CA VAL A 12 -11.80 -9.29 -16.52
C VAL A 12 -12.19 -10.68 -16.04
N ALA A 13 -12.13 -10.90 -14.74
CA ALA A 13 -12.48 -12.19 -14.15
C ALA A 13 -12.56 -12.10 -12.63
N THR A 14 -12.78 -13.25 -11.99
CA THR A 14 -12.86 -13.29 -10.54
C THR A 14 -11.50 -13.13 -9.89
N LEU A 15 -10.99 -11.89 -9.91
CA LEU A 15 -9.68 -11.59 -9.33
C LEU A 15 -9.68 -10.21 -8.70
N GLU A 16 -9.04 -10.09 -7.54
CA GLU A 16 -8.96 -8.81 -6.83
C GLU A 16 -7.97 -7.88 -7.51
N LYS A 17 -8.30 -6.59 -7.52
CA LYS A 17 -7.44 -5.58 -8.15
C LYS A 17 -6.71 -4.76 -7.10
N CYS A 18 -5.41 -4.62 -7.27
CA CYS A 18 -4.59 -3.85 -6.33
C CYS A 18 -5.13 -2.44 -6.17
N ALA A 19 -5.44 -2.07 -4.92
CA ALA A 19 -5.97 -0.75 -4.64
C ALA A 19 -4.84 0.28 -4.54
N THR A 20 -3.66 -0.08 -5.05
CA THR A 20 -2.52 0.80 -5.01
C THR A 20 -2.15 1.28 -6.41
N CYS A 21 -1.86 0.33 -7.30
CA CYS A 21 -1.49 0.65 -8.68
C CYS A 21 -2.68 0.43 -9.61
N SER A 22 -3.74 -0.16 -9.09
CA SER A 22 -4.93 -0.43 -9.89
C SER A 22 -4.66 -1.48 -10.94
N GLN A 23 -4.08 -2.60 -10.52
CA GLN A 23 -3.77 -3.70 -11.43
C GLN A 23 -4.28 -5.02 -10.90
N PRO A 24 -4.66 -5.92 -11.81
CA PRO A 24 -5.18 -7.25 -11.45
C PRO A 24 -4.09 -8.15 -10.88
N ILE A 25 -4.35 -8.68 -9.68
CA ILE A 25 -3.39 -9.57 -9.02
C ILE A 25 -3.51 -11.00 -9.56
N LEU A 26 -2.36 -11.57 -9.92
CA LEU A 26 -2.33 -12.93 -10.45
C LEU A 26 -1.30 -13.77 -9.71
N ASP A 27 -0.16 -13.18 -9.41
CA ASP A 27 0.91 -13.88 -8.70
C ASP A 27 0.47 -14.22 -7.28
N ARG A 28 0.24 -13.19 -6.47
CA ARG A 28 -0.18 -13.38 -5.08
C ARG A 28 -1.08 -12.24 -4.63
N ILE A 29 -2.12 -12.59 -3.87
CA ILE A 29 -3.06 -11.60 -3.37
C ILE A 29 -2.87 -11.38 -1.88
N LEU A 30 -2.43 -10.18 -1.51
CA LEU A 30 -2.21 -9.83 -0.12
C LEU A 30 -3.38 -9.03 0.44
N ARG A 31 -4.16 -9.65 1.31
CA ARG A 31 -5.32 -9.00 1.92
C ARG A 31 -4.89 -8.09 3.06
N ALA A 32 -5.28 -6.82 2.98
CA ALA A 32 -4.94 -5.85 4.01
C ALA A 32 -5.99 -4.74 4.08
N MET A 33 -6.43 -4.43 5.30
CA MET A 33 -7.43 -3.39 5.51
C MET A 33 -8.74 -3.74 4.81
N GLY A 34 -9.00 -5.04 4.68
CA GLY A 34 -10.23 -5.48 4.04
C GLY A 34 -10.09 -5.55 2.53
N LYS A 35 -9.30 -4.64 1.96
CA LYS A 35 -9.09 -4.61 0.52
C LYS A 35 -7.95 -5.53 0.12
N ALA A 36 -7.74 -5.68 -1.19
CA ALA A 36 -6.67 -6.52 -1.70
C ALA A 36 -5.56 -5.69 -2.32
N TYR A 37 -4.32 -5.99 -1.95
CA TYR A 37 -3.17 -5.27 -2.48
C TYR A 37 -2.03 -6.22 -2.83
N HIS A 38 -1.10 -5.75 -3.66
CA HIS A 38 0.03 -6.57 -4.07
C HIS A 38 1.01 -6.78 -2.92
N PRO A 39 1.71 -7.92 -2.94
CA PRO A 39 2.69 -8.27 -1.89
C PRO A 39 3.92 -7.38 -1.94
N GLY A 40 3.91 -6.40 -2.84
CA GLY A 40 5.05 -5.50 -2.97
C GLY A 40 4.63 -4.04 -2.95
N CYS A 41 3.39 -3.77 -3.36
CA CYS A 41 2.88 -2.41 -3.39
C CYS A 41 2.65 -1.88 -1.97
N PHE A 42 2.03 -2.71 -1.13
CA PHE A 42 1.76 -2.33 0.25
C PHE A 42 3.01 -1.80 0.93
N THR A 43 3.14 -0.47 0.98
CA THR A 43 4.29 0.17 1.60
C THR A 43 3.88 1.43 2.34
N CYS A 44 4.74 1.86 3.28
CA CYS A 44 4.47 3.06 4.05
C CYS A 44 4.33 4.28 3.15
N VAL A 45 3.70 5.33 3.68
CA VAL A 45 3.50 6.56 2.91
C VAL A 45 4.64 7.55 3.16
N VAL A 46 5.43 7.29 4.20
CA VAL A 46 6.56 8.15 4.54
C VAL A 46 7.88 7.52 4.14
N CYS A 47 8.31 6.53 4.92
CA CYS A 47 9.57 5.84 4.64
C CYS A 47 9.44 4.94 3.41
N HIS A 48 8.20 4.64 3.02
CA HIS A 48 7.94 3.80 1.86
C HIS A 48 8.61 2.43 2.01
N ARG A 49 8.36 1.78 3.14
CA ARG A 49 8.93 0.47 3.42
C ARG A 49 7.89 -0.64 3.22
N GLY A 50 8.35 -1.80 2.78
CA GLY A 50 7.45 -2.91 2.56
C GLY A 50 6.78 -3.38 3.84
N LEU A 51 5.48 -3.12 3.95
CA LEU A 51 4.73 -3.51 5.14
C LEU A 51 3.99 -4.82 4.90
N ASP A 52 4.68 -5.78 4.26
CA ASP A 52 4.09 -7.08 3.97
C ASP A 52 4.50 -8.11 5.03
N GLY A 53 4.00 -7.95 6.24
CA GLY A 53 4.32 -8.87 7.31
C GLY A 53 4.68 -8.16 8.60
N ILE A 54 4.44 -6.85 8.64
CA ILE A 54 4.74 -6.06 9.82
C ILE A 54 3.52 -5.25 10.27
N PRO A 55 3.53 -4.81 11.53
CA PRO A 55 2.43 -4.02 12.11
C PRO A 55 2.35 -2.62 11.52
N PHE A 56 1.15 -2.07 11.47
CA PHE A 56 0.93 -0.74 10.93
C PHE A 56 -0.41 -0.17 11.38
N THR A 57 -0.70 1.06 10.97
CA THR A 57 -1.95 1.72 11.34
C THR A 57 -2.28 2.84 10.37
N VAL A 58 -3.55 2.91 9.96
CA VAL A 58 -4.00 3.94 9.03
C VAL A 58 -4.53 5.16 9.78
N ASP A 59 -4.63 6.27 9.07
CA ASP A 59 -5.12 7.51 9.67
C ASP A 59 -6.36 8.01 8.93
N ALA A 60 -6.94 9.10 9.45
CA ALA A 60 -8.14 9.68 8.85
C ALA A 60 -8.07 9.64 7.32
N THR A 61 -6.89 9.96 6.79
CA THR A 61 -6.69 9.97 5.35
C THR A 61 -6.26 8.59 4.85
N SER A 62 -6.75 7.55 5.50
CA SER A 62 -6.41 6.18 5.12
C SER A 62 -4.93 6.07 4.74
N GLN A 63 -4.08 6.75 5.51
CA GLN A 63 -2.64 6.72 5.25
C GLN A 63 -1.96 5.64 6.08
N ILE A 64 -1.73 4.50 5.45
CA ILE A 64 -1.08 3.37 6.12
C ILE A 64 0.32 3.75 6.60
N HIS A 65 0.41 4.18 7.86
CA HIS A 65 1.70 4.59 8.43
C HIS A 65 2.28 3.46 9.28
N CYS A 66 3.56 3.15 9.04
CA CYS A 66 4.23 2.09 9.78
C CYS A 66 4.47 2.50 11.22
N ILE A 67 4.24 1.58 12.14
CA ILE A 67 4.42 1.84 13.57
C ILE A 67 5.58 2.80 13.80
N GLU A 68 6.74 2.48 13.23
CA GLU A 68 7.92 3.32 13.37
C GLU A 68 7.56 4.79 13.20
N ASP A 69 7.07 5.14 12.01
CA ASP A 69 6.69 6.52 11.72
C ASP A 69 5.50 6.95 12.57
N PHE A 70 4.37 6.25 12.39
CA PHE A 70 3.16 6.56 13.14
C PHE A 70 3.50 7.00 14.56
N HIS A 71 4.35 6.23 15.23
CA HIS A 71 4.75 6.55 16.59
C HIS A 71 5.42 7.91 16.67
N ARG A 72 6.36 8.16 15.76
CA ARG A 72 7.08 9.42 15.73
C ARG A 72 6.17 10.56 15.26
N LYS A 73 5.67 10.43 14.03
CA LYS A 73 4.79 11.44 13.46
C LYS A 73 3.78 11.92 14.49
N PHE A 74 3.23 10.99 15.26
CA PHE A 74 2.26 11.33 16.29
C PHE A 74 2.94 11.86 17.54
N ALA A 75 4.06 11.24 17.91
CA ALA A 75 4.81 11.65 19.09
C ALA A 75 6.23 12.07 18.71
N SER A 76 6.59 13.30 19.05
CA SER A 76 7.92 13.82 18.75
C SER A 76 8.11 13.97 17.24
N GLY A 77 7.08 14.47 16.56
CA GLY A 77 7.15 14.65 15.13
C GLY A 77 7.18 16.10 14.72
N PRO A 78 6.11 16.55 14.04
CA PRO A 78 5.99 17.94 13.58
C PRO A 78 5.78 18.91 14.75
N SER A 79 5.31 18.40 15.87
CA SER A 79 5.06 19.22 17.04
C SER A 79 5.39 18.46 18.33
N SER A 80 5.53 19.18 19.42
CA SER A 80 5.83 18.57 20.72
C SER A 80 4.56 18.24 21.47
N GLY A 81 3.71 19.24 21.67
CA GLY A 81 2.45 19.03 22.38
C GLY A 81 1.68 17.85 21.84
ZN ZN B . -0.04 -3.07 -7.06
ZN ZN C . 7.12 4.53 7.62
N GLY A 1 11.00 10.37 -29.99
CA GLY A 1 9.95 10.51 -28.99
C GLY A 1 9.47 9.19 -28.46
N SER A 2 9.14 9.14 -27.18
CA SER A 2 8.66 7.92 -26.55
C SER A 2 7.26 7.59 -27.02
N SER A 3 7.05 6.33 -27.39
CA SER A 3 5.74 5.88 -27.87
C SER A 3 4.91 5.32 -26.72
N GLY A 4 3.68 4.92 -27.02
CA GLY A 4 2.80 4.38 -26.00
C GLY A 4 2.33 2.97 -26.33
N SER A 5 1.59 2.37 -25.40
CA SER A 5 1.09 1.02 -25.59
C SER A 5 -0.33 0.88 -25.04
N SER A 6 -1.15 0.09 -25.72
CA SER A 6 -2.53 -0.12 -25.31
C SER A 6 -2.59 -0.78 -23.93
N GLY A 7 -3.71 -0.59 -23.25
CA GLY A 7 -3.88 -1.17 -21.92
C GLY A 7 -5.33 -1.36 -21.55
N GLU A 8 -6.10 -1.94 -22.45
CA GLU A 8 -7.53 -2.18 -22.22
C GLU A 8 -7.72 -3.28 -21.18
N GLY A 9 -8.88 -3.26 -20.52
CA GLY A 9 -9.17 -4.26 -19.51
C GLY A 9 -10.20 -5.28 -19.99
N CYS A 10 -9.83 -6.04 -21.00
CA CYS A 10 -10.73 -7.05 -21.55
C CYS A 10 -10.79 -8.28 -20.64
N TYR A 11 -9.64 -8.94 -20.47
CA TYR A 11 -9.57 -10.13 -19.63
C TYR A 11 -10.24 -9.88 -18.28
N VAL A 12 -11.19 -10.74 -17.94
CA VAL A 12 -11.91 -10.61 -16.67
C VAL A 12 -12.15 -11.99 -16.04
N ALA A 13 -12.02 -12.05 -14.72
CA ALA A 13 -12.22 -13.30 -14.00
C ALA A 13 -12.21 -13.07 -12.49
N THR A 14 -12.33 -14.15 -11.73
CA THR A 14 -12.34 -14.07 -10.27
C THR A 14 -10.97 -13.67 -9.74
N LEU A 15 -10.65 -12.38 -9.82
CA LEU A 15 -9.36 -11.89 -9.35
C LEU A 15 -9.49 -10.46 -8.82
N GLU A 16 -8.95 -10.22 -7.63
CA GLU A 16 -9.01 -8.89 -7.02
C GLU A 16 -8.04 -7.95 -7.70
N LYS A 17 -8.40 -6.67 -7.74
CA LYS A 17 -7.55 -5.65 -8.36
C LYS A 17 -6.83 -4.82 -7.30
N CYS A 18 -5.52 -4.70 -7.45
CA CYS A 18 -4.71 -3.93 -6.50
C CYS A 18 -5.28 -2.52 -6.33
N ALA A 19 -5.41 -2.10 -5.08
CA ALA A 19 -5.92 -0.77 -4.78
C ALA A 19 -4.80 0.23 -4.62
N THR A 20 -3.66 -0.05 -5.23
CA THR A 20 -2.49 0.82 -5.15
C THR A 20 -2.04 1.26 -6.54
N CYS A 21 -2.01 0.31 -7.48
CA CYS A 21 -1.60 0.61 -8.85
C CYS A 21 -2.77 0.39 -9.82
N SER A 22 -3.84 -0.22 -9.33
CA SER A 22 -5.01 -0.49 -10.15
C SER A 22 -4.71 -1.56 -11.20
N GLN A 23 -4.16 -2.68 -10.74
CA GLN A 23 -3.81 -3.80 -11.63
C GLN A 23 -4.37 -5.10 -11.09
N PRO A 24 -4.75 -6.00 -12.01
CA PRO A 24 -5.30 -7.32 -11.66
C PRO A 24 -4.26 -8.24 -11.06
N ILE A 25 -4.50 -8.68 -9.83
CA ILE A 25 -3.57 -9.58 -9.14
C ILE A 25 -3.66 -11.00 -9.69
N LEU A 26 -2.50 -11.59 -9.97
CA LEU A 26 -2.45 -12.95 -10.50
C LEU A 26 -1.47 -13.80 -9.72
N ASP A 27 -0.31 -13.22 -9.41
CA ASP A 27 0.73 -13.93 -8.67
C ASP A 27 0.26 -14.23 -7.24
N ARG A 28 0.12 -13.20 -6.43
CA ARG A 28 -0.32 -13.36 -5.05
C ARG A 28 -1.25 -12.22 -4.64
N ILE A 29 -2.26 -12.54 -3.83
CA ILE A 29 -3.21 -11.54 -3.37
C ILE A 29 -3.04 -11.27 -1.88
N LEU A 30 -2.63 -10.05 -1.56
CA LEU A 30 -2.42 -9.66 -0.16
C LEU A 30 -3.60 -8.84 0.35
N ARG A 31 -4.27 -9.37 1.37
CA ARG A 31 -5.42 -8.68 1.96
C ARG A 31 -4.97 -7.66 3.00
N ALA A 32 -5.42 -6.41 2.83
CA ALA A 32 -5.06 -5.36 3.77
C ALA A 32 -6.14 -4.27 3.80
N MET A 33 -6.62 -3.95 4.99
CA MET A 33 -7.65 -2.93 5.15
C MET A 33 -8.95 -3.36 4.49
N GLY A 34 -9.15 -4.67 4.39
CA GLY A 34 -10.36 -5.19 3.76
C GLY A 34 -10.22 -5.34 2.26
N LYS A 35 -9.46 -4.44 1.65
CA LYS A 35 -9.25 -4.47 0.20
C LYS A 35 -8.10 -5.40 -0.15
N ALA A 36 -7.89 -5.59 -1.45
CA ALA A 36 -6.81 -6.46 -1.93
C ALA A 36 -5.69 -5.64 -2.57
N TYR A 37 -4.46 -5.93 -2.17
CA TYR A 37 -3.30 -5.21 -2.70
C TYR A 37 -2.17 -6.18 -3.02
N HIS A 38 -1.21 -5.73 -3.82
CA HIS A 38 -0.07 -6.55 -4.21
C HIS A 38 0.89 -6.72 -3.03
N PRO A 39 1.59 -7.86 -3.01
CA PRO A 39 2.55 -8.18 -1.94
C PRO A 39 3.79 -7.30 -2.01
N GLY A 40 3.80 -6.36 -2.94
CA GLY A 40 4.93 -5.47 -3.09
C GLY A 40 4.52 -4.01 -3.10
N CYS A 41 3.28 -3.74 -3.49
CA CYS A 41 2.76 -2.38 -3.55
C CYS A 41 2.56 -1.81 -2.14
N PHE A 42 2.02 -2.65 -1.26
CA PHE A 42 1.77 -2.22 0.12
C PHE A 42 3.05 -1.72 0.78
N THR A 43 3.11 -0.41 1.03
CA THR A 43 4.27 0.20 1.66
C THR A 43 3.89 1.49 2.38
N CYS A 44 4.67 1.83 3.39
CA CYS A 44 4.42 3.04 4.17
C CYS A 44 4.25 4.25 3.25
N VAL A 45 3.71 5.34 3.80
CA VAL A 45 3.50 6.55 3.04
C VAL A 45 4.62 7.56 3.28
N VAL A 46 5.31 7.41 4.41
CA VAL A 46 6.41 8.30 4.76
C VAL A 46 7.75 7.74 4.28
N CYS A 47 8.21 6.70 4.96
CA CYS A 47 9.48 6.06 4.62
C CYS A 47 9.32 5.20 3.37
N HIS A 48 8.10 4.76 3.10
CA HIS A 48 7.82 3.93 1.93
C HIS A 48 8.49 2.56 2.07
N ARG A 49 8.41 1.99 3.27
CA ARG A 49 9.00 0.69 3.54
C ARG A 49 7.96 -0.42 3.40
N GLY A 50 8.42 -1.61 3.03
CA GLY A 50 7.51 -2.74 2.87
C GLY A 50 6.75 -3.05 4.14
N LEU A 51 5.42 -3.11 4.02
CA LEU A 51 4.56 -3.40 5.17
C LEU A 51 3.74 -4.66 4.92
N ASP A 52 4.39 -5.68 4.37
CA ASP A 52 3.72 -6.95 4.09
C ASP A 52 4.08 -8.01 5.13
N GLY A 53 4.83 -7.58 6.16
CA GLY A 53 5.23 -8.50 7.20
C GLY A 53 5.35 -7.83 8.55
N ILE A 54 4.88 -6.59 8.64
CA ILE A 54 4.94 -5.84 9.89
C ILE A 54 3.61 -5.17 10.19
N PRO A 55 3.41 -4.77 11.46
CA PRO A 55 2.18 -4.12 11.90
C PRO A 55 2.03 -2.71 11.33
N PHE A 56 0.80 -2.20 11.32
CA PHE A 56 0.53 -0.87 10.80
C PHE A 56 -0.83 -0.37 11.28
N THR A 57 -1.11 0.90 11.02
CA THR A 57 -2.37 1.51 11.43
C THR A 57 -2.61 2.82 10.70
N VAL A 58 -3.86 3.06 10.31
CA VAL A 58 -4.21 4.28 9.60
C VAL A 58 -4.84 5.30 10.55
N ASP A 59 -5.19 6.47 10.02
CA ASP A 59 -5.80 7.52 10.82
C ASP A 59 -7.10 8.01 10.17
N ALA A 60 -6.97 8.79 9.11
CA ALA A 60 -8.12 9.32 8.40
C ALA A 60 -7.98 9.15 6.89
N THR A 61 -6.85 9.59 6.35
CA THR A 61 -6.60 9.49 4.92
C THR A 61 -5.98 8.14 4.57
N SER A 62 -6.40 7.11 5.31
CA SER A 62 -5.88 5.76 5.08
C SER A 62 -4.39 5.79 4.77
N GLN A 63 -3.67 6.72 5.38
CA GLN A 63 -2.25 6.86 5.17
C GLN A 63 -1.47 5.86 6.03
N ILE A 64 -1.57 4.59 5.66
CA ILE A 64 -0.88 3.53 6.40
C ILE A 64 0.51 3.98 6.84
N HIS A 65 0.62 4.36 8.11
CA HIS A 65 1.90 4.81 8.66
C HIS A 65 2.52 3.75 9.54
N CYS A 66 3.60 3.13 9.05
CA CYS A 66 4.29 2.08 9.81
C CYS A 66 4.47 2.49 11.26
N ILE A 67 4.16 1.57 12.18
CA ILE A 67 4.29 1.84 13.60
C ILE A 67 5.48 2.75 13.88
N GLU A 68 6.65 2.36 13.40
CA GLU A 68 7.86 3.15 13.60
C GLU A 68 7.60 4.63 13.38
N ASP A 69 7.03 4.96 12.23
CA ASP A 69 6.72 6.34 11.89
C ASP A 69 5.55 6.86 12.73
N PHE A 70 4.38 6.26 12.54
CA PHE A 70 3.19 6.66 13.28
C PHE A 70 3.55 7.04 14.72
N HIS A 71 4.46 6.27 15.31
CA HIS A 71 4.88 6.52 16.68
C HIS A 71 5.67 7.82 16.78
N ARG A 72 6.83 7.86 16.12
CA ARG A 72 7.68 9.04 16.13
C ARG A 72 6.92 10.26 15.63
N LYS A 73 6.43 10.20 14.39
CA LYS A 73 5.69 11.30 13.80
C LYS A 73 4.77 11.95 14.82
N PHE A 74 3.90 11.14 15.42
CA PHE A 74 2.96 11.64 16.43
C PHE A 74 3.70 12.07 17.69
N ALA A 75 4.74 11.33 18.04
CA ALA A 75 5.54 11.64 19.23
C ALA A 75 6.10 13.05 19.16
N SER A 76 6.71 13.49 20.26
CA SER A 76 7.28 14.83 20.32
C SER A 76 8.29 15.04 19.19
N GLY A 77 7.93 15.87 18.23
CA GLY A 77 8.81 16.15 17.10
C GLY A 77 8.65 17.55 16.58
N PRO A 78 8.29 17.67 15.29
CA PRO A 78 8.11 18.97 14.64
C PRO A 78 6.88 19.71 15.15
N SER A 79 6.93 21.04 15.11
CA SER A 79 5.82 21.86 15.57
C SER A 79 4.68 21.87 14.55
N SER A 80 5.00 22.24 13.33
CA SER A 80 4.00 22.29 12.25
C SER A 80 3.10 21.06 12.29
N GLY A 81 1.88 21.21 11.80
CA GLY A 81 0.94 20.11 11.79
C GLY A 81 0.66 19.60 10.38
ZN ZN B . -0.17 -3.15 -7.19
ZN ZN C . 7.13 4.59 7.65
N GLY A 1 15.30 0.27 -28.40
CA GLY A 1 16.38 0.70 -27.52
C GLY A 1 15.86 1.27 -26.21
N SER A 2 15.39 2.52 -26.25
CA SER A 2 14.88 3.18 -25.06
C SER A 2 13.62 2.49 -24.56
N SER A 3 13.23 2.80 -23.32
CA SER A 3 12.04 2.22 -22.73
C SER A 3 10.80 2.54 -23.55
N GLY A 4 9.89 1.57 -23.64
CA GLY A 4 8.67 1.78 -24.40
C GLY A 4 7.71 0.61 -24.28
N SER A 5 6.73 0.74 -23.39
CA SER A 5 5.74 -0.31 -23.17
C SER A 5 4.47 -0.04 -23.98
N SER A 6 3.75 -1.12 -24.30
CA SER A 6 2.51 -1.00 -25.07
C SER A 6 1.31 -0.92 -24.15
N GLY A 7 0.15 -0.61 -24.73
CA GLY A 7 -1.07 -0.51 -23.94
C GLY A 7 -2.05 -1.62 -24.26
N GLU A 8 -3.31 -1.24 -24.53
CA GLU A 8 -4.34 -2.21 -24.84
C GLU A 8 -4.25 -3.42 -23.93
N GLY A 9 -4.03 -3.17 -22.64
CA GLY A 9 -3.94 -4.25 -21.67
C GLY A 9 -4.90 -4.10 -20.53
N CYS A 10 -5.91 -4.96 -20.48
CA CYS A 10 -6.91 -4.91 -19.42
C CYS A 10 -7.58 -6.27 -19.24
N TYR A 11 -7.85 -6.64 -17.99
CA TYR A 11 -8.48 -7.91 -17.69
C TYR A 11 -9.56 -7.74 -16.62
N VAL A 12 -10.43 -8.74 -16.51
CA VAL A 12 -11.51 -8.70 -15.53
C VAL A 12 -11.94 -10.11 -15.13
N ALA A 13 -11.97 -10.38 -13.84
CA ALA A 13 -12.36 -11.68 -13.32
C ALA A 13 -12.46 -11.67 -11.81
N THR A 14 -12.90 -12.79 -11.23
CA THR A 14 -13.04 -12.91 -9.79
C THR A 14 -11.78 -12.44 -9.08
N LEU A 15 -10.67 -12.38 -9.81
CA LEU A 15 -9.40 -11.93 -9.24
C LEU A 15 -9.52 -10.53 -8.66
N GLU A 16 -8.87 -10.32 -7.52
CA GLU A 16 -8.90 -9.02 -6.85
C GLU A 16 -7.89 -8.06 -7.48
N LYS A 17 -8.31 -6.82 -7.70
CA LYS A 17 -7.46 -5.82 -8.29
C LYS A 17 -6.73 -5.02 -7.21
N CYS A 18 -5.44 -4.76 -7.44
CA CYS A 18 -4.63 -4.01 -6.48
C CYS A 18 -5.18 -2.59 -6.32
N ALA A 19 -5.34 -2.16 -5.06
CA ALA A 19 -5.85 -0.83 -4.78
C ALA A 19 -4.70 0.18 -4.64
N THR A 20 -3.59 -0.12 -5.30
CA THR A 20 -2.42 0.76 -5.25
C THR A 20 -2.01 1.20 -6.65
N CYS A 21 -1.91 0.23 -7.56
CA CYS A 21 -1.52 0.53 -8.94
C CYS A 21 -2.70 0.29 -9.90
N SER A 22 -3.77 -0.28 -9.36
CA SER A 22 -4.96 -0.57 -10.17
C SER A 22 -4.66 -1.65 -11.21
N GLN A 23 -4.08 -2.76 -10.75
CA GLN A 23 -3.75 -3.86 -11.64
C GLN A 23 -4.27 -5.19 -11.08
N PRO A 24 -4.65 -6.10 -11.98
CA PRO A 24 -5.18 -7.41 -11.60
C PRO A 24 -4.10 -8.32 -11.00
N ILE A 25 -4.33 -8.77 -9.78
CA ILE A 25 -3.38 -9.64 -9.09
C ILE A 25 -3.45 -11.06 -9.65
N LEU A 26 -2.27 -11.64 -9.90
CA LEU A 26 -2.20 -13.00 -10.43
C LEU A 26 -1.17 -13.83 -9.64
N ASP A 27 -0.02 -13.23 -9.38
CA ASP A 27 1.04 -13.92 -8.64
C ASP A 27 0.58 -14.26 -7.24
N ARG A 28 0.29 -13.23 -6.44
CA ARG A 28 -0.16 -13.42 -5.07
C ARG A 28 -1.08 -12.29 -4.63
N ILE A 29 -2.12 -12.65 -3.87
CA ILE A 29 -3.07 -11.66 -3.38
C ILE A 29 -2.88 -11.39 -1.90
N LEU A 30 -2.48 -10.16 -1.57
CA LEU A 30 -2.26 -9.77 -0.18
C LEU A 30 -3.45 -8.98 0.35
N ARG A 31 -4.19 -9.59 1.28
CA ARG A 31 -5.36 -8.93 1.87
C ARG A 31 -4.93 -7.95 2.96
N ALA A 32 -5.33 -6.69 2.80
CA ALA A 32 -4.98 -5.65 3.77
C ALA A 32 -6.04 -4.55 3.77
N MET A 33 -6.53 -4.21 4.95
CA MET A 33 -7.52 -3.15 5.09
C MET A 33 -8.83 -3.56 4.42
N GLY A 34 -9.12 -4.86 4.43
CA GLY A 34 -10.34 -5.35 3.82
C GLY A 34 -10.20 -5.54 2.31
N LYS A 35 -9.46 -4.65 1.67
CA LYS A 35 -9.24 -4.73 0.24
C LYS A 35 -8.06 -5.64 -0.10
N ALA A 36 -7.79 -5.80 -1.39
CA ALA A 36 -6.68 -6.64 -1.83
C ALA A 36 -5.61 -5.81 -2.52
N TYR A 37 -4.35 -6.05 -2.16
CA TYR A 37 -3.24 -5.32 -2.74
C TYR A 37 -2.07 -6.26 -3.06
N HIS A 38 -1.13 -5.78 -3.87
CA HIS A 38 0.03 -6.58 -4.24
C HIS A 38 0.98 -6.74 -3.07
N PRO A 39 1.69 -7.88 -3.03
CA PRO A 39 2.66 -8.18 -1.96
C PRO A 39 3.89 -7.29 -2.02
N GLY A 40 3.89 -6.35 -2.96
CA GLY A 40 5.01 -5.44 -3.11
C GLY A 40 4.59 -3.99 -3.14
N CYS A 41 3.34 -3.75 -3.52
CA CYS A 41 2.81 -2.39 -3.59
C CYS A 41 2.59 -1.81 -2.19
N PHE A 42 2.04 -2.63 -1.30
CA PHE A 42 1.78 -2.20 0.07
C PHE A 42 3.04 -1.66 0.71
N THR A 43 3.08 -0.34 0.92
CA THR A 43 4.23 0.31 1.53
C THR A 43 3.82 1.55 2.31
N CYS A 44 4.69 2.01 3.19
CA CYS A 44 4.42 3.20 4.00
C CYS A 44 4.28 4.44 3.13
N VAL A 45 3.72 5.50 3.69
CA VAL A 45 3.54 6.75 2.96
C VAL A 45 4.68 7.72 3.25
N VAL A 46 5.38 7.49 4.36
CA VAL A 46 6.50 8.36 4.74
C VAL A 46 7.82 7.76 4.30
N CYS A 47 8.25 6.70 4.99
CA CYS A 47 9.50 6.04 4.67
C CYS A 47 9.37 5.19 3.41
N HIS A 48 8.14 4.83 3.07
CA HIS A 48 7.87 4.03 1.88
C HIS A 48 8.51 2.65 2.01
N ARG A 49 8.23 1.97 3.11
CA ARG A 49 8.78 0.65 3.36
C ARG A 49 7.70 -0.42 3.20
N GLY A 50 8.11 -1.63 2.80
CA GLY A 50 7.17 -2.72 2.62
C GLY A 50 6.60 -3.22 3.93
N LEU A 51 5.29 -3.05 4.11
CA LEU A 51 4.62 -3.49 5.33
C LEU A 51 3.91 -4.82 5.11
N ASP A 52 4.56 -5.72 4.37
CA ASP A 52 3.99 -7.03 4.09
C ASP A 52 4.48 -8.06 5.10
N GLY A 53 3.78 -8.17 6.23
CA GLY A 53 4.17 -9.12 7.25
C GLY A 53 4.53 -8.45 8.56
N ILE A 54 4.16 -7.18 8.69
CA ILE A 54 4.44 -6.42 9.90
C ILE A 54 3.23 -5.59 10.33
N PRO A 55 3.21 -5.19 11.61
CA PRO A 55 2.12 -4.38 12.16
C PRO A 55 2.12 -2.96 11.61
N PHE A 56 0.93 -2.39 11.46
CA PHE A 56 0.79 -1.03 10.94
C PHE A 56 -0.55 -0.43 11.36
N THR A 57 -0.72 0.86 11.09
CA THR A 57 -1.95 1.56 11.43
C THR A 57 -2.24 2.69 10.45
N VAL A 58 -3.53 2.90 10.16
CA VAL A 58 -3.94 3.95 9.24
C VAL A 58 -4.59 5.11 9.98
N ASP A 59 -4.88 6.17 9.25
CA ASP A 59 -5.52 7.35 9.84
C ASP A 59 -6.74 7.78 9.02
N ALA A 60 -7.33 8.90 9.40
CA ALA A 60 -8.51 9.42 8.72
C ALA A 60 -8.28 9.45 7.21
N THR A 61 -7.05 9.74 6.80
CA THR A 61 -6.70 9.80 5.39
C THR A 61 -6.18 8.47 4.89
N SER A 62 -6.70 7.38 5.46
CA SER A 62 -6.27 6.04 5.08
C SER A 62 -4.80 6.02 4.71
N GLN A 63 -3.99 6.72 5.50
CA GLN A 63 -2.55 6.78 5.26
C GLN A 63 -1.80 5.78 6.15
N ILE A 64 -1.47 4.63 5.58
CA ILE A 64 -0.77 3.59 6.32
C ILE A 64 0.60 4.08 6.78
N HIS A 65 0.74 4.32 8.08
CA HIS A 65 2.00 4.80 8.64
C HIS A 65 2.63 3.73 9.53
N CYS A 66 3.73 3.14 9.06
CA CYS A 66 4.42 2.10 9.82
C CYS A 66 4.60 2.53 11.28
N ILE A 67 4.32 1.59 12.18
CA ILE A 67 4.45 1.86 13.61
C ILE A 67 5.57 2.85 13.89
N GLU A 68 6.79 2.48 13.47
CA GLU A 68 7.95 3.33 13.68
C GLU A 68 7.61 4.79 13.40
N ASP A 69 7.34 5.11 12.14
CA ASP A 69 7.00 6.46 11.74
C ASP A 69 5.83 7.00 12.56
N PHE A 70 4.67 6.36 12.39
CA PHE A 70 3.47 6.77 13.12
C PHE A 70 3.82 7.27 14.52
N HIS A 71 4.44 6.40 15.31
CA HIS A 71 4.83 6.74 16.67
C HIS A 71 5.63 8.04 16.69
N ARG A 72 6.50 8.21 15.70
CA ARG A 72 7.33 9.41 15.62
C ARG A 72 6.47 10.64 15.32
N LYS A 73 5.82 10.63 14.15
CA LYS A 73 4.97 11.74 13.75
C LYS A 73 3.93 12.05 14.82
N PHE A 74 3.52 11.01 15.56
CA PHE A 74 2.53 11.17 16.61
C PHE A 74 3.20 11.41 17.96
N ALA A 75 4.47 11.81 17.92
CA ALA A 75 5.22 12.08 19.14
C ALA A 75 6.24 13.20 18.93
N SER A 76 6.87 13.62 20.00
CA SER A 76 7.87 14.69 19.94
C SER A 76 9.16 14.29 20.64
N GLY A 77 10.02 13.57 19.92
CA GLY A 77 11.28 13.12 20.50
C GLY A 77 12.43 14.05 20.16
N PRO A 78 13.57 13.46 19.78
CA PRO A 78 14.77 14.23 19.42
C PRO A 78 14.60 14.99 18.10
N SER A 79 14.76 16.30 18.16
CA SER A 79 14.62 17.14 16.97
C SER A 79 15.37 18.46 17.15
N SER A 80 15.54 19.18 16.04
CA SER A 80 16.25 20.46 16.08
C SER A 80 15.50 21.47 16.94
N GLY A 81 14.24 21.72 16.61
CA GLY A 81 13.43 22.66 17.36
C GLY A 81 14.24 23.86 17.82
ZN ZN B . -0.13 -3.15 -7.22
ZN ZN C . 7.14 4.63 7.54
#